data_8TL5
#
_entry.id   8TL5
#
_cell.length_a   1.00
_cell.length_b   1.00
_cell.length_c   1.00
_cell.angle_alpha   90.00
_cell.angle_beta   90.00
_cell.angle_gamma   90.00
#
_symmetry.space_group_name_H-M   'P 1'
#
loop_
_entity.id
_entity.type
_entity.pdbx_description
1 polymer 'BG505 DS-SOSIP Surface protein gp120'
2 polymer 'BG505 DS-SOSIP Transmembrane protein gp41'
3 polymer 'HERH-c.01 FAB HEAVY CHAIN'
4 polymer 'HERH-c.01 FAB LIGHT CHAIN'
5 branched 2-acetamido-2-deoxy-beta-D-glucopyranose-(1-4)-2-acetamido-2-deoxy-beta-D-glucopyranose
6 branched beta-D-mannopyranose-(1-4)-2-acetamido-2-deoxy-beta-D-glucopyranose-(1-4)-2-acetamido-2-deoxy-beta-D-glucopyranose
7 branched alpha-D-mannopyranose-(1-2)-alpha-D-mannopyranose-(1-3)-beta-D-mannopyranose-(1-4)-2-acetamido-2-deoxy-beta-D-glucopyranose-(1-4)-2-acetamido-2-deoxy-beta-D-glucopyranose
8 non-polymer 2-acetamido-2-deoxy-beta-D-glucopyranose
#
loop_
_entity_poly.entity_id
_entity_poly.type
_entity_poly.pdbx_seq_one_letter_code
_entity_poly.pdbx_strand_id
1 'polypeptide(L)'
;AENLWVTVYYGVPVWKDAETTLFCASDAKAYETEKHNVWATHACVPTDPNPQEIHLENVTEEFNMWKNNMVEQMHTDIIS
LWDQSLKPCVKLTPLCVTLQCTNVTNNITDDMRGELKNCSFNMTTELRDKKQKVYSLFYRLDVVQINENQGNRSNNSNKE
YRLINCNTSACTQACPKVSFEPIPIHYCAPAGFAILKCKDKKFNGTGPCPSVSTVQCTHGIKPVVSTQLLLNGSLAEEEV
MIRSENITNNAKNILVQFNTPVQINCTRPNNNTRKSIRIGPGQAFYATGDIIGDIRQAHCNVSKATWNETLGKVVKQLRK
HFGNNTIIRFANSSGGDLEVTTHSFNCGGEFFYCNTSGLFNSTWISNTSVQGSNSTGSNDSITLPCRIKQIINMWQRIGQ
CMYAPPIQGVIRCVSNITGLILTRDGGSTNSTTETFRPGGGDMRDNWRSELYKYKVVKIEPLGVAPTRCKRRVVGRRRRR
R
;
A,C,E
2 'polypeptide(L)'
;AVGIGAVFLGFLGAAGSTMGAASMTLTVQARNLLSGIVQQQSNLLRAPEAQQHLLKLTVWGIKQLQARVLAVERYLRDQQ
LLGIWGCSGKLICCTNVPWNSSWSNRNLSEIWDNMTWLQWDKEISNYTQIIYGLLEESQNQQEKNEQDLLALD
;
B,D,F
3 'polypeptide(L)'
;EVHLAESGGGLVQPGGSLRLSCAASGFMFSASEMHWVRQTPGKGLESVSVIGGSGTSTQYVDSVKGRFTVSRDNAKNALS
LQMDSLRAEDTGVYYCARGGEVRSRGGWKNRVLDSWGQGVQVIVSPASTKGPSVFPLAPSSRSTSESTAALGCLVKDYFP
EPVTVSWNSGSLTSGVHTFPAVLQSSGLYSLSSVVTVPSSSLGTQTYVCNVNHKPSNTKVDKRVEIKTCGGLEVLFQ
;
G,I,K
4 'polypeptide(L)'
;DIQMTQSPSSLSASVGDRVTITCQTSQPVNLWVAWYQQKPGKAPNLLIFGASTLQSGVPSRFSGSGAGTEFILTISNLQP
EDFGTYFCQQHHNFPWTFGQGTKVDVKRTVAAPSVFIFPPSEDQVKSGTVSVVCLLNNFYPREASVKWKVDGALKTGNSQ
ESVTEQDSKDNTYSLSSTLTLSSTEYQSHKVYACEVTHQGLSSPVTKSFNRGEC
;
H,J,L
#
# COMPACT_ATOMS: atom_id res chain seq x y z
N ALA A 1 -7.91 -49.46 6.26
CA ALA A 1 -9.22 -49.48 6.90
C ALA A 1 -9.72 -48.06 7.16
N GLU A 2 -8.84 -47.22 7.69
CA GLU A 2 -9.23 -45.84 7.96
C GLU A 2 -9.56 -45.09 6.68
N ASN A 3 -8.77 -45.32 5.63
CA ASN A 3 -8.92 -44.68 4.32
C ASN A 3 -9.22 -43.18 4.45
N LEU A 4 -8.39 -42.51 5.25
CA LEU A 4 -8.55 -41.09 5.51
C LEU A 4 -7.64 -40.29 4.59
N TRP A 5 -8.17 -39.17 4.08
CA TRP A 5 -7.50 -38.34 3.10
C TRP A 5 -7.47 -36.91 3.62
N VAL A 6 -6.44 -36.15 3.24
CA VAL A 6 -6.27 -34.81 3.78
C VAL A 6 -7.32 -33.87 3.21
N THR A 7 -7.80 -32.95 4.05
CA THR A 7 -8.80 -31.97 3.68
C THR A 7 -8.39 -30.61 4.21
N VAL A 8 -8.59 -29.58 3.40
CA VAL A 8 -8.20 -28.21 3.71
C VAL A 8 -9.45 -27.43 4.08
N TYR A 9 -9.39 -26.72 5.20
CA TYR A 9 -10.49 -25.89 5.69
C TYR A 9 -10.02 -24.46 5.82
N TYR A 10 -10.83 -23.52 5.31
CA TYR A 10 -10.54 -22.10 5.36
C TYR A 10 -11.54 -21.43 6.27
N GLY A 11 -11.04 -20.62 7.20
CA GLY A 11 -11.88 -19.98 8.21
C GLY A 11 -11.93 -20.68 9.54
N VAL A 12 -10.99 -21.58 9.82
CA VAL A 12 -11.00 -22.32 11.09
C VAL A 12 -10.77 -21.35 12.24
N PRO A 13 -11.49 -21.48 13.37
CA PRO A 13 -11.26 -20.53 14.50
C PRO A 13 -10.05 -20.89 15.35
N VAL A 14 -8.87 -20.47 14.89
CA VAL A 14 -7.62 -20.64 15.63
C VAL A 14 -6.88 -19.31 15.62
N TRP A 15 -6.31 -18.95 16.77
CA TRP A 15 -5.58 -17.71 16.93
C TRP A 15 -4.24 -17.97 17.62
N LYS A 16 -3.30 -17.05 17.39
CA LYS A 16 -1.98 -17.12 17.97
C LYS A 16 -1.57 -15.74 18.48
N ASP A 17 -0.72 -15.73 19.50
CA ASP A 17 -0.21 -14.47 20.04
C ASP A 17 0.64 -13.75 19.01
N ALA A 18 0.46 -12.44 18.91
CA ALA A 18 1.19 -11.64 17.94
C ALA A 18 1.19 -10.19 18.38
N GLU A 19 2.05 -9.40 17.73
CA GLU A 19 2.15 -7.97 17.98
C GLU A 19 1.92 -7.23 16.66
N THR A 20 1.16 -6.13 16.74
CA THR A 20 0.84 -5.34 15.56
C THR A 20 0.71 -3.88 15.99
N THR A 21 0.19 -3.05 15.09
CA THR A 21 0.01 -1.63 15.31
C THR A 21 -1.48 -1.33 15.38
N LEU A 22 -1.93 -0.77 16.51
CA LEU A 22 -3.31 -0.37 16.69
C LEU A 22 -3.47 1.10 16.28
N PHE A 23 -4.72 1.50 16.06
CA PHE A 23 -5.04 2.84 15.57
C PHE A 23 -6.19 3.43 16.37
N CYS A 24 -6.52 4.68 16.05
CA CYS A 24 -7.42 5.49 16.83
C CYS A 24 -8.89 5.06 16.69
N ALA A 25 -9.66 5.43 17.70
CA ALA A 25 -11.11 5.53 17.59
C ALA A 25 -11.58 6.46 18.70
N SER A 26 -12.20 7.57 18.33
CA SER A 26 -12.61 8.60 19.29
C SER A 26 -13.96 9.16 18.91
N ASP A 27 -14.64 9.73 19.89
CA ASP A 27 -15.97 10.31 19.67
C ASP A 27 -15.86 11.66 18.99
N HIS A 36 -9.10 22.49 20.12
CA HIS A 36 -7.66 22.31 20.19
C HIS A 36 -7.26 21.65 21.50
N ASN A 37 -6.55 20.52 21.40
CA ASN A 37 -6.09 19.80 22.57
C ASN A 37 -4.81 19.06 22.21
N VAL A 38 -4.05 18.69 23.25
CA VAL A 38 -2.77 18.02 23.04
C VAL A 38 -2.97 16.65 22.40
N TRP A 39 -3.99 15.91 22.86
CA TRP A 39 -4.25 14.57 22.34
C TRP A 39 -5.12 14.74 21.09
N ALA A 40 -4.45 14.86 19.95
CA ALA A 40 -5.12 15.20 18.69
C ALA A 40 -6.14 14.15 18.28
N THR A 41 -7.41 14.50 18.34
CA THR A 41 -8.49 13.67 17.82
C THR A 41 -8.82 13.97 16.36
N HIS A 42 -8.17 14.97 15.76
CA HIS A 42 -8.43 15.30 14.36
C HIS A 42 -8.06 14.15 13.44
N ALA A 43 -6.92 13.51 13.69
CA ALA A 43 -6.44 12.39 12.89
C ALA A 43 -6.83 11.05 13.49
N CYS A 44 -7.92 11.01 14.25
CA CYS A 44 -8.40 9.81 14.91
C CYS A 44 -9.80 9.48 14.40
N VAL A 45 -10.02 8.21 14.06
CA VAL A 45 -11.23 7.76 13.38
C VAL A 45 -12.44 7.97 14.29
N PRO A 46 -13.60 8.35 13.76
CA PRO A 46 -14.80 8.37 14.61
C PRO A 46 -15.11 7.00 15.19
N THR A 47 -15.59 7.00 16.43
CA THR A 47 -16.00 5.76 17.09
C THR A 47 -17.44 5.41 16.73
N ASP A 48 -17.69 4.12 16.59
CA ASP A 48 -19.04 3.65 16.26
C ASP A 48 -19.98 3.93 17.43
N PRO A 49 -21.19 4.45 17.19
CA PRO A 49 -22.09 4.72 18.32
C PRO A 49 -22.53 3.47 19.06
N ASN A 50 -22.51 2.30 18.42
CA ASN A 50 -22.97 1.04 19.00
C ASN A 50 -21.88 -0.01 18.86
N PRO A 51 -20.87 0.02 19.73
CA PRO A 51 -19.81 -0.99 19.63
C PRO A 51 -20.33 -2.39 19.89
N GLN A 52 -19.68 -3.37 19.25
CA GLN A 52 -20.09 -4.76 19.30
C GLN A 52 -19.05 -5.60 20.04
N GLU A 53 -19.54 -6.52 20.87
CA GLU A 53 -18.72 -7.45 21.63
C GLU A 53 -19.34 -8.83 21.53
N ILE A 54 -18.50 -9.86 21.38
CA ILE A 54 -18.96 -11.23 21.20
C ILE A 54 -18.35 -12.08 22.31
N HIS A 55 -19.20 -12.57 23.21
CA HIS A 55 -18.73 -13.43 24.30
C HIS A 55 -18.40 -14.82 23.76
N LEU A 56 -17.20 -15.31 24.06
CA LEU A 56 -16.77 -16.62 23.59
C LEU A 56 -17.12 -17.65 24.66
N GLU A 57 -17.96 -18.61 24.30
CA GLU A 57 -18.46 -19.59 25.26
C GLU A 57 -17.48 -20.74 25.40
N ASN A 58 -17.18 -21.11 26.65
CA ASN A 58 -16.32 -22.24 26.97
C ASN A 58 -14.93 -22.08 26.36
N VAL A 59 -14.38 -20.87 26.45
CA VAL A 59 -13.02 -20.57 26.00
C VAL A 59 -12.27 -19.92 27.15
N THR A 60 -11.15 -20.54 27.54
CA THR A 60 -10.28 -20.04 28.59
C THR A 60 -8.95 -19.66 27.98
N GLU A 61 -8.50 -18.43 28.23
CA GLU A 61 -7.28 -17.88 27.65
C GLU A 61 -6.26 -17.61 28.74
N GLU A 62 -5.01 -17.41 28.33
CA GLU A 62 -3.92 -17.08 29.24
C GLU A 62 -3.63 -15.59 29.15
N PHE A 63 -3.50 -14.94 30.32
CA PHE A 63 -3.28 -13.51 30.39
C PHE A 63 -2.09 -13.20 31.29
N ASN A 64 -1.38 -12.13 30.97
CA ASN A 64 -0.25 -11.67 31.76
C ASN A 64 -0.09 -10.17 31.50
N MET A 65 -0.42 -9.35 32.50
CA MET A 65 -0.43 -7.90 32.31
C MET A 65 0.97 -7.31 32.22
N TRP A 66 1.99 -8.03 32.70
CA TRP A 66 3.34 -7.48 32.78
C TRP A 66 4.18 -7.74 31.53
N LYS A 67 3.60 -8.35 30.49
CA LYS A 67 4.28 -8.59 29.22
C LYS A 67 3.40 -8.14 28.06
N ASN A 68 2.77 -6.96 28.21
CA ASN A 68 1.84 -6.43 27.23
C ASN A 68 2.55 -5.39 26.37
N ASN A 69 2.53 -5.60 25.04
CA ASN A 69 3.09 -4.61 24.13
C ASN A 69 2.18 -3.41 23.96
N MET A 70 0.90 -3.53 24.35
CA MET A 70 -0.02 -2.40 24.23
C MET A 70 0.42 -1.24 25.10
N VAL A 71 0.99 -1.53 26.27
CA VAL A 71 1.47 -0.46 27.15
C VAL A 71 2.60 0.31 26.47
N GLU A 72 3.55 -0.41 25.88
CA GLU A 72 4.66 0.24 25.19
C GLU A 72 4.16 1.05 24.00
N GLN A 73 3.21 0.50 23.23
CA GLN A 73 2.66 1.23 22.10
C GLN A 73 1.97 2.51 22.56
N MET A 74 1.19 2.43 23.64
CA MET A 74 0.50 3.61 24.16
C MET A 74 1.51 4.65 24.63
N HIS A 75 2.57 4.22 25.32
CA HIS A 75 3.58 5.16 25.80
C HIS A 75 4.25 5.87 24.63
N THR A 76 4.63 5.10 23.60
CA THR A 76 5.27 5.70 22.44
C THR A 76 4.33 6.68 21.73
N ASP A 77 3.06 6.30 21.57
CA ASP A 77 2.11 7.18 20.90
C ASP A 77 1.89 8.45 21.70
N ILE A 78 1.79 8.34 23.03
CA ILE A 78 1.58 9.53 23.87
C ILE A 78 2.78 10.45 23.77
N ILE A 79 4.00 9.90 23.81
CA ILE A 79 5.20 10.72 23.71
C ILE A 79 5.25 11.41 22.35
N SER A 80 4.91 10.67 21.29
CA SER A 80 4.92 11.25 19.95
C SER A 80 3.91 12.38 19.83
N LEU A 81 2.71 12.19 20.38
CA LEU A 81 1.69 13.23 20.34
C LEU A 81 2.14 14.47 21.12
N TRP A 82 2.72 14.25 22.30
CA TRP A 82 3.21 15.38 23.09
C TRP A 82 4.30 16.16 22.34
N ASP A 83 5.22 15.44 21.70
CA ASP A 83 6.25 16.11 20.92
C ASP A 83 5.66 16.88 19.74
N GLN A 84 4.68 16.27 19.07
CA GLN A 84 4.08 16.91 17.90
C GLN A 84 3.32 18.18 18.29
N SER A 85 2.63 18.16 19.43
CA SER A 85 1.80 19.30 19.81
C SER A 85 2.62 20.55 20.04
N LEU A 86 3.86 20.42 20.50
CA LEU A 86 4.68 21.57 20.85
C LEU A 86 5.47 22.13 19.68
N LYS A 87 5.41 21.51 18.51
CA LYS A 87 6.22 21.97 17.38
C LYS A 87 5.85 23.39 16.94
N PRO A 88 4.58 23.74 16.70
CA PRO A 88 4.24 25.13 16.30
C PRO A 88 3.98 26.04 17.50
N CYS A 89 5.04 26.38 18.22
CA CYS A 89 4.93 27.27 19.37
C CYS A 89 6.23 28.05 19.52
N VAL A 90 6.15 29.15 20.27
CA VAL A 90 7.28 30.06 20.40
C VAL A 90 8.40 29.41 21.20
N LYS A 91 9.64 29.67 20.77
CA LYS A 91 10.84 29.19 21.46
C LYS A 91 11.38 30.33 22.32
N LEU A 92 11.55 30.08 23.61
CA LEU A 92 12.00 31.11 24.56
C LEU A 92 13.53 31.05 24.70
N THR A 93 14.20 31.37 23.60
CA THR A 93 15.65 31.45 23.59
C THR A 93 16.15 32.78 24.19
N PRO A 94 15.57 33.93 23.83
CA PRO A 94 16.07 35.19 24.41
C PRO A 94 15.90 35.30 25.91
N LEU A 95 15.03 34.50 26.51
CA LEU A 95 14.73 34.62 27.94
C LEU A 95 15.95 34.32 28.83
N CYS A 96 16.98 33.66 28.31
CA CYS A 96 18.17 33.35 29.10
C CYS A 96 19.03 34.59 29.21
N VAL A 97 18.65 35.45 30.17
CA VAL A 97 19.36 36.70 30.44
C VAL A 97 19.51 36.87 31.95
N THR A 98 20.47 37.70 32.34
CA THR A 98 20.72 37.94 33.76
C THR A 98 19.56 38.71 34.36
N LEU A 99 18.89 38.09 35.34
CA LEU A 99 17.77 38.70 36.03
C LEU A 99 18.25 39.36 37.32
N GLN A 100 17.54 40.41 37.73
CA GLN A 100 17.76 41.07 39.01
C GLN A 100 16.48 40.96 39.82
N CYS A 101 16.51 40.17 40.89
CA CYS A 101 15.31 39.79 41.61
C CYS A 101 15.37 40.22 43.07
N THR A 102 14.18 40.46 43.63
CA THR A 102 14.01 40.80 45.03
C THR A 102 12.88 39.97 45.62
N ASN A 103 12.82 39.94 46.95
CA ASN A 103 11.78 39.21 47.65
C ASN A 103 10.46 39.98 47.60
N VAL A 104 9.36 39.24 47.53
CA VAL A 104 8.02 39.81 47.54
C VAL A 104 7.55 39.87 48.99
N THR A 105 7.16 41.06 49.43
CA THR A 105 6.76 41.31 50.82
C THR A 105 5.46 42.13 50.82
N ASN A 106 4.49 41.64 50.05
CA ASN A 106 3.19 42.30 49.89
C ASN A 106 2.09 41.28 50.21
N ASN A 107 1.61 41.31 51.46
CA ASN A 107 0.47 40.51 51.89
C ASN A 107 0.71 39.01 51.66
N ILE A 108 1.69 38.48 52.39
CA ILE A 108 2.02 37.07 52.34
C ILE A 108 1.97 36.51 53.77
N THR A 109 1.76 35.20 53.85
CA THR A 109 1.68 34.52 55.13
C THR A 109 3.06 34.06 55.56
N ASP A 110 3.12 33.25 56.63
CA ASP A 110 4.39 32.77 57.14
C ASP A 110 4.94 31.57 56.37
N ASP A 111 4.14 30.96 55.50
CA ASP A 111 4.57 29.79 54.74
C ASP A 111 4.95 30.11 53.29
N MET A 112 4.50 31.24 52.77
CA MET A 112 4.81 31.65 51.40
C MET A 112 5.93 32.69 51.33
N ARG A 113 6.72 32.80 52.41
CA ARG A 113 7.82 33.76 52.44
C ARG A 113 8.99 33.21 51.62
N GLY A 114 9.40 33.97 50.60
CA GLY A 114 10.46 33.55 49.71
C GLY A 114 10.02 32.65 48.57
N GLU A 115 8.75 32.27 48.51
CA GLU A 115 8.28 31.42 47.43
C GLU A 115 8.25 32.16 46.10
N LEU A 116 7.96 33.46 46.12
CA LEU A 116 7.86 34.28 44.92
C LEU A 116 8.99 35.29 44.89
N LYS A 117 9.50 35.56 43.68
CA LYS A 117 10.56 36.52 43.46
C LYS A 117 10.12 37.51 42.37
N ASN A 118 10.29 38.80 42.67
CA ASN A 118 9.97 39.86 41.72
C ASN A 118 11.26 40.21 40.97
N CYS A 119 11.30 39.86 39.69
CA CYS A 119 12.51 40.00 38.87
C CYS A 119 12.33 41.08 37.82
N SER A 120 13.45 41.69 37.44
CA SER A 120 13.51 42.67 36.37
C SER A 120 14.67 42.31 35.44
N PHE A 121 14.49 42.63 34.16
CA PHE A 121 15.48 42.24 33.15
C PHE A 121 15.21 43.01 31.86
N ASN A 122 16.26 43.13 31.05
CA ASN A 122 16.13 43.65 29.71
C ASN A 122 15.69 42.54 28.76
N MET A 123 15.12 42.95 27.62
CA MET A 123 14.64 41.99 26.63
C MET A 123 14.62 42.67 25.27
N THR A 124 14.61 41.84 24.23
CA THR A 124 14.55 42.34 22.86
C THR A 124 13.13 42.80 22.54
N THR A 125 12.96 43.33 21.33
CA THR A 125 11.68 43.81 20.85
C THR A 125 11.50 43.35 19.41
N GLU A 126 10.44 43.83 18.76
CA GLU A 126 10.21 43.48 17.36
C GLU A 126 11.35 43.99 16.49
N LEU A 127 11.82 45.21 16.73
CA LEU A 127 13.01 45.72 16.07
C LEU A 127 14.24 45.13 16.73
N ARG A 128 15.23 44.75 15.92
CA ARG A 128 16.47 44.18 16.44
C ARG A 128 17.44 45.23 16.96
N ASP A 129 17.06 46.51 16.93
CA ASP A 129 17.90 47.61 17.41
C ASP A 129 17.57 47.97 18.85
N LYS A 130 16.29 48.07 19.19
CA LYS A 130 15.86 48.57 20.49
C LYS A 130 15.77 47.43 21.50
N LYS A 131 15.82 47.83 22.79
CA LYS A 131 15.65 46.91 23.91
C LYS A 131 14.66 47.55 24.89
N GLN A 132 14.00 46.70 25.67
CA GLN A 132 13.00 47.14 26.63
C GLN A 132 13.24 46.50 27.99
N LYS A 133 13.12 47.29 29.04
CA LYS A 133 13.23 46.81 30.41
C LYS A 133 11.85 46.40 30.90
N VAL A 134 11.74 45.17 31.41
CA VAL A 134 10.48 44.60 31.86
C VAL A 134 10.70 43.90 33.19
N TYR A 135 9.59 43.52 33.83
CA TYR A 135 9.62 42.84 35.11
C TYR A 135 8.59 41.71 35.08
N SER A 136 8.75 40.78 36.02
CA SER A 136 7.91 39.59 36.08
C SER A 136 7.97 39.03 37.50
N LEU A 137 7.09 38.06 37.76
CA LEU A 137 7.08 37.32 39.01
C LEU A 137 7.39 35.86 38.70
N PHE A 138 8.36 35.29 39.42
CA PHE A 138 8.81 33.93 39.22
C PHE A 138 8.72 33.15 40.53
N TYR A 139 8.72 31.83 40.41
CA TYR A 139 8.72 30.95 41.56
C TYR A 139 10.15 30.61 41.96
N ARG A 140 10.33 30.34 43.26
CA ARG A 140 11.67 30.05 43.78
C ARG A 140 12.24 28.79 43.15
N LEU A 141 11.40 27.85 42.73
CA LEU A 141 11.88 26.62 42.11
C LEU A 141 12.35 26.83 40.68
N ASP A 142 12.07 28.00 40.07
CA ASP A 142 12.41 28.25 38.68
C ASP A 142 13.66 29.11 38.51
N VAL A 143 14.11 29.80 39.56
CA VAL A 143 15.24 30.71 39.49
C VAL A 143 16.32 30.21 40.43
N VAL A 144 17.58 30.21 39.95
CA VAL A 144 18.74 29.79 40.71
C VAL A 144 19.73 30.94 40.73
N GLN A 145 20.31 31.19 41.91
CA GLN A 145 21.28 32.27 42.05
C GLN A 145 22.53 31.97 41.23
N ILE A 146 23.10 33.01 40.63
CA ILE A 146 24.29 32.89 39.81
C ILE A 146 25.51 33.35 40.59
N LYS A 159 21.99 38.71 44.34
CA LYS A 159 20.82 39.39 43.79
C LYS A 159 20.58 39.02 42.32
N GLU A 160 21.57 38.40 41.69
CA GLU A 160 21.48 37.98 40.29
C GLU A 160 21.05 36.52 40.23
N TYR A 161 20.07 36.23 39.38
CA TYR A 161 19.51 34.90 39.23
C TYR A 161 19.39 34.56 37.76
N ARG A 162 19.16 33.28 37.48
CA ARG A 162 18.96 32.81 36.12
C ARG A 162 18.00 31.63 36.13
N LEU A 163 17.39 31.37 34.98
CA LEU A 163 16.50 30.22 34.85
C LEU A 163 17.30 28.92 34.98
N ILE A 164 16.66 27.92 35.59
CA ILE A 164 17.35 26.67 35.88
C ILE A 164 17.78 25.95 34.61
N ASN A 165 17.00 26.08 33.53
CA ASN A 165 17.25 25.34 32.30
C ASN A 165 18.25 26.01 31.37
N CYS A 166 18.77 27.19 31.73
CA CYS A 166 19.64 27.91 30.80
C CYS A 166 20.92 27.14 30.50
N ASN A 167 21.47 26.43 31.49
CA ASN A 167 22.70 25.67 31.29
C ASN A 167 22.45 24.25 30.78
N THR A 168 21.20 23.88 30.52
CA THR A 168 20.85 22.58 29.98
C THR A 168 20.31 22.68 28.55
N SER A 169 19.24 23.45 28.35
CA SER A 169 18.65 23.61 27.02
C SER A 169 17.57 24.68 27.11
N ALA A 170 17.24 25.24 25.95
CA ALA A 170 16.15 26.20 25.82
C ALA A 170 14.94 25.49 25.24
N CYS A 171 13.80 25.60 25.92
CA CYS A 171 12.57 24.92 25.55
C CYS A 171 11.52 25.93 25.10
N THR A 172 10.44 25.40 24.53
CA THR A 172 9.38 26.22 23.95
C THR A 172 8.31 26.53 24.97
N GLN A 173 7.63 27.66 24.77
CA GLN A 173 6.48 28.02 25.58
C GLN A 173 5.25 27.32 25.05
N ALA A 174 4.51 26.65 25.94
CA ALA A 174 3.29 25.99 25.52
C ALA A 174 2.29 27.01 25.00
N CYS A 175 1.71 26.72 23.85
CA CYS A 175 0.79 27.65 23.22
C CYS A 175 -0.46 27.81 24.09
N PRO A 176 -0.99 29.03 24.25
CA PRO A 176 -2.07 29.23 25.23
C PRO A 176 -3.44 28.76 24.76
N LYS A 177 -3.56 28.28 23.52
CA LYS A 177 -4.87 27.90 22.98
C LYS A 177 -5.14 26.40 23.09
N VAL A 178 -4.10 25.57 23.17
CA VAL A 178 -4.30 24.15 23.36
C VAL A 178 -4.66 23.85 24.81
N SER A 179 -5.44 22.80 25.01
CA SER A 179 -5.93 22.40 26.32
C SER A 179 -5.28 21.07 26.72
N PHE A 180 -4.93 20.96 28.00
CA PHE A 180 -4.28 19.77 28.54
C PHE A 180 -5.27 18.75 29.08
N GLU A 181 -6.57 18.99 28.92
CA GLU A 181 -7.56 18.06 29.46
C GLU A 181 -7.42 16.70 28.77
N PRO A 182 -7.58 15.59 29.50
CA PRO A 182 -7.50 14.28 28.83
C PRO A 182 -8.82 13.89 28.20
N ILE A 183 -8.75 13.40 26.96
CA ILE A 183 -9.91 12.95 26.21
C ILE A 183 -9.85 11.43 26.15
N PRO A 184 -10.97 10.70 26.32
CA PRO A 184 -10.90 9.24 26.14
C PRO A 184 -10.46 8.86 24.74
N ILE A 185 -9.67 7.79 24.66
CA ILE A 185 -9.15 7.29 23.38
C ILE A 185 -9.37 5.78 23.36
N HIS A 186 -9.90 5.28 22.25
CA HIS A 186 -10.11 3.85 22.04
C HIS A 186 -9.05 3.33 21.06
N TYR A 187 -8.45 2.20 21.39
CA TYR A 187 -7.45 1.55 20.55
C TYR A 187 -8.10 0.40 19.79
N CYS A 188 -7.91 0.36 18.47
CA CYS A 188 -8.51 -0.65 17.63
C CYS A 188 -7.45 -1.39 16.83
N ALA A 189 -7.63 -2.70 16.69
CA ALA A 189 -6.70 -3.54 15.95
C ALA A 189 -7.06 -3.54 14.46
N PRO A 190 -6.12 -3.93 13.59
CA PRO A 190 -6.42 -3.95 12.15
C PRO A 190 -7.16 -5.21 11.76
N ALA A 191 -7.50 -5.31 10.47
CA ALA A 191 -8.15 -6.49 9.94
C ALA A 191 -7.22 -7.69 10.00
N GLY A 192 -7.81 -8.86 10.23
CA GLY A 192 -7.06 -10.08 10.39
C GLY A 192 -6.58 -10.35 11.80
N PHE A 193 -6.77 -9.40 12.72
CA PHE A 193 -6.41 -9.55 14.11
C PHE A 193 -7.67 -9.42 14.97
N ALA A 194 -7.51 -9.70 16.27
CA ALA A 194 -8.62 -9.61 17.20
C ALA A 194 -8.09 -9.21 18.57
N ILE A 195 -8.97 -8.60 19.37
CA ILE A 195 -8.67 -8.18 20.73
C ILE A 195 -9.55 -9.01 21.67
N LEU A 196 -8.89 -9.72 22.58
CA LEU A 196 -9.57 -10.55 23.56
C LEU A 196 -9.59 -9.84 24.91
N LYS A 197 -10.77 -9.81 25.54
CA LYS A 197 -10.99 -9.14 26.81
C LYS A 197 -11.45 -10.17 27.83
N CYS A 198 -10.89 -10.08 29.04
CA CYS A 198 -11.22 -10.98 30.14
C CYS A 198 -12.32 -10.34 30.98
N LYS A 199 -13.49 -10.98 31.02
CA LYS A 199 -14.64 -10.51 31.78
C LYS A 199 -14.73 -11.15 33.16
N ASP A 200 -13.73 -11.93 33.57
CA ASP A 200 -13.76 -12.62 34.85
C ASP A 200 -13.38 -11.64 35.96
N LYS A 201 -14.36 -11.29 36.80
CA LYS A 201 -14.05 -10.49 37.97
C LYS A 201 -13.13 -11.27 38.91
N LYS A 202 -12.46 -10.54 39.80
CA LYS A 202 -11.43 -11.00 40.72
C LYS A 202 -10.20 -11.54 39.98
N PHE A 203 -10.09 -11.32 38.68
CA PHE A 203 -8.88 -11.70 37.95
C PHE A 203 -7.76 -10.72 38.28
N ASN A 204 -6.59 -11.26 38.65
CA ASN A 204 -5.50 -10.46 39.17
C ASN A 204 -4.41 -10.18 38.14
N GLY A 205 -4.75 -10.21 36.86
CA GLY A 205 -3.84 -9.79 35.81
C GLY A 205 -2.84 -10.83 35.35
N THR A 206 -2.87 -12.04 35.92
CA THR A 206 -1.94 -13.09 35.52
C THR A 206 -2.59 -14.45 35.76
N GLY A 207 -2.62 -15.27 34.72
CA GLY A 207 -3.13 -16.62 34.83
C GLY A 207 -4.19 -16.95 33.80
N PRO A 208 -4.96 -18.03 34.03
CA PRO A 208 -6.04 -18.37 33.09
C PRO A 208 -7.34 -17.64 33.39
N CYS A 209 -7.85 -16.90 32.41
CA CYS A 209 -9.16 -16.28 32.50
C CYS A 209 -10.16 -17.18 31.78
N PRO A 210 -11.23 -17.68 32.46
CA PRO A 210 -12.16 -18.60 31.78
C PRO A 210 -13.25 -17.90 31.00
N SER A 211 -13.57 -16.65 31.36
CA SER A 211 -14.60 -15.87 30.70
C SER A 211 -13.94 -14.87 29.78
N VAL A 212 -14.14 -15.04 28.47
CA VAL A 212 -13.43 -14.26 27.46
C VAL A 212 -14.45 -13.72 26.45
N SER A 213 -14.10 -12.59 25.84
CA SER A 213 -14.90 -12.01 24.78
C SER A 213 -13.98 -11.39 23.75
N THR A 214 -14.51 -11.23 22.54
CA THR A 214 -13.83 -10.56 21.44
C THR A 214 -14.44 -9.18 21.25
N VAL A 215 -13.58 -8.16 21.19
CA VAL A 215 -14.01 -6.77 21.07
C VAL A 215 -13.27 -6.13 19.91
N GLN A 216 -14.01 -5.34 19.11
CA GLN A 216 -13.38 -4.66 17.98
C GLN A 216 -12.46 -3.54 18.44
N CYS A 217 -12.76 -2.90 19.57
CA CYS A 217 -11.98 -1.78 20.04
C CYS A 217 -11.98 -1.78 21.57
N THR A 218 -10.99 -1.10 22.14
CA THR A 218 -10.82 -1.01 23.59
C THR A 218 -11.65 0.15 24.13
N HIS A 219 -12.18 -0.02 25.34
CA HIS A 219 -12.99 1.01 25.96
C HIS A 219 -12.19 2.30 26.13
N GLY A 220 -12.92 3.40 26.32
CA GLY A 220 -12.29 4.70 26.46
C GLY A 220 -11.32 4.79 27.61
N ILE A 221 -10.11 5.24 27.34
CA ILE A 221 -9.05 5.36 28.35
C ILE A 221 -8.55 6.80 28.32
N LYS A 222 -8.57 7.45 29.48
CA LYS A 222 -8.09 8.83 29.59
C LYS A 222 -6.58 8.82 29.83
N PRO A 223 -5.75 9.45 28.97
CA PRO A 223 -4.31 9.45 29.27
C PRO A 223 -3.95 10.45 30.36
N VAL A 224 -4.36 10.14 31.59
CA VAL A 224 -4.10 11.00 32.73
C VAL A 224 -2.67 10.78 33.21
N VAL A 225 -1.91 11.86 33.33
CA VAL A 225 -0.53 11.82 33.78
C VAL A 225 -0.49 12.25 35.23
N SER A 226 -0.10 11.33 36.12
CA SER A 226 -0.02 11.62 37.54
C SER A 226 0.93 10.61 38.17
N THR A 227 1.40 10.94 39.38
CA THR A 227 2.31 10.09 40.14
C THR A 227 1.81 9.95 41.56
N GLN A 228 2.10 8.78 42.14
CA GLN A 228 1.78 8.45 43.54
C GLN A 228 0.30 8.21 43.79
N LEU A 229 -0.55 8.47 42.80
CA LEU A 229 -1.99 8.30 42.94
C LEU A 229 -2.60 8.21 41.55
N LEU A 230 -3.53 7.27 41.37
CA LEU A 230 -4.25 7.13 40.11
C LEU A 230 -5.53 7.96 40.19
N LEU A 231 -5.66 8.92 39.28
CA LEU A 231 -6.77 9.86 39.28
C LEU A 231 -7.65 9.66 38.06
N ASN A 232 -8.97 9.75 38.27
CA ASN A 232 -9.95 9.61 37.20
C ASN A 232 -9.79 8.28 36.47
N GLY A 233 -9.52 7.21 37.24
CA GLY A 233 -9.34 5.88 36.69
C GLY A 233 -10.60 5.04 36.80
N SER A 234 -10.43 3.75 36.51
CA SER A 234 -11.50 2.78 36.59
C SER A 234 -11.48 2.08 37.95
N LEU A 235 -12.66 1.71 38.42
CA LEU A 235 -12.85 1.14 39.75
C LEU A 235 -13.15 -0.36 39.65
N ALA A 236 -12.64 -1.12 40.60
CA ALA A 236 -12.91 -2.55 40.65
C ALA A 236 -14.39 -2.80 40.95
N GLU A 237 -14.95 -3.83 40.32
CA GLU A 237 -16.37 -4.14 40.43
C GLU A 237 -16.72 -5.01 41.63
N GLU A 238 -15.73 -5.63 42.28
CA GLU A 238 -15.97 -6.54 43.39
C GLU A 238 -15.43 -6.02 44.71
N GLU A 239 -14.14 -5.69 44.78
CA GLU A 239 -13.51 -5.25 46.02
C GLU A 239 -12.11 -4.77 45.67
N VAL A 240 -11.37 -4.31 46.69
CA VAL A 240 -10.02 -3.80 46.48
C VAL A 240 -9.14 -4.91 45.92
N MET A 241 -8.41 -4.60 44.86
CA MET A 241 -7.55 -5.55 44.16
C MET A 241 -6.09 -5.15 44.32
N ILE A 242 -5.22 -6.15 44.49
CA ILE A 242 -3.78 -5.94 44.61
C ILE A 242 -3.09 -6.76 43.52
N ARG A 243 -2.20 -6.11 42.78
CA ARG A 243 -1.49 -6.75 41.68
C ARG A 243 0.00 -6.45 41.79
N SER A 244 0.80 -7.43 41.39
CA SER A 244 2.26 -7.29 41.41
C SER A 244 2.88 -8.40 40.60
N GLU A 245 3.93 -8.08 39.83
CA GLU A 245 4.60 -9.09 39.02
C GLU A 245 5.21 -10.17 39.90
N ASN A 246 5.85 -9.78 41.00
CA ASN A 246 6.47 -10.73 41.93
C ASN A 246 6.35 -10.11 43.32
N ILE A 247 5.32 -10.51 44.05
CA ILE A 247 5.03 -9.89 45.35
C ILE A 247 6.15 -10.16 46.34
N THR A 248 6.81 -11.31 46.24
CA THR A 248 7.90 -11.62 47.16
C THR A 248 9.05 -10.62 47.01
N ASN A 249 9.39 -10.26 45.78
CA ASN A 249 10.48 -9.33 45.53
C ASN A 249 10.05 -7.91 45.87
N ASN A 250 10.91 -7.18 46.59
CA ASN A 250 10.63 -5.80 46.96
C ASN A 250 10.81 -4.82 45.82
N ALA A 251 11.61 -5.18 44.80
CA ALA A 251 11.91 -4.26 43.71
C ALA A 251 10.75 -4.07 42.75
N LYS A 252 9.70 -4.88 42.84
CA LYS A 252 8.55 -4.78 41.95
C LYS A 252 7.45 -3.97 42.61
N ASN A 253 6.90 -3.02 41.87
CA ASN A 253 5.86 -2.15 42.40
C ASN A 253 4.56 -2.93 42.61
N ILE A 254 3.70 -2.41 43.49
CA ILE A 254 2.41 -3.00 43.81
C ILE A 254 1.33 -2.02 43.38
N LEU A 255 0.38 -2.49 42.57
CA LEU A 255 -0.73 -1.69 42.10
C LEU A 255 -1.98 -2.06 42.90
N VAL A 256 -2.57 -1.06 43.57
CA VAL A 256 -3.78 -1.26 44.35
C VAL A 256 -4.92 -0.53 43.64
N GLN A 257 -6.02 -1.23 43.42
CA GLN A 257 -7.20 -0.67 42.76
C GLN A 257 -8.37 -0.70 43.74
N PHE A 258 -8.98 0.46 43.95
CA PHE A 258 -10.10 0.58 44.85
C PHE A 258 -11.40 0.14 44.19
N ASN A 259 -12.36 -0.26 45.03
CA ASN A 259 -13.72 -0.54 44.58
C ASN A 259 -14.65 0.65 44.74
N THR A 260 -14.20 1.73 45.39
CA THR A 260 -14.96 2.96 45.52
C THR A 260 -13.98 4.12 45.44
N PRO A 261 -14.37 5.27 44.90
CA PRO A 261 -13.43 6.40 44.78
C PRO A 261 -13.41 7.25 46.04
N VAL A 262 -12.39 8.12 46.11
CA VAL A 262 -12.24 9.07 47.20
C VAL A 262 -12.12 10.46 46.58
N GLN A 263 -12.97 11.39 47.01
CA GLN A 263 -12.96 12.73 46.43
C GLN A 263 -11.82 13.55 47.00
N ILE A 264 -11.07 14.22 46.12
CA ILE A 264 -9.99 15.11 46.49
C ILE A 264 -10.21 16.45 45.78
N ASN A 265 -10.15 17.54 46.54
CA ASN A 265 -10.40 18.88 46.00
C ASN A 265 -9.12 19.71 46.10
N CYS A 266 -8.56 20.09 44.95
CA CYS A 266 -7.31 20.83 44.88
C CYS A 266 -7.56 22.21 44.30
N THR A 267 -7.01 23.24 44.96
CA THR A 267 -7.26 24.62 44.56
C THR A 267 -6.02 25.48 44.75
N ARG A 268 -5.83 26.40 43.81
CA ARG A 268 -4.89 27.51 43.93
C ARG A 268 -5.70 28.80 44.06
N PRO A 269 -5.73 29.46 45.22
CA PRO A 269 -6.60 30.63 45.40
C PRO A 269 -6.02 31.97 44.98
N ASN A 270 -4.76 32.02 44.53
CA ASN A 270 -4.16 33.28 44.13
C ASN A 270 -4.82 33.79 42.85
N ASN A 271 -5.03 35.11 42.79
CA ASN A 271 -5.64 35.75 41.63
C ASN A 271 -4.53 36.26 40.73
N ASN A 272 -4.09 35.40 39.82
CA ASN A 272 -3.00 35.75 38.91
C ASN A 272 -3.50 36.66 37.79
N THR A 273 -2.56 37.42 37.22
CA THR A 273 -2.82 38.29 36.09
C THR A 273 -1.74 38.06 35.03
N ARG A 274 -2.18 38.00 33.77
CA ARG A 274 -1.31 37.68 32.64
C ARG A 274 -1.07 38.93 31.81
N LYS A 275 0.17 39.14 31.38
CA LYS A 275 0.54 40.22 30.49
C LYS A 275 1.44 39.69 29.39
N SER A 276 1.31 40.26 28.19
CA SER A 276 2.07 39.84 27.02
C SER A 276 3.18 40.84 26.74
N ILE A 277 4.39 40.32 26.51
CA ILE A 277 5.55 41.12 26.15
C ILE A 277 5.99 40.70 24.75
N ARG A 278 6.05 41.65 23.84
CA ARG A 278 6.42 41.36 22.45
C ARG A 278 7.94 41.25 22.36
N ILE A 279 8.44 40.03 22.17
CA ILE A 279 9.88 39.77 22.13
C ILE A 279 10.43 39.71 20.71
N GLY A 280 9.57 39.80 19.70
CA GLY A 280 10.00 39.74 18.33
C GLY A 280 8.84 39.88 17.37
N PRO A 281 9.10 39.80 16.06
CA PRO A 281 8.01 39.86 15.09
C PRO A 281 7.06 38.69 15.23
N GLY A 282 5.83 38.96 15.66
CA GLY A 282 4.86 37.90 15.88
C GLY A 282 5.29 36.90 16.93
N GLN A 283 5.88 37.38 18.02
CA GLN A 283 6.35 36.51 19.10
C GLN A 283 6.08 37.21 20.42
N ALA A 284 5.25 36.60 21.26
CA ALA A 284 4.84 37.16 22.54
C ALA A 284 5.14 36.17 23.66
N PHE A 285 5.63 36.70 24.77
CA PHE A 285 5.91 35.94 25.98
C PHE A 285 4.91 36.36 27.06
N TYR A 286 4.26 35.38 27.67
CA TYR A 286 3.22 35.62 28.66
C TYR A 286 3.83 35.53 30.05
N ALA A 287 3.61 36.55 30.88
CA ALA A 287 4.23 36.66 32.19
C ALA A 287 3.17 37.00 33.22
N THR A 288 3.46 36.65 34.47
CA THR A 288 2.59 36.97 35.59
C THR A 288 2.85 38.41 36.02
N GLY A 289 1.91 39.30 35.73
CA GLY A 289 2.07 40.71 36.05
C GLY A 289 2.11 40.97 37.54
N ASP A 290 0.98 40.73 38.22
CA ASP A 290 0.88 40.95 39.65
C ASP A 290 -0.26 40.12 40.19
N ILE A 291 -0.24 39.91 41.50
CA ILE A 291 -1.26 39.14 42.20
C ILE A 291 -2.18 40.13 42.93
N ILE A 292 -3.48 39.97 42.73
CA ILE A 292 -4.47 40.86 43.34
C ILE A 292 -4.93 40.25 44.66
N GLY A 293 -4.89 41.05 45.72
CA GLY A 293 -5.34 40.61 47.02
C GLY A 293 -4.29 39.87 47.81
N ASP A 294 -4.72 38.91 48.63
CA ASP A 294 -3.82 38.16 49.49
C ASP A 294 -3.09 37.07 48.71
N ILE A 295 -1.99 36.60 49.29
CA ILE A 295 -1.19 35.52 48.73
C ILE A 295 -1.15 34.39 49.76
N ARG A 296 -1.49 33.19 49.33
CA ARG A 296 -1.50 32.04 50.23
C ARG A 296 -1.30 30.78 49.40
N GLN A 297 -0.89 29.72 50.08
CA GLN A 297 -0.49 28.48 49.40
C GLN A 297 -1.69 27.78 48.79
N ALA A 298 -1.48 27.22 47.60
CA ALA A 298 -2.43 26.27 47.04
C ALA A 298 -2.41 24.97 47.85
N HIS A 299 -3.54 24.27 47.87
CA HIS A 299 -3.63 23.09 48.71
C HIS A 299 -4.72 22.16 48.21
N CYS A 300 -4.66 20.92 48.69
CA CYS A 300 -5.65 19.89 48.41
C CYS A 300 -6.29 19.42 49.71
N ASN A 301 -7.54 18.99 49.61
CA ASN A 301 -8.31 18.47 50.74
C ASN A 301 -8.80 17.07 50.40
N VAL A 302 -8.69 16.17 51.37
CA VAL A 302 -9.15 14.78 51.24
C VAL A 302 -9.95 14.42 52.47
N SER A 303 -11.06 13.70 52.28
CA SER A 303 -11.88 13.28 53.40
C SER A 303 -11.09 12.33 54.31
N LYS A 304 -11.31 12.48 55.62
CA LYS A 304 -10.55 11.69 56.59
C LYS A 304 -11.18 10.32 56.83
N ALA A 305 -12.49 10.29 57.09
CA ALA A 305 -13.15 9.01 57.37
C ALA A 305 -13.12 8.09 56.15
N THR A 306 -13.35 8.65 54.96
CA THR A 306 -13.30 7.84 53.75
C THR A 306 -11.90 7.29 53.53
N TRP A 307 -10.87 8.11 53.76
CA TRP A 307 -9.50 7.63 53.62
C TRP A 307 -9.19 6.53 54.63
N ASN A 308 -9.67 6.68 55.86
CA ASN A 308 -9.46 5.65 56.88
C ASN A 308 -10.13 4.34 56.48
N GLU A 309 -11.36 4.41 55.97
CA GLU A 309 -12.05 3.21 55.53
C GLU A 309 -11.31 2.56 54.35
N THR A 310 -10.85 3.37 53.41
CA THR A 310 -10.11 2.83 52.27
C THR A 310 -8.82 2.15 52.71
N LEU A 311 -8.11 2.76 53.66
CA LEU A 311 -6.89 2.15 54.17
C LEU A 311 -7.19 0.88 54.95
N GLY A 312 -8.33 0.84 55.66
CA GLY A 312 -8.73 -0.39 56.33
C GLY A 312 -8.96 -1.52 55.32
N LYS A 313 -9.66 -1.21 54.24
CA LYS A 313 -9.87 -2.21 53.19
C LYS A 313 -8.54 -2.65 52.59
N VAL A 314 -7.64 -1.70 52.34
CA VAL A 314 -6.36 -2.00 51.71
C VAL A 314 -5.53 -2.91 52.62
N VAL A 315 -5.46 -2.60 53.92
CA VAL A 315 -4.68 -3.42 54.82
C VAL A 315 -5.32 -4.79 55.01
N LYS A 316 -6.65 -4.86 55.00
CA LYS A 316 -7.32 -6.15 55.07
C LYS A 316 -6.92 -7.02 53.88
N GLN A 317 -6.91 -6.43 52.68
CA GLN A 317 -6.52 -7.20 51.50
C GLN A 317 -5.04 -7.56 51.54
N LEU A 318 -4.19 -6.64 52.02
CA LEU A 318 -2.76 -6.90 52.08
C LEU A 318 -2.43 -8.02 53.06
N ARG A 319 -3.22 -8.17 54.12
CA ARG A 319 -2.99 -9.24 55.08
C ARG A 319 -3.06 -10.62 54.45
N LYS A 320 -3.78 -10.76 53.33
CA LYS A 320 -3.89 -12.06 52.68
C LYS A 320 -2.53 -12.54 52.17
N HIS A 321 -1.75 -11.63 51.57
CA HIS A 321 -0.49 -12.01 50.93
C HIS A 321 0.70 -11.94 51.87
N PHE A 322 0.67 -11.06 52.88
CA PHE A 322 1.80 -10.81 53.77
C PHE A 322 1.49 -11.23 55.20
N GLY A 323 0.87 -12.39 55.36
CA GLY A 323 0.63 -12.94 56.68
C GLY A 323 -0.56 -12.31 57.39
N ASN A 324 -1.16 -13.06 58.31
CA ASN A 324 -2.34 -12.61 59.02
C ASN A 324 -2.02 -11.81 60.29
N ASN A 325 -0.89 -12.11 60.95
CA ASN A 325 -0.55 -11.51 62.23
C ASN A 325 0.56 -10.47 62.11
N THR A 326 0.87 -10.04 60.90
CA THR A 326 1.94 -9.07 60.69
C THR A 326 1.46 -7.64 60.97
N ILE A 327 2.42 -6.74 61.16
CA ILE A 327 2.15 -5.33 61.40
C ILE A 327 2.38 -4.58 60.09
N ILE A 328 1.44 -3.72 59.72
CA ILE A 328 1.46 -3.04 58.42
C ILE A 328 1.66 -1.55 58.66
N ARG A 329 2.73 -1.00 58.08
CA ARG A 329 3.13 0.38 58.31
C ARG A 329 3.05 1.17 57.01
N PHE A 330 2.46 2.36 57.08
CA PHE A 330 2.48 3.34 56.00
C PHE A 330 3.30 4.53 56.46
N ALA A 331 4.27 4.93 55.63
CA ALA A 331 5.22 5.97 56.00
C ALA A 331 5.45 6.88 54.79
N ASN A 332 6.42 7.78 54.91
CA ASN A 332 6.69 8.77 53.88
C ASN A 332 7.58 8.16 52.77
N SER A 333 7.66 8.87 51.66
CA SER A 333 8.49 8.44 50.54
C SER A 333 9.96 8.52 50.91
N SER A 334 10.75 7.63 50.32
CA SER A 334 12.19 7.60 50.61
C SER A 334 12.86 8.90 50.19
N GLY A 335 12.84 9.21 48.90
CA GLY A 335 13.45 10.42 48.40
C GLY A 335 13.74 10.31 46.92
N GLY A 336 14.38 11.35 46.40
CA GLY A 336 14.73 11.44 45.00
C GLY A 336 14.31 12.76 44.38
N ASP A 337 13.92 12.73 43.11
CA ASP A 337 13.47 13.93 42.45
C ASP A 337 12.12 14.38 43.01
N LEU A 338 11.80 15.65 42.78
CA LEU A 338 10.52 16.18 43.24
C LEU A 338 9.35 15.49 42.56
N GLU A 339 9.54 15.03 41.32
CA GLU A 339 8.45 14.37 40.61
C GLU A 339 8.10 13.03 41.26
N VAL A 340 9.11 12.26 41.63
CA VAL A 340 8.86 10.96 42.26
C VAL A 340 8.58 11.10 43.76
N THR A 341 9.13 12.11 44.42
CA THR A 341 8.96 12.25 45.86
C THR A 341 7.56 12.74 46.22
N THR A 342 6.98 13.63 45.42
CA THR A 342 5.70 14.26 45.70
C THR A 342 4.67 13.83 44.67
N HIS A 343 3.40 14.04 45.02
CA HIS A 343 2.28 13.73 44.13
C HIS A 343 2.19 14.82 43.08
N SER A 344 2.64 14.54 41.87
CA SER A 344 2.71 15.51 40.80
C SER A 344 1.54 15.32 39.84
N PHE A 345 0.93 16.43 39.43
CA PHE A 345 -0.17 16.39 38.48
C PHE A 345 -0.39 17.79 37.92
N ASN A 346 -1.47 17.97 37.17
CA ASN A 346 -1.86 19.27 36.64
C ASN A 346 -3.35 19.49 36.82
N CYS A 347 -3.73 20.75 36.91
CA CYS A 347 -5.13 21.16 37.03
C CYS A 347 -5.31 22.45 36.24
N GLY A 348 -6.13 22.37 35.19
CA GLY A 348 -6.39 23.55 34.37
C GLY A 348 -5.15 24.17 33.77
N GLY A 349 -4.14 23.36 33.46
CA GLY A 349 -2.90 23.86 32.92
C GLY A 349 -1.87 24.29 33.95
N GLU A 350 -2.21 24.24 35.24
CA GLU A 350 -1.30 24.62 36.32
C GLU A 350 -0.73 23.37 36.96
N PHE A 351 0.60 23.30 37.04
CA PHE A 351 1.29 22.08 37.44
C PHE A 351 1.52 22.08 38.95
N PHE A 352 0.88 21.14 39.64
CA PHE A 352 0.93 21.00 41.09
C PHE A 352 1.86 19.86 41.49
N TYR A 353 2.55 20.07 42.62
CA TYR A 353 3.30 19.02 43.30
C TYR A 353 2.91 19.08 44.77
N CYS A 354 2.17 18.07 45.23
CA CYS A 354 1.60 18.06 46.56
C CYS A 354 2.36 17.10 47.48
N ASN A 355 2.42 17.48 48.76
CA ASN A 355 3.16 16.75 49.79
C ASN A 355 2.19 15.78 50.46
N THR A 356 2.18 14.53 50.00
CA THR A 356 1.30 13.51 50.54
C THR A 356 1.97 12.80 51.72
N SER A 357 2.14 13.56 52.80
CA SER A 357 2.75 13.06 54.02
C SER A 357 1.74 12.68 55.10
N GLY A 358 0.58 13.36 55.15
CA GLY A 358 -0.42 13.05 56.15
C GLY A 358 -1.28 11.85 55.83
N LEU A 359 -1.26 11.38 54.58
CA LEU A 359 -2.08 10.24 54.20
C LEU A 359 -1.40 8.92 54.57
N PHE A 360 -0.21 8.69 54.01
CA PHE A 360 0.53 7.43 54.22
C PHE A 360 1.40 7.57 55.47
N ASN A 361 0.74 7.68 56.61
CA ASN A 361 1.43 7.83 57.90
C ASN A 361 0.56 7.17 58.96
N SER A 362 0.82 5.89 59.24
CA SER A 362 0.03 5.16 60.23
C SER A 362 0.61 3.77 60.40
N THR A 363 0.10 3.07 61.41
CA THR A 363 0.48 1.68 61.69
C THR A 363 -0.77 0.90 62.04
N TRP A 364 -0.83 -0.36 61.57
CA TRP A 364 -1.97 -1.23 61.78
C TRP A 364 -1.48 -2.55 62.37
N ILE A 365 -2.16 -3.00 63.42
CA ILE A 365 -1.82 -4.22 64.15
C ILE A 365 -2.98 -5.20 64.00
N SER A 366 -2.65 -6.48 63.79
CA SER A 366 -3.68 -7.50 63.67
C SER A 366 -4.46 -7.63 64.97
N ASN A 367 -5.77 -7.75 64.85
CA ASN A 367 -6.64 -7.88 66.01
C ASN A 367 -7.94 -8.58 65.65
N SER A 378 -15.33 13.05 61.91
CA SER A 378 -16.64 13.68 61.75
C SER A 378 -16.71 14.43 60.41
N ASN A 379 -16.05 15.59 60.35
CA ASN A 379 -16.00 16.38 59.13
C ASN A 379 -14.62 16.94 58.82
N ASP A 380 -13.62 16.70 59.66
CA ASP A 380 -12.28 17.19 59.39
C ASP A 380 -11.70 16.53 58.15
N SER A 381 -10.91 17.29 57.41
CA SER A 381 -10.30 16.84 56.15
C SER A 381 -8.79 17.01 56.22
N ILE A 382 -8.08 16.02 55.70
CA ILE A 382 -6.63 16.10 55.62
C ILE A 382 -6.26 17.12 54.54
N THR A 383 -5.38 18.06 54.90
CA THR A 383 -4.96 19.15 54.02
C THR A 383 -3.52 18.89 53.59
N LEU A 384 -3.30 18.84 52.28
CA LEU A 384 -1.99 18.64 51.70
C LEU A 384 -1.52 19.93 51.05
N PRO A 385 -0.49 20.61 51.55
CA PRO A 385 0.03 21.77 50.82
C PRO A 385 0.69 21.34 49.52
N CYS A 386 0.62 22.24 48.53
CA CYS A 386 1.14 21.97 47.20
C CYS A 386 1.93 23.16 46.70
N ARG A 387 2.93 22.88 45.86
CA ARG A 387 3.76 23.88 45.24
C ARG A 387 3.53 23.87 43.73
N ILE A 388 3.47 25.05 43.14
CA ILE A 388 3.19 25.22 41.72
C ILE A 388 4.51 25.34 40.97
N LYS A 389 4.57 24.77 39.77
CA LYS A 389 5.74 24.85 38.92
C LYS A 389 5.35 25.24 37.50
N GLN A 390 6.28 25.89 36.81
CA GLN A 390 6.09 26.37 35.44
C GLN A 390 7.01 25.72 34.43
N ILE A 391 8.29 25.53 34.78
CA ILE A 391 9.23 24.81 33.92
C ILE A 391 9.06 23.33 34.19
N ILE A 392 8.63 22.58 33.18
CA ILE A 392 8.18 21.20 33.34
C ILE A 392 9.01 20.30 32.44
N ASN A 393 9.47 19.19 32.99
CA ASN A 393 10.03 18.07 32.24
C ASN A 393 9.11 16.88 32.53
N MET A 394 8.07 16.73 31.72
CA MET A 394 7.04 15.74 31.99
C MET A 394 7.62 14.33 31.98
N TRP A 395 8.13 13.89 30.83
CA TRP A 395 8.68 12.56 30.70
C TRP A 395 10.11 12.52 31.24
N GLN A 396 10.60 11.31 31.48
CA GLN A 396 11.95 11.13 32.01
C GLN A 396 12.98 11.38 30.91
N ARG A 397 13.13 12.64 30.51
CA ARG A 397 14.05 13.04 29.46
C ARG A 397 14.83 14.27 29.91
N ILE A 398 16.04 14.41 29.38
CA ILE A 398 16.94 15.50 29.72
C ILE A 398 17.23 16.28 28.43
N GLY A 399 17.14 17.60 28.52
CA GLY A 399 17.37 18.47 27.38
C GLY A 399 16.13 19.00 26.70
N GLN A 400 14.94 18.67 27.20
CA GLN A 400 13.67 19.13 26.61
C GLN A 400 12.73 19.47 27.76
N CYS A 401 12.71 20.74 28.16
CA CYS A 401 11.80 21.23 29.18
C CYS A 401 10.56 21.81 28.52
N MET A 402 9.68 22.44 29.30
CA MET A 402 8.51 23.11 28.75
C MET A 402 8.05 24.18 29.74
N TYR A 403 7.66 25.33 29.21
CA TYR A 403 7.22 26.47 30.01
C TYR A 403 5.71 26.57 29.93
N ALA A 404 5.05 26.56 31.09
CA ALA A 404 3.60 26.68 31.15
C ALA A 404 3.21 28.13 31.35
N PRO A 405 2.48 28.76 30.42
CA PRO A 405 2.08 30.15 30.64
C PRO A 405 1.16 30.26 31.83
N PRO A 406 1.16 31.39 32.55
CA PRO A 406 0.29 31.52 33.72
C PRO A 406 -1.18 31.59 33.32
N ILE A 407 -2.03 31.12 34.23
CA ILE A 407 -3.47 31.13 34.06
C ILE A 407 -4.05 32.29 34.86
N GLN A 408 -5.06 32.96 34.31
CA GLN A 408 -5.67 34.12 34.93
C GLN A 408 -6.77 33.66 35.89
N GLY A 409 -6.73 34.21 37.11
CA GLY A 409 -7.75 33.93 38.10
C GLY A 409 -7.44 32.69 38.94
N VAL A 410 -8.26 32.50 39.98
CA VAL A 410 -8.08 31.35 40.86
C VAL A 410 -8.44 30.08 40.09
N ILE A 411 -7.93 28.95 40.60
CA ILE A 411 -8.13 27.65 39.98
C ILE A 411 -8.64 26.68 41.04
N ARG A 412 -9.61 25.85 40.68
CA ARG A 412 -10.13 24.82 41.56
C ARG A 412 -10.50 23.60 40.72
N CYS A 413 -10.39 22.41 41.33
CA CYS A 413 -10.76 21.19 40.65
C CYS A 413 -11.02 20.11 41.69
N VAL A 414 -11.78 19.09 41.28
CA VAL A 414 -12.11 17.95 42.11
C VAL A 414 -11.85 16.69 41.29
N SER A 415 -11.34 15.65 41.95
CA SER A 415 -10.91 14.44 41.27
C SER A 415 -11.22 13.23 42.13
N ASN A 416 -11.23 12.06 41.49
CA ASN A 416 -11.45 10.78 42.14
C ASN A 416 -10.12 10.05 42.29
N ILE A 417 -9.79 9.66 43.51
CA ILE A 417 -8.69 8.73 43.77
C ILE A 417 -9.28 7.32 43.73
N THR A 418 -8.72 6.48 42.85
CA THR A 418 -9.22 5.13 42.63
C THR A 418 -8.11 4.09 42.65
N GLY A 419 -6.89 4.44 43.03
CA GLY A 419 -5.82 3.48 43.07
C GLY A 419 -4.55 4.09 43.64
N LEU A 420 -3.60 3.21 43.93
CA LEU A 420 -2.33 3.59 44.52
C LEU A 420 -1.21 2.74 43.93
N ILE A 421 0.00 3.30 43.97
CA ILE A 421 1.23 2.59 43.61
C ILE A 421 2.11 2.56 44.85
N LEU A 422 2.37 1.37 45.36
CA LEU A 422 3.09 1.18 46.61
C LEU A 422 4.37 0.38 46.38
N THR A 423 5.35 0.61 47.25
CA THR A 423 6.63 -0.09 47.21
C THR A 423 6.96 -0.58 48.61
N ARG A 424 7.37 -1.84 48.71
CA ARG A 424 7.74 -2.43 49.99
C ARG A 424 9.14 -1.96 50.39
N ASP A 425 9.31 -1.74 51.69
CA ASP A 425 10.58 -1.29 52.25
C ASP A 425 11.27 -2.53 52.82
N GLY A 426 12.52 -2.73 52.41
CA GLY A 426 13.30 -3.86 52.90
C GLY A 426 12.69 -5.19 52.52
N GLY A 427 12.11 -5.88 53.49
CA GLY A 427 11.48 -7.17 53.27
C GLY A 427 12.26 -8.36 53.78
N SER A 428 13.36 -8.15 54.50
CA SER A 428 14.14 -9.25 55.03
C SER A 428 13.37 -9.99 56.12
N THR A 429 13.75 -11.25 56.34
CA THR A 429 13.08 -12.09 57.33
C THR A 429 13.40 -11.68 58.76
N ASN A 430 14.35 -10.76 58.97
CA ASN A 430 14.72 -10.38 60.33
C ASN A 430 13.55 -9.73 61.06
N SER A 431 12.80 -8.87 60.38
CA SER A 431 11.70 -8.13 60.97
C SER A 431 10.37 -8.63 60.43
N THR A 432 9.37 -8.72 61.30
CA THR A 432 8.04 -9.17 60.94
C THR A 432 7.11 -8.01 60.57
N THR A 433 7.60 -6.78 60.57
CA THR A 433 6.79 -5.60 60.26
C THR A 433 7.05 -5.18 58.82
N GLU A 434 5.98 -5.05 58.04
CA GLU A 434 6.06 -4.66 56.63
C GLU A 434 5.71 -3.18 56.50
N THR A 435 6.62 -2.43 55.88
CA THR A 435 6.44 -1.00 55.66
C THR A 435 6.27 -0.76 54.16
N PHE A 436 5.17 -0.13 53.78
CA PHE A 436 4.88 0.25 52.41
C PHE A 436 4.97 1.76 52.28
N ARG A 437 5.59 2.22 51.20
CA ARG A 437 5.79 3.64 50.93
C ARG A 437 5.22 3.99 49.57
N PRO A 438 4.88 5.26 49.34
CA PRO A 438 4.38 5.64 48.01
C PRO A 438 5.45 5.43 46.94
N GLY A 439 4.99 5.13 45.73
CA GLY A 439 5.86 4.95 44.59
C GLY A 439 5.42 5.77 43.39
N GLY A 440 5.97 5.46 42.22
CA GLY A 440 5.63 6.17 41.00
C GLY A 440 6.82 6.37 40.07
N GLY A 441 6.88 7.52 39.41
CA GLY A 441 7.96 7.82 38.50
C GLY A 441 7.68 7.35 37.08
N ASP A 442 7.71 6.04 36.86
CA ASP A 442 7.43 5.51 35.54
C ASP A 442 5.94 5.59 35.23
N MET A 443 5.61 6.22 34.10
CA MET A 443 4.21 6.41 33.73
C MET A 443 3.60 5.17 33.08
N ARG A 444 4.41 4.18 32.68
CA ARG A 444 3.86 2.97 32.10
C ARG A 444 2.86 2.29 33.03
N ASP A 445 3.11 2.37 34.34
CA ASP A 445 2.17 1.81 35.31
C ASP A 445 0.79 2.44 35.16
N ASN A 446 0.73 3.75 34.93
CA ASN A 446 -0.56 4.40 34.72
C ASN A 446 -1.26 3.82 33.49
N TRP A 447 -0.50 3.42 32.47
CA TRP A 447 -1.08 2.74 31.33
C TRP A 447 -1.34 1.26 31.59
N ARG A 448 -0.62 0.67 32.55
CA ARG A 448 -0.79 -0.74 32.87
C ARG A 448 -1.99 -1.02 33.76
N SER A 449 -2.56 0.01 34.40
CA SER A 449 -3.72 -0.18 35.27
C SER A 449 -5.03 -0.20 34.49
N GLU A 450 -5.02 0.09 33.19
CA GLU A 450 -6.22 0.10 32.37
C GLU A 450 -6.24 -1.00 31.32
N LEU A 451 -5.08 -1.39 30.78
CA LEU A 451 -4.98 -2.42 29.76
C LEU A 451 -4.60 -3.78 30.34
N TYR A 452 -4.95 -4.02 31.60
CA TYR A 452 -4.61 -5.29 32.25
C TYR A 452 -5.54 -6.44 31.85
N LYS A 453 -6.68 -6.14 31.23
CA LYS A 453 -7.67 -7.15 30.85
C LYS A 453 -7.86 -7.21 29.34
N TYR A 454 -6.80 -6.89 28.57
CA TYR A 454 -6.85 -6.89 27.12
C TYR A 454 -5.62 -7.57 26.55
N LYS A 455 -5.80 -8.28 25.44
CA LYS A 455 -4.67 -8.84 24.70
C LYS A 455 -5.03 -8.89 23.23
N VAL A 456 -3.99 -9.03 22.39
CA VAL A 456 -4.13 -9.00 20.94
C VAL A 456 -3.66 -10.33 20.38
N VAL A 457 -4.44 -10.89 19.44
CA VAL A 457 -4.10 -12.14 18.79
C VAL A 457 -4.36 -11.99 17.29
N LYS A 458 -3.77 -12.91 16.51
CA LYS A 458 -3.93 -12.95 15.07
C LYS A 458 -4.51 -14.30 14.66
N ILE A 459 -5.45 -14.27 13.71
CA ILE A 459 -6.18 -15.46 13.31
C ILE A 459 -5.35 -16.26 12.30
N GLU A 460 -5.59 -17.57 12.29
CA GLU A 460 -4.92 -18.50 11.38
C GLU A 460 -5.99 -19.32 10.68
N PRO A 461 -6.63 -18.77 9.65
CA PRO A 461 -7.81 -19.46 9.08
C PRO A 461 -7.51 -20.83 8.50
N LEU A 462 -6.35 -21.03 7.89
CA LEU A 462 -6.05 -22.27 7.20
C LEU A 462 -5.91 -23.43 8.19
N GLY A 463 -6.42 -24.59 7.80
CA GLY A 463 -6.32 -25.78 8.63
C GLY A 463 -6.39 -27.03 7.79
N VAL A 464 -5.85 -28.11 8.32
CA VAL A 464 -5.80 -29.41 7.66
C VAL A 464 -6.36 -30.46 8.59
N ALA A 465 -7.16 -31.38 8.05
CA ALA A 465 -7.79 -32.42 8.85
C ALA A 465 -7.90 -33.67 8.00
N PRO A 466 -8.30 -34.80 8.61
CA PRO A 466 -8.64 -35.98 7.80
C PRO A 466 -10.14 -36.07 7.51
N THR A 467 -10.46 -36.64 6.35
CA THR A 467 -11.85 -36.79 5.93
C THR A 467 -11.94 -37.99 5.01
N ARG A 468 -13.18 -38.44 4.77
CA ARG A 468 -13.46 -39.63 3.98
C ARG A 468 -13.67 -39.35 2.49
N CYS A 469 -13.35 -38.15 2.03
CA CYS A 469 -13.58 -37.82 0.62
C CYS A 469 -12.60 -38.56 -0.27
N LYS A 470 -12.71 -38.31 -1.58
CA LYS A 470 -11.71 -38.70 -2.55
C LYS A 470 -11.93 -37.87 -3.80
N ARG A 471 -10.96 -37.02 -4.15
CA ARG A 471 -11.08 -36.16 -5.32
C ARG A 471 -10.92 -36.98 -6.60
N ALA B 6 -26.79 -11.19 24.58
CA ALA B 6 -25.42 -11.53 24.23
C ALA B 6 -25.30 -11.84 22.74
N VAL B 7 -24.06 -11.82 22.24
CA VAL B 7 -23.76 -12.05 20.84
C VAL B 7 -22.90 -13.31 20.72
N PHE B 8 -23.16 -14.29 21.59
CA PHE B 8 -22.38 -15.52 21.71
C PHE B 8 -21.96 -16.11 20.37
N LEU B 9 -22.86 -16.11 19.40
CA LEU B 9 -22.57 -16.61 18.06
C LEU B 9 -22.19 -15.45 17.15
N GLY B 10 -21.06 -15.59 16.46
CA GLY B 10 -20.58 -14.56 15.56
C GLY B 10 -19.06 -14.48 15.52
N PHE B 11 -18.51 -14.44 14.31
CA PHE B 11 -17.07 -14.41 14.11
C PHE B 11 -16.41 -15.61 14.80
N LEU B 12 -15.90 -15.41 16.02
CA LEU B 12 -15.15 -16.43 16.74
C LEU B 12 -16.00 -17.13 17.80
N GLY B 13 -17.33 -16.98 17.74
CA GLY B 13 -18.19 -17.59 18.74
C GLY B 13 -18.08 -19.11 18.79
N ALA B 14 -17.75 -19.74 17.65
CA ALA B 14 -17.63 -21.18 17.57
C ALA B 14 -16.24 -21.69 17.94
N ALA B 15 -15.41 -20.84 18.57
CA ALA B 15 -14.07 -21.27 18.95
C ALA B 15 -14.10 -22.41 19.96
N GLY B 16 -14.98 -22.33 20.95
CA GLY B 16 -15.09 -23.36 21.97
C GLY B 16 -15.89 -24.58 21.59
N SER B 17 -16.56 -24.55 20.45
CA SER B 17 -17.37 -25.68 20.02
C SER B 17 -16.48 -26.76 19.37
N THR B 18 -17.08 -27.91 19.11
CA THR B 18 -16.36 -29.01 18.48
C THR B 18 -16.07 -28.69 17.02
N MET B 19 -15.19 -29.49 16.42
CA MET B 19 -14.82 -29.27 15.02
C MET B 19 -16.02 -29.48 14.10
N GLY B 20 -16.84 -30.49 14.38
CA GLY B 20 -18.02 -30.71 13.57
C GLY B 20 -18.97 -29.52 13.60
N ALA B 21 -19.22 -28.98 14.80
CA ALA B 21 -20.08 -27.82 14.91
C ALA B 21 -19.38 -26.56 14.41
N ALA B 22 -18.06 -26.46 14.60
CA ALA B 22 -17.34 -25.26 14.16
C ALA B 22 -17.20 -25.18 12.64
N SER B 23 -17.27 -26.32 11.94
CA SER B 23 -17.14 -26.33 10.49
C SER B 23 -18.36 -25.76 9.78
N MET B 24 -19.47 -25.56 10.49
CA MET B 24 -20.69 -25.06 9.86
C MET B 24 -20.67 -23.56 9.64
N THR B 25 -19.74 -22.83 10.27
CA THR B 25 -19.72 -21.37 10.26
C THR B 25 -18.36 -20.83 9.84
N LEU B 26 -17.81 -21.37 8.75
CA LEU B 26 -16.53 -20.88 8.25
C LEU B 26 -16.67 -19.50 7.60
N THR B 27 -17.85 -19.18 7.08
CA THR B 27 -18.02 -17.95 6.31
C THR B 27 -17.86 -16.72 7.19
N VAL B 28 -18.29 -16.79 8.45
CA VAL B 28 -18.22 -15.62 9.32
C VAL B 28 -16.77 -15.24 9.58
N GLN B 29 -15.88 -16.24 9.71
CA GLN B 29 -14.45 -15.95 9.81
C GLN B 29 -13.88 -15.54 8.47
N ALA B 30 -14.37 -16.11 7.37
CA ALA B 30 -13.84 -15.79 6.06
C ALA B 30 -14.08 -14.33 5.70
N ARG B 31 -15.25 -13.79 6.04
CA ARG B 31 -15.61 -12.44 5.62
C ARG B 31 -14.66 -11.39 6.21
N ASN B 32 -14.36 -11.51 7.51
CA ASN B 32 -13.68 -10.43 8.23
C ASN B 32 -12.18 -10.38 8.00
N LEU B 33 -11.62 -11.34 7.27
CA LEU B 33 -10.18 -11.36 7.06
C LEU B 33 -9.67 -10.17 6.27
N LEU B 34 -10.52 -9.56 5.43
CA LEU B 34 -10.14 -8.38 4.67
C LEU B 34 -10.49 -7.08 5.37
N SER B 35 -11.67 -6.99 5.98
CA SER B 35 -12.08 -5.78 6.69
C SER B 35 -13.36 -6.03 7.48
N THR B 58 -1.93 12.88 11.56
CA THR B 58 -1.15 12.51 10.38
C THR B 58 -0.26 11.31 10.67
N VAL B 59 0.29 11.27 11.90
CA VAL B 59 1.17 10.17 12.28
C VAL B 59 0.40 8.86 12.36
N TRP B 60 -0.85 8.93 12.83
CA TRP B 60 -1.66 7.71 12.96
C TRP B 60 -1.97 7.11 11.60
N GLY B 61 -2.13 7.96 10.58
CA GLY B 61 -2.43 7.47 9.24
C GLY B 61 -1.34 6.57 8.70
N ILE B 62 -0.08 6.87 9.03
CA ILE B 62 1.03 6.05 8.56
C ILE B 62 0.93 4.65 9.15
N LYS B 63 0.65 4.57 10.45
CA LYS B 63 0.49 3.26 11.09
C LYS B 63 -0.69 2.50 10.50
N GLN B 64 -1.80 3.19 10.27
CA GLN B 64 -2.97 2.54 9.69
C GLN B 64 -2.67 2.02 8.28
N LEU B 65 -1.94 2.80 7.49
CA LEU B 65 -1.58 2.36 6.14
C LEU B 65 -0.65 1.16 6.19
N GLN B 66 0.31 1.16 7.11
CA GLN B 66 1.20 0.01 7.25
C GLN B 66 0.41 -1.25 7.63
N ALA B 67 -0.52 -1.11 8.58
CA ALA B 67 -1.33 -2.26 8.98
C ALA B 67 -2.18 -2.76 7.81
N ARG B 68 -2.77 -1.85 7.05
CA ARG B 68 -3.58 -2.25 5.90
C ARG B 68 -2.73 -2.97 4.86
N VAL B 69 -1.52 -2.48 4.60
CA VAL B 69 -0.63 -3.14 3.65
C VAL B 69 -0.30 -4.55 4.11
N LEU B 70 0.03 -4.70 5.40
CA LEU B 70 0.34 -6.03 5.92
C LEU B 70 -0.86 -6.97 5.83
N ALA B 71 -2.06 -6.45 6.14
CA ALA B 71 -3.25 -7.28 6.05
C ALA B 71 -3.52 -7.73 4.62
N VAL B 72 -3.35 -6.82 3.66
CA VAL B 72 -3.55 -7.18 2.26
C VAL B 72 -2.54 -8.23 1.82
N GLU B 73 -1.28 -8.07 2.24
CA GLU B 73 -0.27 -9.06 1.90
C GLU B 73 -0.61 -10.43 2.49
N ARG B 74 -1.05 -10.46 3.75
CA ARG B 74 -1.41 -11.73 4.37
C ARG B 74 -2.58 -12.38 3.64
N TYR B 75 -3.60 -11.60 3.29
CA TYR B 75 -4.74 -12.16 2.58
C TYR B 75 -4.33 -12.72 1.23
N LEU B 76 -3.48 -11.99 0.50
CA LEU B 76 -3.02 -12.48 -0.80
C LEU B 76 -2.19 -13.75 -0.65
N ARG B 77 -1.36 -13.82 0.40
CA ARG B 77 -0.58 -15.03 0.64
C ARG B 77 -1.49 -16.22 0.90
N ASP B 78 -2.52 -16.03 1.73
CA ASP B 78 -3.44 -17.12 2.02
C ASP B 78 -4.18 -17.55 0.75
N GLN B 79 -4.62 -16.59 -0.05
CA GLN B 79 -5.34 -16.92 -1.28
C GLN B 79 -4.44 -17.68 -2.25
N GLN B 80 -3.18 -17.26 -2.39
CA GLN B 80 -2.25 -17.96 -3.27
C GLN B 80 -2.01 -19.39 -2.78
N LEU B 81 -1.81 -19.55 -1.46
CA LEU B 81 -1.58 -20.89 -0.93
C LEU B 81 -2.77 -21.80 -1.18
N LEU B 82 -3.98 -21.27 -1.01
CA LEU B 82 -5.17 -22.05 -1.33
C LEU B 82 -5.24 -22.39 -2.82
N GLY B 83 -4.92 -21.42 -3.68
CA GLY B 83 -5.04 -21.65 -5.11
C GLY B 83 -4.06 -22.67 -5.64
N ILE B 84 -2.84 -22.69 -5.09
CA ILE B 84 -1.81 -23.60 -5.60
C ILE B 84 -2.23 -25.05 -5.41
N TRP B 85 -3.00 -25.34 -4.37
CA TRP B 85 -3.42 -26.72 -4.09
C TRP B 85 -4.63 -27.16 -4.90
N GLY B 86 -5.20 -26.27 -5.73
CA GLY B 86 -6.36 -26.62 -6.53
C GLY B 86 -7.70 -26.45 -5.85
N CYS B 87 -7.72 -25.92 -4.63
CA CYS B 87 -8.97 -25.66 -3.89
C CYS B 87 -9.39 -24.20 -4.00
N SER B 88 -9.13 -23.57 -5.15
CA SER B 88 -9.48 -22.18 -5.34
C SER B 88 -10.99 -21.98 -5.28
N GLY B 89 -11.41 -20.94 -4.57
CA GLY B 89 -12.83 -20.63 -4.46
C GLY B 89 -13.63 -21.70 -3.78
N LYS B 90 -13.10 -22.29 -2.70
CA LYS B 90 -13.80 -23.31 -1.95
C LYS B 90 -13.41 -23.20 -0.48
N LEU B 91 -14.40 -23.42 0.40
CA LEU B 91 -14.19 -23.38 1.84
C LEU B 91 -13.90 -24.75 2.43
N ILE B 92 -14.54 -25.80 1.92
CA ILE B 92 -14.33 -27.16 2.37
C ILE B 92 -14.00 -27.97 1.13
N CYS B 93 -12.71 -28.17 0.87
CA CYS B 93 -12.22 -28.84 -0.33
C CYS B 93 -11.32 -30.00 0.09
N CYS B 94 -11.74 -31.21 -0.24
CA CYS B 94 -10.91 -32.38 -0.03
C CYS B 94 -9.98 -32.59 -1.22
N THR B 95 -8.93 -33.39 -1.00
CA THR B 95 -7.86 -33.55 -1.98
C THR B 95 -7.46 -35.02 -2.06
N ASN B 96 -6.41 -35.29 -2.84
CA ASN B 96 -6.01 -36.63 -3.23
C ASN B 96 -4.91 -37.19 -2.32
N VAL B 97 -4.17 -36.35 -1.63
CA VAL B 97 -3.09 -36.82 -0.76
C VAL B 97 -3.70 -37.65 0.37
N PRO B 98 -3.27 -38.89 0.59
CA PRO B 98 -3.81 -39.66 1.71
C PRO B 98 -3.23 -39.22 3.04
N TRP B 99 -3.93 -39.60 4.11
CA TRP B 99 -3.51 -39.25 5.47
C TRP B 99 -2.57 -40.32 6.00
N ASN B 100 -1.40 -39.90 6.46
CA ASN B 100 -0.44 -40.82 7.06
C ASN B 100 -0.79 -41.05 8.52
N SER B 101 -0.79 -42.32 8.95
CA SER B 101 -1.13 -42.65 10.32
C SER B 101 -0.06 -42.20 11.31
N SER B 102 1.18 -41.99 10.85
CA SER B 102 2.24 -41.57 11.76
C SER B 102 1.97 -40.19 12.33
N TRP B 103 1.45 -39.27 11.50
CA TRP B 103 1.20 -37.92 11.97
C TRP B 103 0.17 -37.90 13.08
N SER B 104 -0.90 -38.67 12.94
CA SER B 104 -1.95 -38.75 13.95
C SER B 104 -2.55 -40.14 13.93
N ASN B 105 -2.89 -40.65 15.11
CA ASN B 105 -3.46 -41.98 15.27
C ASN B 105 -4.93 -41.97 15.69
N ARG B 106 -5.43 -40.85 16.19
CA ARG B 106 -6.83 -40.78 16.61
C ARG B 106 -7.76 -40.91 15.42
N ASN B 107 -8.89 -41.57 15.64
CA ASN B 107 -9.89 -41.78 14.60
C ASN B 107 -10.90 -40.64 14.59
N LEU B 108 -11.74 -40.63 13.54
CA LEU B 108 -12.74 -39.58 13.40
C LEU B 108 -13.77 -39.59 14.52
N SER B 109 -13.94 -40.72 15.21
CA SER B 109 -14.93 -40.80 16.28
C SER B 109 -14.59 -39.85 17.42
N GLU B 110 -13.31 -39.71 17.75
CA GLU B 110 -12.86 -38.86 18.85
C GLU B 110 -12.21 -37.57 18.38
N ILE B 111 -12.55 -37.11 17.17
CA ILE B 111 -11.95 -35.91 16.58
C ILE B 111 -13.04 -34.89 16.26
N TRP B 112 -13.96 -35.26 15.37
CA TRP B 112 -14.92 -34.31 14.83
C TRP B 112 -16.03 -33.95 15.81
N ASP B 113 -16.16 -34.67 16.93
CA ASP B 113 -17.15 -34.31 17.95
C ASP B 113 -16.60 -34.47 19.37
N ASN B 114 -15.30 -34.69 19.54
CA ASN B 114 -14.67 -34.82 20.85
C ASN B 114 -13.36 -34.04 20.89
N MET B 115 -13.33 -32.89 20.22
CA MET B 115 -12.13 -32.07 20.13
C MET B 115 -12.50 -30.73 19.53
N THR B 116 -11.71 -29.71 19.84
CA THR B 116 -11.86 -28.39 19.28
C THR B 116 -10.75 -28.11 18.28
N TRP B 117 -10.98 -27.12 17.42
CA TRP B 117 -10.00 -26.80 16.37
C TRP B 117 -8.68 -26.32 16.99
N LEU B 118 -8.77 -25.55 18.09
CA LEU B 118 -7.55 -25.08 18.74
C LEU B 118 -6.71 -26.24 19.24
N GLN B 119 -7.34 -27.24 19.85
CA GLN B 119 -6.60 -28.39 20.36
C GLN B 119 -5.93 -29.16 19.22
N TRP B 120 -6.65 -29.37 18.12
CA TRP B 120 -6.07 -30.08 16.98
C TRP B 120 -4.90 -29.31 16.38
N ASP B 121 -5.05 -27.99 16.23
CA ASP B 121 -3.97 -27.18 15.68
C ASP B 121 -2.75 -27.21 16.60
N LYS B 122 -2.97 -27.15 17.92
CA LYS B 122 -1.87 -27.25 18.86
C LYS B 122 -1.18 -28.61 18.75
N GLU B 123 -1.96 -29.67 18.60
CA GLU B 123 -1.39 -31.01 18.53
C GLU B 123 -0.57 -31.21 17.26
N ILE B 124 -1.06 -30.71 16.12
CA ILE B 124 -0.48 -31.02 14.82
C ILE B 124 0.22 -29.80 14.21
N SER B 125 0.63 -28.84 15.03
CA SER B 125 1.37 -27.69 14.51
C SER B 125 2.74 -28.09 13.95
N ASN B 126 3.26 -29.25 14.34
CA ASN B 126 4.60 -29.64 13.92
C ASN B 126 4.59 -30.12 12.46
N TYR B 127 3.54 -30.83 12.06
CA TYR B 127 3.54 -31.59 10.80
C TYR B 127 2.81 -30.84 9.69
N THR B 128 2.98 -29.52 9.61
CA THR B 128 2.17 -28.72 8.69
C THR B 128 2.75 -28.71 7.27
N GLN B 129 4.06 -28.45 7.14
CA GLN B 129 4.62 -28.14 5.82
C GLN B 129 4.62 -29.36 4.89
N ILE B 130 4.80 -30.56 5.43
CA ILE B 130 4.89 -31.75 4.59
C ILE B 130 3.60 -31.97 3.82
N ILE B 131 2.46 -31.79 4.48
CA ILE B 131 1.17 -31.94 3.80
C ILE B 131 1.03 -30.90 2.70
N TYR B 132 1.48 -29.68 2.96
CA TYR B 132 1.42 -28.62 1.95
C TYR B 132 2.22 -29.00 0.72
N GLY B 133 3.44 -29.50 0.93
CA GLY B 133 4.26 -29.92 -0.20
C GLY B 133 3.64 -31.08 -0.96
N LEU B 134 3.06 -32.04 -0.24
CA LEU B 134 2.41 -33.16 -0.90
C LEU B 134 1.23 -32.69 -1.75
N LEU B 135 0.42 -31.78 -1.23
CA LEU B 135 -0.68 -31.23 -2.01
C LEU B 135 -0.17 -30.51 -3.25
N GLU B 136 0.87 -29.70 -3.10
CA GLU B 136 1.40 -28.94 -4.23
C GLU B 136 1.92 -29.86 -5.32
N GLU B 137 2.65 -30.91 -4.94
CA GLU B 137 3.18 -31.82 -5.97
C GLU B 137 2.08 -32.72 -6.53
N SER B 138 0.99 -32.94 -5.79
CA SER B 138 -0.10 -33.76 -6.30
C SER B 138 -0.94 -33.01 -7.33
N GLN B 139 -1.13 -31.69 -7.15
CA GLN B 139 -2.00 -30.95 -8.05
C GLN B 139 -1.47 -30.95 -9.48
N ASN B 140 -0.15 -30.81 -9.65
CA ASN B 140 0.43 -30.72 -10.98
C ASN B 140 0.24 -32.02 -11.76
N GLN B 141 0.34 -33.16 -11.09
CA GLN B 141 0.13 -34.43 -11.76
C GLN B 141 -1.30 -34.55 -12.30
N GLN B 142 -2.28 -34.11 -11.50
CA GLN B 142 -3.66 -34.12 -11.97
C GLN B 142 -3.83 -33.20 -13.17
N GLU B 143 -3.22 -32.02 -13.13
CA GLU B 143 -3.32 -31.10 -14.27
C GLU B 143 -2.71 -31.72 -15.53
N LYS B 144 -1.54 -32.36 -15.39
CA LYS B 144 -0.89 -32.99 -16.54
C LYS B 144 -1.74 -34.12 -17.09
N ASN B 145 -2.33 -34.93 -16.20
CA ASN B 145 -3.16 -36.03 -16.66
C ASN B 145 -4.41 -35.51 -17.38
N GLU B 146 -5.00 -34.42 -16.87
CA GLU B 146 -6.15 -33.84 -17.54
C GLU B 146 -5.78 -33.34 -18.93
N GLN B 147 -4.62 -32.68 -19.05
CA GLN B 147 -4.19 -32.22 -20.37
C GLN B 147 -3.98 -33.40 -21.31
N ASP B 148 -3.36 -34.47 -20.82
CA ASP B 148 -3.13 -35.65 -21.66
C ASP B 148 -4.45 -36.27 -22.10
N LEU B 149 -5.43 -36.36 -21.20
CA LEU B 149 -6.73 -36.91 -21.57
C LEU B 149 -7.42 -36.04 -22.61
N LEU B 150 -7.37 -34.72 -22.44
CA LEU B 150 -8.00 -33.83 -23.41
C LEU B 150 -7.25 -33.79 -24.73
N ALA B 151 -5.98 -34.21 -24.76
CA ALA B 151 -5.24 -34.25 -26.02
C ALA B 151 -5.88 -35.24 -26.99
N LEU B 152 -6.32 -36.38 -26.50
CA LEU B 152 -6.95 -37.40 -27.34
C LEU B 152 -8.22 -36.85 -27.98
N ALA C 1 -4.12 -30.07 -40.43
CA ALA C 1 -3.24 -31.17 -40.09
C ALA C 1 -2.58 -30.92 -38.73
N GLU C 2 -1.98 -29.75 -38.57
CA GLU C 2 -1.32 -29.42 -37.30
C GLU C 2 -2.33 -29.34 -36.16
N ASN C 3 -3.49 -28.74 -36.43
CA ASN C 3 -4.63 -28.68 -35.49
C ASN C 3 -4.20 -28.26 -34.09
N LEU C 4 -3.36 -27.23 -34.02
CA LEU C 4 -2.87 -26.70 -32.76
C LEU C 4 -3.78 -25.60 -32.23
N TRP C 5 -3.71 -25.38 -30.92
CA TRP C 5 -4.48 -24.34 -30.25
C TRP C 5 -3.57 -23.63 -29.26
N VAL C 6 -3.93 -22.38 -28.94
CA VAL C 6 -3.14 -21.61 -27.99
C VAL C 6 -3.31 -22.17 -26.60
N THR C 7 -2.28 -22.01 -25.77
CA THR C 7 -2.29 -22.47 -24.39
C THR C 7 -1.48 -21.52 -23.54
N VAL C 8 -2.00 -21.21 -22.35
CA VAL C 8 -1.41 -20.24 -21.44
C VAL C 8 -0.67 -20.99 -20.35
N TYR C 9 0.59 -20.60 -20.13
CA TYR C 9 1.44 -21.14 -19.07
C TYR C 9 1.78 -20.03 -18.10
N TYR C 10 1.57 -20.30 -16.81
CA TYR C 10 1.90 -19.37 -15.73
C TYR C 10 3.12 -19.88 -14.99
N GLY C 11 4.11 -19.02 -14.84
CA GLY C 11 5.37 -19.39 -14.24
C GLY C 11 6.44 -19.78 -15.24
N VAL C 12 6.46 -19.16 -16.42
CA VAL C 12 7.50 -19.47 -17.41
C VAL C 12 8.79 -18.79 -16.98
N PRO C 13 9.95 -19.47 -17.02
CA PRO C 13 11.21 -18.79 -16.61
C PRO C 13 11.76 -17.86 -17.69
N VAL C 14 11.21 -16.64 -17.73
CA VAL C 14 11.63 -15.60 -18.64
C VAL C 14 11.79 -14.30 -17.86
N TRP C 15 12.86 -13.57 -18.16
CA TRP C 15 13.18 -12.32 -17.47
C TRP C 15 13.52 -11.24 -18.49
N LYS C 16 13.34 -9.99 -18.07
CA LYS C 16 13.65 -8.83 -18.89
C LYS C 16 14.36 -7.80 -18.05
N ASP C 17 15.18 -6.98 -18.70
CA ASP C 17 15.90 -5.91 -17.99
C ASP C 17 14.91 -4.88 -17.47
N ALA C 18 15.17 -4.40 -16.25
CA ALA C 18 14.28 -3.44 -15.62
C ALA C 18 15.04 -2.72 -14.51
N GLU C 19 14.42 -1.66 -14.00
CA GLU C 19 14.96 -0.87 -12.90
C GLU C 19 13.94 -0.82 -11.78
N THR C 20 14.41 -0.95 -10.54
CA THR C 20 13.53 -0.94 -9.38
C THR C 20 14.30 -0.35 -8.20
N THR C 21 13.73 -0.47 -7.01
CA THR C 21 14.32 0.05 -5.78
C THR C 21 14.68 -1.12 -4.88
N LEU C 22 15.94 -1.17 -4.45
CA LEU C 22 16.44 -2.21 -3.56
C LEU C 22 16.42 -1.72 -2.12
N PHE C 23 16.51 -2.66 -1.19
CA PHE C 23 16.41 -2.37 0.24
C PHE C 23 17.53 -3.08 1.00
N CYS C 24 17.59 -2.81 2.30
CA CYS C 24 18.71 -3.20 3.13
C CYS C 24 18.75 -4.69 3.40
N ALA C 25 19.95 -5.14 3.77
CA ALA C 25 20.13 -6.39 4.51
C ALA C 25 21.50 -6.30 5.17
N SER C 26 21.53 -6.26 6.50
CA SER C 26 22.76 -6.04 7.24
C SER C 26 22.80 -6.97 8.45
N ASP C 27 24.01 -7.23 8.93
CA ASP C 27 24.21 -8.12 10.07
C ASP C 27 23.86 -7.41 11.37
N HIS C 36 25.82 3.71 17.28
CA HIS C 36 25.70 4.97 16.54
C HIS C 36 26.75 5.05 15.43
N ASN C 37 26.27 5.14 14.19
CA ASN C 37 27.16 5.25 13.04
C ASN C 37 26.44 6.02 11.94
N VAL C 38 27.22 6.56 11.01
CA VAL C 38 26.66 7.37 9.93
C VAL C 38 25.81 6.50 9.02
N TRP C 39 26.28 5.28 8.71
CA TRP C 39 25.55 4.36 7.85
C TRP C 39 24.55 3.63 8.73
N ALA C 40 23.38 4.23 8.91
CA ALA C 40 22.39 3.74 9.86
C ALA C 40 21.89 2.35 9.51
N THR C 41 22.24 1.37 10.35
CA THR C 41 21.71 0.02 10.24
C THR C 41 20.44 -0.19 11.05
N HIS C 42 19.98 0.83 11.79
CA HIS C 42 18.77 0.69 12.58
C HIS C 42 17.56 0.47 11.69
N ALA C 43 17.47 1.22 10.58
CA ALA C 43 16.37 1.11 9.63
C ALA C 43 16.67 0.12 8.50
N CYS C 44 17.60 -0.81 8.72
CA CYS C 44 18.00 -1.80 7.73
C CYS C 44 17.62 -3.18 8.22
N VAL C 45 17.08 -3.99 7.30
CA VAL C 45 16.56 -5.32 7.65
C VAL C 45 17.71 -6.22 8.06
N PRO C 46 17.52 -7.18 8.97
CA PRO C 46 18.60 -8.13 9.26
C PRO C 46 18.87 -9.05 8.07
N THR C 47 20.12 -9.52 8.00
CA THR C 47 20.54 -10.46 6.97
C THR C 47 20.31 -11.90 7.43
N ASP C 48 19.97 -12.75 6.48
CA ASP C 48 19.81 -14.18 6.78
C ASP C 48 21.16 -14.78 7.11
N PRO C 49 21.27 -15.62 8.15
CA PRO C 49 22.58 -16.20 8.48
C PRO C 49 23.11 -17.15 7.41
N ASN C 50 22.24 -17.69 6.55
CA ASN C 50 22.62 -18.66 5.54
C ASN C 50 22.08 -18.20 4.19
N PRO C 51 22.78 -17.27 3.51
CA PRO C 51 22.28 -16.80 2.21
C PRO C 51 22.27 -17.92 1.19
N GLN C 52 21.33 -17.83 0.24
CA GLN C 52 21.10 -18.84 -0.77
C GLN C 52 21.40 -18.28 -2.16
N GLU C 53 22.06 -19.08 -2.98
CA GLU C 53 22.37 -18.73 -4.36
C GLU C 53 22.09 -19.94 -5.25
N ILE C 54 21.55 -19.69 -6.43
CA ILE C 54 21.15 -20.75 -7.36
C ILE C 54 21.90 -20.54 -8.66
N HIS C 55 22.86 -21.41 -8.94
CA HIS C 55 23.60 -21.34 -10.19
C HIS C 55 22.72 -21.80 -11.34
N LEU C 56 22.65 -21.01 -12.41
CA LEU C 56 21.83 -21.31 -13.57
C LEU C 56 22.69 -22.06 -14.58
N GLU C 57 22.31 -23.29 -14.88
CA GLU C 57 23.09 -24.14 -15.77
C GLU C 57 22.77 -23.82 -17.23
N ASN C 58 23.82 -23.64 -18.04
CA ASN C 58 23.68 -23.38 -19.46
C ASN C 58 22.87 -22.11 -19.73
N VAL C 59 23.18 -21.04 -19.00
CA VAL C 59 22.55 -19.74 -19.17
C VAL C 59 23.65 -18.69 -19.30
N THR C 60 23.64 -17.97 -20.42
CA THR C 60 24.58 -16.89 -20.69
C THR C 60 23.80 -15.58 -20.78
N GLU C 61 24.33 -14.54 -20.12
CA GLU C 61 23.64 -13.26 -20.01
C GLU C 61 24.57 -12.11 -20.36
N GLU C 62 24.01 -11.09 -20.99
CA GLU C 62 24.77 -9.89 -21.34
C GLU C 62 24.96 -9.03 -20.10
N PHE C 63 26.16 -8.45 -19.96
CA PHE C 63 26.50 -7.60 -18.84
C PHE C 63 27.22 -6.35 -19.34
N ASN C 64 27.00 -5.24 -18.65
CA ASN C 64 27.66 -3.98 -18.97
C ASN C 64 27.75 -3.17 -17.68
N MET C 65 28.97 -3.01 -17.16
CA MET C 65 29.16 -2.35 -15.87
C MET C 65 28.96 -0.84 -15.94
N TRP C 66 29.03 -0.25 -17.14
CA TRP C 66 28.96 1.20 -17.28
C TRP C 66 27.54 1.73 -17.49
N LYS C 67 26.53 0.85 -17.44
CA LYS C 67 25.13 1.26 -17.56
C LYS C 67 24.31 0.71 -16.40
N ASN C 68 24.92 0.60 -15.22
CA ASN C 68 24.25 0.03 -14.06
C ASN C 68 23.55 1.12 -13.27
N ASN C 69 22.24 0.95 -13.07
CA ASN C 69 21.48 1.87 -12.21
C ASN C 69 21.75 1.63 -10.73
N MET C 70 22.33 0.48 -10.38
CA MET C 70 22.65 0.20 -8.98
C MET C 70 23.66 1.20 -8.45
N VAL C 71 24.60 1.63 -9.30
CA VAL C 71 25.59 2.63 -8.86
C VAL C 71 24.90 3.95 -8.53
N GLU C 72 23.97 4.38 -9.39
CA GLU C 72 23.24 5.63 -9.11
C GLU C 72 22.41 5.50 -7.85
N GLN C 73 21.74 4.36 -7.67
CA GLN C 73 20.94 4.16 -6.46
C GLN C 73 21.82 4.19 -5.21
N MET C 74 22.99 3.54 -5.27
CA MET C 74 23.90 3.54 -4.12
C MET C 74 24.39 4.95 -3.82
N HIS C 75 24.74 5.72 -4.85
CA HIS C 75 25.21 7.08 -4.64
C HIS C 75 24.11 7.92 -3.99
N THR C 76 22.89 7.83 -4.49
CA THR C 76 21.79 8.60 -3.93
C THR C 76 21.52 8.20 -2.49
N ASP C 77 21.51 6.90 -2.21
CA ASP C 77 21.26 6.43 -0.85
C ASP C 77 22.35 6.88 0.10
N ILE C 78 23.62 6.82 -0.33
CA ILE C 78 24.71 7.25 0.53
C ILE C 78 24.61 8.73 0.82
N ILE C 79 24.30 9.54 -0.20
CA ILE C 79 24.16 10.98 0.03
C ILE C 79 23.00 11.25 0.97
N SER C 80 21.88 10.55 0.80
CA SER C 80 20.73 10.76 1.67
C SER C 80 21.06 10.39 3.11
N LEU C 81 21.76 9.27 3.33
CA LEU C 81 22.14 8.89 4.68
C LEU C 81 23.10 9.90 5.30
N TRP C 82 24.05 10.39 4.50
CA TRP C 82 24.98 11.39 5.01
C TRP C 82 24.24 12.66 5.42
N ASP C 83 23.29 13.10 4.60
CA ASP C 83 22.50 14.29 4.96
C ASP C 83 21.67 14.04 6.21
N GLN C 84 21.08 12.85 6.33
CA GLN C 84 20.24 12.54 7.49
C GLN C 84 21.05 12.52 8.77
N SER C 85 22.27 11.97 8.72
CA SER C 85 23.05 11.79 9.93
C SER C 85 23.40 13.12 10.59
N LEU C 86 23.60 14.17 9.80
CA LEU C 86 24.04 15.46 10.30
C LEU C 86 22.89 16.35 10.77
N LYS C 87 21.64 15.92 10.61
CA LYS C 87 20.51 16.77 10.97
C LYS C 87 20.49 17.10 12.47
N PRO C 88 20.57 16.13 13.39
CA PRO C 88 20.56 16.48 14.83
C PRO C 88 21.97 16.75 15.38
N CYS C 89 22.54 17.88 14.99
CA CYS C 89 23.86 18.28 15.45
C CYS C 89 23.93 19.80 15.52
N VAL C 90 24.92 20.29 16.27
CA VAL C 90 25.06 21.71 16.51
C VAL C 90 25.45 22.42 15.22
N LYS C 91 24.93 23.63 15.03
CA LYS C 91 25.27 24.49 13.90
C LYS C 91 26.25 25.55 14.39
N LEU C 92 27.41 25.65 13.72
CA LEU C 92 28.46 26.59 14.12
C LEU C 92 28.30 27.92 13.36
N THR C 93 27.19 28.60 13.66
CA THR C 93 26.93 29.92 13.10
C THR C 93 27.70 31.01 13.83
N PRO C 94 27.75 31.04 15.16
CA PRO C 94 28.49 32.12 15.84
C PRO C 94 29.98 32.12 15.57
N LEU C 95 30.55 31.02 15.07
CA LEU C 95 31.98 30.92 14.89
C LEU C 95 32.53 31.93 13.88
N CYS C 96 31.69 32.52 13.05
CA CYS C 96 32.15 33.49 12.04
C CYS C 96 32.40 34.83 12.74
N VAL C 97 33.58 34.94 13.33
CA VAL C 97 34.01 36.15 14.03
C VAL C 97 35.44 36.45 13.63
N THR C 98 35.87 37.69 13.88
CA THR C 98 37.22 38.11 13.56
C THR C 98 38.21 37.45 14.51
N LEU C 99 39.03 36.55 13.99
CA LEU C 99 40.06 35.87 14.77
C LEU C 99 41.35 36.68 14.76
N GLN C 100 42.12 36.54 15.84
CA GLN C 100 43.46 37.12 15.94
C GLN C 100 44.44 35.98 16.15
N CYS C 101 45.26 35.70 15.14
CA CYS C 101 46.10 34.50 15.13
C CYS C 101 47.57 34.84 15.06
N THR C 102 48.37 33.95 15.64
CA THR C 102 49.82 34.04 15.63
C THR C 102 50.41 32.69 15.25
N ASN C 103 51.69 32.70 14.88
CA ASN C 103 52.39 31.49 14.50
C ASN C 103 52.77 30.68 15.74
N VAL C 104 52.65 29.36 15.62
CA VAL C 104 53.07 28.45 16.69
C VAL C 104 54.56 28.18 16.53
N THR C 105 55.32 28.44 17.58
CA THR C 105 56.78 28.30 17.59
C THR C 105 57.21 27.54 18.85
N ASN C 106 56.57 26.38 19.05
CA ASN C 106 56.83 25.52 20.20
C ASN C 106 57.10 24.10 19.70
N ASN C 107 58.38 23.75 19.54
CA ASN C 107 58.81 22.39 19.24
C ASN C 107 58.18 21.89 17.93
N ILE C 108 58.59 22.55 16.84
CA ILE C 108 58.18 22.18 15.50
C ILE C 108 59.43 21.93 14.66
N THR C 109 59.26 21.11 13.62
CA THR C 109 60.35 20.76 12.73
C THR C 109 60.41 21.75 11.56
N ASP C 110 61.25 21.45 10.56
CA ASP C 110 61.45 22.37 9.45
C ASP C 110 60.36 22.29 8.39
N ASP C 111 59.47 21.30 8.44
CA ASP C 111 58.43 21.11 7.44
C ASP C 111 57.05 21.54 7.91
N MET C 112 56.82 21.64 9.21
CA MET C 112 55.53 22.02 9.78
C MET C 112 55.53 23.44 10.32
N ARG C 113 56.39 24.31 9.80
CA ARG C 113 56.43 25.71 10.19
C ARG C 113 55.30 26.45 9.48
N GLY C 114 54.43 27.10 10.26
CA GLY C 114 53.29 27.79 9.71
C GLY C 114 52.09 26.91 9.41
N GLU C 115 52.19 25.61 9.64
CA GLU C 115 51.05 24.72 9.42
C GLU C 115 49.97 24.87 10.47
N LEU C 116 50.32 25.39 11.65
CA LEU C 116 49.38 25.58 12.75
C LEU C 116 49.36 27.05 13.15
N LYS C 117 48.17 27.54 13.50
CA LYS C 117 47.98 28.92 13.93
C LYS C 117 47.26 28.93 15.27
N ASN C 118 47.80 29.68 16.21
CA ASN C 118 47.20 29.86 17.54
C ASN C 118 46.33 31.10 17.49
N CYS C 119 45.01 30.91 17.54
CA CYS C 119 44.04 31.98 17.34
C CYS C 119 43.30 32.27 18.63
N SER C 120 42.90 33.53 18.80
CA SER C 120 42.09 33.98 19.91
C SER C 120 40.92 34.79 19.38
N PHE C 121 39.79 34.71 20.07
CA PHE C 121 38.58 35.38 19.62
C PHE C 121 37.57 35.42 20.76
N ASN C 122 36.63 36.37 20.64
CA ASN C 122 35.48 36.42 21.54
C ASN C 122 34.41 35.45 21.06
N MET C 123 33.55 35.05 21.99
CA MET C 123 32.47 34.12 21.68
C MET C 123 31.32 34.36 22.65
N THR C 124 30.13 33.92 22.24
CA THR C 124 28.95 34.06 23.08
C THR C 124 29.02 33.06 24.23
N THR C 125 28.01 33.11 25.09
CA THR C 125 27.92 32.25 26.26
C THR C 125 26.46 31.81 26.42
N GLU C 126 26.20 31.03 27.47
CA GLU C 126 24.84 30.57 27.72
C GLU C 126 23.90 31.76 27.96
N LEU C 127 24.38 32.78 28.65
CA LEU C 127 23.61 34.00 28.85
C LEU C 127 23.68 34.87 27.61
N ARG C 128 22.54 35.47 27.25
CA ARG C 128 22.47 36.25 26.01
C ARG C 128 23.28 37.54 26.09
N ASP C 129 23.55 38.05 27.29
CA ASP C 129 24.20 39.33 27.47
C ASP C 129 25.61 39.19 28.07
N LYS C 130 26.31 38.12 27.73
CA LYS C 130 27.66 37.88 28.22
C LYS C 130 28.52 37.34 27.09
N LYS C 131 29.82 37.65 27.15
CA LYS C 131 30.79 37.20 26.18
C LYS C 131 32.02 36.66 26.91
N GLN C 132 32.76 35.77 26.22
CA GLN C 132 33.95 35.15 26.78
C GLN C 132 35.05 35.13 25.73
N LYS C 133 36.26 35.46 26.16
CA LYS C 133 37.44 35.37 25.28
C LYS C 133 38.03 33.99 25.39
N VAL C 134 38.26 33.34 24.25
CA VAL C 134 38.78 31.99 24.19
C VAL C 134 39.85 31.92 23.10
N TYR C 135 40.56 30.79 23.08
CA TYR C 135 41.61 30.56 22.10
C TYR C 135 41.53 29.11 21.62
N SER C 136 42.18 28.86 20.49
CA SER C 136 42.16 27.55 19.86
C SER C 136 43.36 27.43 18.93
N LEU C 137 43.56 26.24 18.40
CA LEU C 137 44.59 25.96 17.40
C LEU C 137 43.89 25.53 16.11
N PHE C 138 44.27 26.15 15.00
CA PHE C 138 43.67 25.90 13.70
C PHE C 138 44.75 25.54 12.70
N TYR C 139 44.32 24.84 11.64
CA TYR C 139 45.22 24.49 10.55
C TYR C 139 45.26 25.62 9.53
N ARG C 140 46.41 25.76 8.85
CA ARG C 140 46.59 26.84 7.89
C ARG C 140 45.60 26.72 6.75
N LEU C 141 45.17 25.51 6.41
CA LEU C 141 44.21 25.31 5.33
C LEU C 141 42.80 25.76 5.70
N ASP C 142 42.53 26.03 6.98
CA ASP C 142 41.19 26.38 7.43
C ASP C 142 41.00 27.88 7.63
N VAL C 143 42.07 28.64 7.80
CA VAL C 143 42.00 30.08 8.09
C VAL C 143 42.59 30.84 6.91
N VAL C 144 41.90 31.90 6.49
CA VAL C 144 42.33 32.77 5.41
C VAL C 144 42.42 34.19 5.95
N GLN C 145 43.49 34.89 5.59
CA GLN C 145 43.69 36.25 6.05
C GLN C 145 42.62 37.17 5.49
N ILE C 146 42.11 38.07 6.33
CA ILE C 146 41.06 39.00 5.95
C ILE C 146 41.67 40.33 5.53
N LYS C 159 47.15 40.43 10.66
CA LYS C 159 47.02 39.62 11.87
C LYS C 159 45.56 39.30 12.18
N GLU C 160 44.71 39.33 11.15
CA GLU C 160 43.30 39.00 11.26
C GLU C 160 42.94 37.95 10.24
N TYR C 161 42.25 36.91 10.68
CA TYR C 161 41.91 35.76 9.84
C TYR C 161 40.45 35.40 10.04
N ARG C 162 39.93 34.59 9.11
CA ARG C 162 38.55 34.11 9.20
C ARG C 162 38.49 32.71 8.59
N LEU C 163 37.46 31.97 8.99
CA LEU C 163 37.26 30.63 8.45
C LEU C 163 36.93 30.72 6.96
N ILE C 164 37.44 29.75 6.20
CA ILE C 164 37.27 29.76 4.75
C ILE C 164 35.79 29.66 4.36
N ASN C 165 34.98 29.00 5.19
CA ASN C 165 33.59 28.76 4.88
C ASN C 165 32.67 29.92 5.26
N CYS C 166 33.20 31.00 5.85
CA CYS C 166 32.34 32.06 6.33
C CYS C 166 31.63 32.78 5.18
N ASN C 167 32.33 33.01 4.07
CA ASN C 167 31.77 33.73 2.94
C ASN C 167 31.05 32.83 1.95
N THR C 168 30.89 31.53 2.25
CA THR C 168 30.16 30.60 1.41
C THR C 168 28.84 30.20 2.03
N SER C 169 28.84 29.67 3.26
CA SER C 169 27.62 29.32 3.95
C SER C 169 27.97 28.94 5.39
N ALA C 170 27.04 29.22 6.30
CA ALA C 170 27.17 28.72 7.66
C ALA C 170 26.86 27.24 7.69
N CYS C 171 27.76 26.47 8.29
CA CYS C 171 27.68 25.01 8.23
C CYS C 171 27.95 24.44 9.61
N THR C 172 27.65 23.14 9.75
CA THR C 172 27.48 22.53 11.06
C THR C 172 28.74 21.79 11.52
N GLN C 173 28.62 21.11 12.66
CA GLN C 173 29.68 20.33 13.27
C GLN C 173 29.18 18.89 13.41
N ALA C 174 30.02 17.94 13.01
CA ALA C 174 29.67 16.53 13.18
C ALA C 174 29.59 16.18 14.66
N CYS C 175 28.55 15.45 15.03
CA CYS C 175 28.38 15.06 16.42
C CYS C 175 29.50 14.08 16.82
N PRO C 176 30.03 14.16 18.04
CA PRO C 176 31.18 13.33 18.40
C PRO C 176 30.85 11.88 18.66
N LYS C 177 29.60 11.54 18.94
CA LYS C 177 29.25 10.16 19.30
C LYS C 177 29.24 9.24 18.09
N VAL C 178 28.82 9.72 16.93
CA VAL C 178 28.73 8.87 15.75
C VAL C 178 30.13 8.52 15.25
N SER C 179 30.23 7.36 14.58
CA SER C 179 31.49 6.85 14.07
C SER C 179 31.42 6.76 12.55
N PHE C 180 32.55 7.04 11.90
CA PHE C 180 32.65 7.02 10.44
C PHE C 180 33.13 5.68 9.90
N GLU C 181 33.22 4.65 10.74
CA GLU C 181 33.70 3.36 10.29
C GLU C 181 32.71 2.77 9.27
N PRO C 182 33.16 2.39 8.07
CA PRO C 182 32.24 1.72 7.15
C PRO C 182 31.76 0.39 7.71
N ILE C 183 30.51 0.06 7.36
CA ILE C 183 29.89 -1.20 7.76
C ILE C 183 29.39 -1.89 6.50
N PRO C 184 29.63 -3.18 6.29
CA PRO C 184 29.11 -3.84 5.08
C PRO C 184 27.59 -3.78 5.03
N ILE C 185 27.06 -3.56 3.83
CA ILE C 185 25.62 -3.52 3.59
C ILE C 185 25.33 -4.37 2.35
N HIS C 186 24.26 -5.16 2.42
CA HIS C 186 23.79 -5.96 1.31
C HIS C 186 22.52 -5.34 0.74
N TYR C 187 22.39 -5.38 -0.58
CA TYR C 187 21.24 -4.84 -1.29
C TYR C 187 20.37 -5.99 -1.78
N CYS C 188 19.06 -5.91 -1.52
CA CYS C 188 18.12 -6.95 -1.89
C CYS C 188 17.00 -6.37 -2.74
N ALA C 189 16.61 -7.10 -3.78
CA ALA C 189 15.54 -6.69 -4.68
C ALA C 189 14.19 -7.11 -4.14
N PRO C 190 13.09 -6.50 -4.59
CA PRO C 190 11.77 -6.87 -4.08
C PRO C 190 11.26 -8.14 -4.74
N ALA C 191 10.06 -8.56 -4.32
CA ALA C 191 9.42 -9.72 -4.92
C ALA C 191 9.07 -9.46 -6.37
N GLY C 192 9.13 -10.51 -7.18
CA GLY C 192 8.90 -10.40 -8.60
C GLY C 192 10.12 -9.99 -9.41
N PHE C 193 11.24 -9.72 -8.76
CA PHE C 193 12.50 -9.37 -9.41
C PHE C 193 13.58 -10.35 -8.97
N ALA C 194 14.73 -10.28 -9.65
CA ALA C 194 15.85 -11.16 -9.35
C ALA C 194 17.15 -10.42 -9.64
N ILE C 195 18.21 -10.86 -8.97
CA ILE C 195 19.55 -10.32 -9.14
C ILE C 195 20.42 -11.41 -9.73
N LEU C 196 21.01 -11.13 -10.89
CA LEU C 196 21.89 -12.05 -11.59
C LEU C 196 23.34 -11.66 -11.35
N LYS C 197 24.15 -12.65 -11.00
CA LYS C 197 25.57 -12.50 -10.70
C LYS C 197 26.39 -13.35 -11.67
N CYS C 198 27.45 -12.75 -12.19
CA CYS C 198 28.35 -13.42 -13.13
C CYS C 198 29.51 -14.02 -12.36
N LYS C 199 29.60 -15.36 -12.35
CA LYS C 199 30.65 -16.08 -11.65
C LYS C 199 31.86 -16.38 -12.54
N ASP C 200 31.86 -15.90 -13.78
CA ASP C 200 32.94 -16.19 -14.71
C ASP C 200 34.14 -15.32 -14.37
N LYS C 201 35.22 -15.94 -13.92
CA LYS C 201 36.46 -15.20 -13.71
C LYS C 201 36.99 -14.71 -15.05
N LYS C 202 37.90 -13.73 -14.99
CA LYS C 202 38.49 -12.98 -16.10
C LYS C 202 37.44 -12.20 -16.88
N PHE C 203 36.21 -12.08 -16.38
CA PHE C 203 35.21 -11.23 -17.02
C PHE C 203 35.54 -9.76 -16.77
N ASN C 204 35.54 -8.96 -17.83
CA ASN C 204 36.04 -7.59 -17.78
C ASN C 204 34.90 -6.57 -17.71
N GLY C 205 33.72 -6.96 -17.25
CA GLY C 205 32.64 -6.03 -17.00
C GLY C 205 31.79 -5.67 -18.19
N THR C 206 32.07 -6.21 -19.38
CA THR C 206 31.28 -5.92 -20.56
C THR C 206 31.31 -7.13 -21.48
N GLY C 207 30.14 -7.63 -21.86
CA GLY C 207 30.03 -8.73 -22.78
C GLY C 207 29.14 -9.85 -22.28
N PRO C 208 29.16 -11.00 -22.96
CA PRO C 208 28.35 -12.14 -22.51
C PRO C 208 29.05 -12.99 -21.46
N CYS C 209 28.48 -13.07 -20.26
CA CYS C 209 28.99 -13.95 -19.22
C CYS C 209 28.28 -15.30 -19.33
N PRO C 210 29.02 -16.43 -19.47
CA PRO C 210 28.34 -17.71 -19.66
C PRO C 210 27.95 -18.39 -18.35
N SER C 211 28.64 -18.05 -17.26
CA SER C 211 28.38 -18.63 -15.95
C SER C 211 27.60 -17.61 -15.13
N VAL C 212 26.33 -17.94 -14.83
CA VAL C 212 25.41 -17.01 -14.19
C VAL C 212 24.76 -17.69 -13.00
N SER C 213 24.35 -16.89 -12.02
CA SER C 213 23.62 -17.38 -10.87
C SER C 213 22.62 -16.33 -10.43
N THR C 214 21.60 -16.77 -9.70
CA THR C 214 20.59 -15.91 -9.12
C THR C 214 20.83 -15.82 -7.62
N VAL C 215 20.85 -14.59 -7.10
CA VAL C 215 21.11 -14.33 -5.69
C VAL C 215 20.01 -13.43 -5.15
N GLN C 216 19.53 -13.75 -3.94
CA GLN C 216 18.51 -12.92 -3.32
C GLN C 216 19.07 -11.57 -2.92
N CYS C 217 20.32 -11.53 -2.45
CA CYS C 217 20.96 -10.31 -2.02
C CYS C 217 22.43 -10.34 -2.42
N THR C 218 23.02 -9.15 -2.51
CA THR C 218 24.42 -9.01 -2.87
C THR C 218 25.32 -9.23 -1.65
N HIS C 219 26.61 -9.35 -1.91
CA HIS C 219 27.59 -9.51 -0.85
C HIS C 219 27.83 -8.18 -0.13
N GLY C 220 28.45 -8.26 1.04
CA GLY C 220 28.74 -7.08 1.82
C GLY C 220 29.65 -6.10 1.10
N ILE C 221 29.20 -4.86 0.95
CA ILE C 221 29.94 -3.81 0.27
C ILE C 221 30.18 -2.69 1.28
N LYS C 222 31.44 -2.39 1.55
CA LYS C 222 31.80 -1.33 2.48
C LYS C 222 31.77 0.01 1.75
N PRO C 223 30.95 0.99 2.18
CA PRO C 223 30.97 2.29 1.47
C PRO C 223 32.19 3.12 1.86
N VAL C 224 33.35 2.69 1.38
CA VAL C 224 34.61 3.38 1.69
C VAL C 224 34.74 4.59 0.77
N VAL C 225 34.97 5.75 1.35
CA VAL C 225 35.12 7.00 0.61
C VAL C 225 36.61 7.30 0.52
N SER C 226 37.16 7.21 -0.68
CA SER C 226 38.58 7.49 -0.90
C SER C 226 38.79 7.84 -2.37
N THR C 227 39.85 8.61 -2.63
CA THR C 227 40.19 9.04 -3.97
C THR C 227 41.64 8.68 -4.25
N GLN C 228 41.91 8.35 -5.52
CA GLN C 228 43.21 7.99 -6.08
C GLN C 228 43.64 6.57 -5.70
N LEU C 229 42.93 5.88 -4.81
CA LEU C 229 43.30 4.53 -4.40
C LEU C 229 42.06 3.87 -3.81
N LEU C 230 41.82 2.61 -4.19
CA LEU C 230 40.72 1.83 -3.64
C LEU C 230 41.21 1.10 -2.40
N LEU C 231 40.61 1.39 -1.25
CA LEU C 231 41.04 0.85 0.03
C LEU C 231 39.99 -0.09 0.60
N ASN C 232 40.46 -1.18 1.20
CA ASN C 232 39.59 -2.19 1.82
C ASN C 232 38.56 -2.71 0.82
N GLY C 233 38.99 -2.95 -0.42
CA GLY C 233 38.14 -3.45 -1.47
C GLY C 233 38.24 -4.94 -1.64
N SER C 234 37.81 -5.42 -2.80
CA SER C 234 37.83 -6.83 -3.16
C SER C 234 38.96 -7.09 -4.15
N LEU C 235 39.50 -8.30 -4.10
CA LEU C 235 40.65 -8.69 -4.89
C LEU C 235 40.24 -9.64 -6.01
N ALA C 236 40.88 -9.48 -7.17
CA ALA C 236 40.63 -10.39 -8.28
C ALA C 236 41.14 -11.78 -7.95
N GLU C 237 40.40 -12.80 -8.39
CA GLU C 237 40.72 -14.18 -8.05
C GLU C 237 41.75 -14.80 -8.98
N GLU C 238 42.05 -14.18 -10.12
CA GLU C 238 42.97 -14.74 -11.10
C GLU C 238 44.23 -13.92 -11.27
N GLU C 239 44.11 -12.64 -11.58
CA GLU C 239 45.27 -11.79 -11.86
C GLU C 239 44.78 -10.34 -11.94
N VAL C 240 45.72 -9.43 -12.19
CA VAL C 240 45.37 -8.02 -12.28
C VAL C 240 44.43 -7.80 -13.44
N MET C 241 43.35 -7.05 -13.20
CA MET C 241 42.32 -6.79 -14.19
C MET C 241 42.30 -5.31 -14.53
N ILE C 242 42.10 -4.99 -15.81
CA ILE C 242 42.00 -3.63 -16.29
C ILE C 242 40.64 -3.46 -16.96
N ARG C 243 39.91 -2.43 -16.57
CA ARG C 243 38.57 -2.17 -17.08
C ARG C 243 38.46 -0.73 -17.54
N SER C 244 37.75 -0.51 -18.64
CA SER C 244 37.53 0.82 -19.16
C SER C 244 36.38 0.78 -20.16
N GLU C 245 35.53 1.82 -20.13
CA GLU C 245 34.41 1.87 -21.05
C GLU C 245 34.88 1.94 -22.49
N ASN C 246 35.91 2.76 -22.76
CA ASN C 246 36.47 2.89 -24.11
C ASN C 246 37.97 3.18 -23.92
N ILE C 247 38.77 2.12 -23.98
CA ILE C 247 40.20 2.23 -23.70
C ILE C 247 40.90 3.10 -24.72
N THR C 248 40.39 3.16 -25.96
CA THR C 248 41.02 4.00 -26.97
C THR C 248 40.89 5.47 -26.63
N ASN C 249 39.76 5.88 -26.05
CA ASN C 249 39.52 7.27 -25.69
C ASN C 249 40.21 7.59 -24.37
N ASN C 250 40.89 8.74 -24.32
CA ASN C 250 41.60 9.16 -23.12
C ASN C 250 40.69 9.83 -22.09
N ALA C 251 39.48 10.22 -22.47
CA ALA C 251 38.58 10.92 -21.55
C ALA C 251 37.92 9.99 -20.55
N LYS C 252 38.01 8.67 -20.73
CA LYS C 252 37.40 7.70 -19.83
C LYS C 252 38.45 7.12 -18.89
N ASN C 253 38.07 7.01 -17.62
CA ASN C 253 38.99 6.51 -16.60
C ASN C 253 39.24 5.02 -16.79
N ILE C 254 40.35 4.55 -16.21
CA ILE C 254 40.74 3.14 -16.24
C ILE C 254 40.78 2.63 -14.81
N LEU C 255 40.06 1.53 -14.56
CA LEU C 255 40.02 0.90 -13.24
C LEU C 255 40.92 -0.32 -13.25
N VAL C 256 41.89 -0.35 -12.33
CA VAL C 256 42.83 -1.46 -12.19
C VAL C 256 42.52 -2.16 -10.87
N GLN C 257 42.30 -3.47 -10.94
CA GLN C 257 42.01 -4.29 -9.77
C GLN C 257 43.15 -5.27 -9.55
N PHE C 258 43.73 -5.25 -8.36
CA PHE C 258 44.84 -6.13 -8.01
C PHE C 258 44.33 -7.52 -7.64
N ASN C 259 45.19 -8.51 -7.83
CA ASN C 259 44.96 -9.86 -7.33
C ASN C 259 45.53 -10.09 -5.94
N THR C 260 46.32 -9.16 -5.42
CA THR C 260 46.87 -9.23 -4.07
C THR C 260 46.89 -7.82 -3.50
N PRO C 261 46.69 -7.66 -2.19
CA PRO C 261 46.68 -6.33 -1.60
C PRO C 261 48.09 -5.84 -1.25
N VAL C 262 48.17 -4.53 -0.98
CA VAL C 262 49.41 -3.90 -0.54
C VAL C 262 49.13 -3.18 0.77
N GLN C 263 49.90 -3.48 1.80
CA GLN C 263 49.69 -2.88 3.11
C GLN C 263 50.21 -1.45 3.14
N ILE C 264 49.38 -0.52 3.61
CA ILE C 264 49.76 0.88 3.79
C ILE C 264 49.45 1.27 5.23
N ASN C 265 50.42 1.87 5.90
CA ASN C 265 50.30 2.23 7.31
C ASN C 265 50.34 3.75 7.44
N CYS C 266 49.22 4.36 7.84
CA CYS C 266 49.13 5.80 8.01
C CYS C 266 49.03 6.14 9.50
N THR C 267 49.54 7.32 9.86
CA THR C 267 49.55 7.70 11.26
C THR C 267 49.68 9.22 11.40
N ARG C 268 48.97 9.75 12.40
CA ARG C 268 49.19 11.10 12.92
C ARG C 268 49.77 10.97 14.33
N PRO C 269 51.03 11.35 14.57
CA PRO C 269 51.63 11.14 15.89
C PRO C 269 51.48 12.29 16.88
N ASN C 270 50.78 13.36 16.50
CA ASN C 270 50.58 14.47 17.44
C ASN C 270 49.59 14.07 18.52
N ASN C 271 49.90 14.46 19.76
CA ASN C 271 49.06 14.15 20.92
C ASN C 271 48.10 15.32 21.12
N ASN C 272 46.98 15.29 20.42
CA ASN C 272 46.01 16.36 20.50
C ASN C 272 45.26 16.32 21.82
N THR C 273 44.73 17.49 22.21
CA THR C 273 43.93 17.64 23.42
C THR C 273 42.65 18.38 23.07
N ARG C 274 41.53 17.88 23.59
CA ARG C 274 40.21 18.42 23.28
C ARG C 274 39.65 19.16 24.48
N LYS C 275 39.03 20.31 24.23
CA LYS C 275 38.32 21.07 25.25
C LYS C 275 36.97 21.50 24.70
N SER C 276 36.04 21.78 25.60
CA SER C 276 34.68 22.15 25.26
C SER C 276 34.41 23.58 25.68
N ILE C 277 33.82 24.37 24.77
CA ILE C 277 33.44 25.75 25.04
C ILE C 277 31.93 25.85 24.87
N ARG C 278 31.25 26.30 25.91
CA ARG C 278 29.79 26.43 25.88
C ARG C 278 29.43 27.70 25.14
N ILE C 279 28.82 27.55 23.96
CA ILE C 279 28.46 28.68 23.11
C ILE C 279 26.98 29.05 23.23
N GLY C 280 26.21 28.36 24.06
CA GLY C 280 24.81 28.64 24.22
C GLY C 280 24.13 27.61 25.11
N PRO C 281 22.81 27.69 25.25
CA PRO C 281 22.09 26.69 26.06
C PRO C 281 22.15 25.31 25.43
N GLY C 282 22.88 24.41 26.08
CA GLY C 282 23.02 23.06 25.55
C GLY C 282 23.71 23.01 24.20
N GLN C 283 24.73 23.84 24.01
CA GLN C 283 25.50 23.86 22.76
C GLN C 283 26.97 24.03 23.10
N ALA C 284 27.78 23.05 22.72
CA ALA C 284 29.21 23.03 23.01
C ALA C 284 30.00 22.91 21.72
N PHE C 285 31.08 23.66 21.62
CA PHE C 285 32.03 23.60 20.52
C PHE C 285 33.31 22.95 21.01
N TYR C 286 33.79 21.96 20.26
CA TYR C 286 34.97 21.18 20.64
C TYR C 286 36.18 21.77 19.92
N ALA C 287 37.14 22.26 20.70
CA ALA C 287 38.34 22.89 20.19
C ALA C 287 39.57 22.10 20.59
N THR C 288 40.65 22.32 19.85
CA THR C 288 41.94 21.69 20.12
C THR C 288 42.68 22.58 21.12
N GLY C 289 42.73 22.15 22.38
CA GLY C 289 43.35 22.93 23.42
C GLY C 289 44.84 23.16 23.20
N ASP C 290 45.62 22.09 23.26
CA ASP C 290 47.06 22.18 23.06
C ASP C 290 47.59 20.81 22.68
N ILE C 291 48.81 20.81 22.13
CA ILE C 291 49.50 19.58 21.72
C ILE C 291 50.60 19.32 22.73
N ILE C 292 50.64 18.09 23.25
CA ILE C 292 51.60 17.71 24.27
C ILE C 292 52.82 17.12 23.59
N GLY C 293 54.00 17.60 23.97
CA GLY C 293 55.25 17.09 23.43
C GLY C 293 55.64 17.71 22.11
N ASP C 294 56.23 16.93 21.23
CA ASP C 294 56.70 17.41 19.93
C ASP C 294 55.56 17.48 18.93
N ILE C 295 55.77 18.30 17.91
CA ILE C 295 54.81 18.47 16.81
C ILE C 295 55.49 17.99 15.54
N ARG C 296 54.90 17.01 14.87
CA ARG C 296 55.49 16.41 13.68
C ARG C 296 54.38 16.12 12.67
N GLN C 297 54.80 15.95 11.41
CA GLN C 297 53.86 15.73 10.33
C GLN C 297 53.33 14.31 10.35
N ALA C 298 52.02 14.16 10.11
CA ALA C 298 51.45 12.85 9.87
C ALA C 298 51.95 12.30 8.55
N HIS C 299 52.03 10.97 8.45
CA HIS C 299 52.61 10.37 7.26
C HIS C 299 52.11 8.95 7.09
N CYS C 300 52.32 8.43 5.89
CA CYS C 300 51.97 7.06 5.52
C CYS C 300 53.20 6.35 4.99
N ASN C 301 53.21 5.02 5.14
CA ASN C 301 54.29 4.16 4.68
C ASN C 301 53.73 3.05 3.80
N VAL C 302 54.44 2.78 2.70
CA VAL C 302 54.08 1.72 1.76
C VAL C 302 55.33 0.90 1.45
N SER C 303 55.17 -0.42 1.41
CA SER C 303 56.30 -1.28 1.08
C SER C 303 56.81 -1.00 -0.33
N LYS C 304 58.13 -1.01 -0.50
CA LYS C 304 58.73 -0.66 -1.78
C LYS C 304 58.76 -1.85 -2.73
N ALA C 305 59.23 -3.01 -2.25
CA ALA C 305 59.33 -4.18 -3.13
C ALA C 305 57.94 -4.64 -3.57
N THR C 306 56.97 -4.65 -2.66
CA THR C 306 55.62 -5.04 -3.02
C THR C 306 55.03 -4.09 -4.05
N TRP C 307 55.25 -2.77 -3.86
CA TRP C 307 54.75 -1.80 -4.83
C TRP C 307 55.40 -1.99 -6.19
N ASN C 308 56.71 -2.27 -6.20
CA ASN C 308 57.40 -2.51 -7.47
C ASN C 308 56.84 -3.74 -8.17
N GLU C 309 56.60 -4.81 -7.43
CA GLU C 309 56.03 -6.01 -8.03
C GLU C 309 54.63 -5.73 -8.57
N THR C 310 53.81 -4.98 -7.81
CA THR C 310 52.47 -4.66 -8.26
C THR C 310 52.51 -3.82 -9.53
N LEU C 311 53.41 -2.84 -9.59
CA LEU C 311 53.54 -2.02 -10.80
C LEU C 311 54.05 -2.84 -11.97
N GLY C 312 54.93 -3.81 -11.71
CA GLY C 312 55.35 -4.71 -12.78
C GLY C 312 54.19 -5.50 -13.35
N LYS C 313 53.34 -6.03 -12.47
CA LYS C 313 52.16 -6.74 -12.93
C LYS C 313 51.23 -5.81 -13.72
N VAL C 314 51.06 -4.58 -13.22
CA VAL C 314 50.15 -3.63 -13.87
C VAL C 314 50.65 -3.28 -15.26
N VAL C 315 51.94 -3.00 -15.40
CA VAL C 315 52.47 -2.66 -16.71
C VAL C 315 52.44 -3.87 -17.64
N LYS C 316 52.66 -5.08 -17.09
CA LYS C 316 52.54 -6.29 -17.89
C LYS C 316 51.13 -6.39 -18.47
N GLN C 317 50.11 -6.17 -17.64
CA GLN C 317 48.74 -6.24 -18.12
C GLN C 317 48.43 -5.11 -19.11
N LEU C 318 48.96 -3.91 -18.84
CA LEU C 318 48.70 -2.78 -19.72
C LEU C 318 49.32 -2.95 -21.09
N ARG C 319 50.44 -3.69 -21.17
CA ARG C 319 51.07 -3.94 -22.46
C ARG C 319 50.14 -4.71 -23.40
N LYS C 320 49.18 -5.45 -22.88
CA LYS C 320 48.26 -6.21 -23.74
C LYS C 320 47.43 -5.28 -24.60
N HIS C 321 46.94 -4.17 -24.04
CA HIS C 321 46.03 -3.28 -24.74
C HIS C 321 46.73 -2.16 -25.48
N PHE C 322 47.88 -1.70 -24.99
CA PHE C 322 48.57 -0.53 -25.53
C PHE C 322 49.91 -0.90 -26.17
N GLY C 323 49.93 -2.02 -26.90
CA GLY C 323 51.10 -2.43 -27.64
C GLY C 323 52.12 -3.15 -26.77
N ASN C 324 52.95 -3.95 -27.45
CA ASN C 324 53.95 -4.77 -26.78
C ASN C 324 55.29 -4.07 -26.59
N ASN C 325 55.63 -3.11 -27.46
CA ASN C 325 56.93 -2.46 -27.45
C ASN C 325 56.85 -1.00 -27.01
N THR C 326 55.72 -0.58 -26.44
CA THR C 326 55.54 0.79 -26.02
C THR C 326 56.20 1.03 -24.66
N ILE C 327 56.44 2.31 -24.36
CA ILE C 327 57.02 2.74 -23.09
C ILE C 327 55.88 3.22 -22.20
N ILE C 328 55.83 2.71 -20.97
CA ILE C 328 54.74 3.00 -20.04
C ILE C 328 55.30 3.88 -18.92
N ARG C 329 54.74 5.07 -18.76
CA ARG C 329 55.21 6.06 -17.82
C ARG C 329 54.16 6.32 -16.74
N PHE C 330 54.61 6.37 -15.49
CA PHE C 330 53.79 6.80 -14.36
C PHE C 330 54.34 8.11 -13.83
N ALA C 331 53.48 9.11 -13.72
CA ALA C 331 53.88 10.47 -13.36
C ALA C 331 52.89 11.02 -12.34
N ASN C 332 53.01 12.31 -12.05
CA ASN C 332 52.20 12.97 -11.04
C ASN C 332 50.85 13.42 -11.61
N SER C 333 49.93 13.75 -10.71
CA SER C 333 48.63 14.24 -11.12
C SER C 333 48.76 15.60 -11.79
N SER C 334 47.84 15.87 -12.72
CA SER C 334 47.88 17.13 -13.47
C SER C 334 47.64 18.32 -12.54
N GLY C 335 46.50 18.34 -11.87
CA GLY C 335 46.18 19.42 -10.97
C GLY C 335 44.69 19.53 -10.76
N GLY C 336 44.31 20.56 -10.00
CA GLY C 336 42.91 20.81 -9.68
C GLY C 336 42.70 21.04 -8.20
N ASP C 337 41.54 20.62 -7.69
CA ASP C 337 41.25 20.75 -6.28
C ASP C 337 42.12 19.78 -5.48
N LEU C 338 42.29 20.09 -4.19
CA LEU C 338 43.09 19.23 -3.32
C LEU C 338 42.51 17.84 -3.21
N GLU C 339 41.18 17.71 -3.28
CA GLU C 339 40.55 16.40 -3.19
C GLU C 339 40.94 15.53 -4.40
N VAL C 340 40.95 16.11 -5.59
CA VAL C 340 41.27 15.33 -6.79
C VAL C 340 42.78 15.21 -6.97
N THR C 341 43.54 16.24 -6.59
CA THR C 341 44.98 16.24 -6.80
C THR C 341 45.68 15.27 -5.86
N THR C 342 45.14 15.06 -4.66
CA THR C 342 45.78 14.26 -3.63
C THR C 342 44.88 13.11 -3.20
N HIS C 343 45.51 12.02 -2.78
CA HIS C 343 44.79 10.89 -2.20
C HIS C 343 44.12 11.35 -0.91
N SER C 344 42.79 11.40 -0.93
CA SER C 344 42.00 11.89 0.19
C SER C 344 41.24 10.73 0.83
N PHE C 345 41.31 10.65 2.16
CA PHE C 345 40.58 9.62 2.89
C PHE C 345 40.38 10.12 4.31
N ASN C 346 39.83 9.26 5.17
CA ASN C 346 39.62 9.58 6.57
C ASN C 346 39.89 8.36 7.43
N CYS C 347 40.56 8.57 8.55
CA CYS C 347 40.82 7.51 9.53
C CYS C 347 40.47 8.04 10.92
N GLY C 348 39.63 7.29 11.63
CA GLY C 348 39.30 7.62 13.01
C GLY C 348 38.69 8.99 13.18
N GLY C 349 38.08 9.54 12.14
CA GLY C 349 37.46 10.84 12.18
C GLY C 349 38.34 11.95 11.62
N GLU C 350 39.65 11.72 11.53
CA GLU C 350 40.58 12.71 11.00
C GLU C 350 40.71 12.52 9.49
N PHE C 351 40.57 13.62 8.75
CA PHE C 351 40.54 13.60 7.29
C PHE C 351 41.93 13.88 6.75
N PHE C 352 42.53 12.88 6.13
CA PHE C 352 43.89 12.97 5.61
C PHE C 352 43.85 13.27 4.11
N TYR C 353 44.72 14.17 3.69
CA TYR C 353 44.98 14.45 2.28
C TYR C 353 46.48 14.28 2.06
N CYS C 354 46.86 13.38 1.15
CA CYS C 354 48.25 12.97 1.01
C CYS C 354 48.70 12.96 -0.44
N ASN C 355 50.02 13.09 -0.59
CA ASN C 355 50.69 13.42 -1.84
C ASN C 355 51.36 12.16 -2.37
N THR C 356 50.62 11.40 -3.19
CA THR C 356 51.12 10.14 -3.74
C THR C 356 51.98 10.43 -4.98
N SER C 357 53.12 11.09 -4.73
CA SER C 357 54.05 11.45 -5.79
C SER C 357 55.21 10.47 -5.92
N GLY C 358 55.64 9.85 -4.81
CA GLY C 358 56.71 8.87 -4.89
C GLY C 358 56.30 7.53 -5.44
N LEU C 359 54.99 7.24 -5.49
CA LEU C 359 54.52 5.97 -6.01
C LEU C 359 54.44 5.98 -7.53
N PHE C 360 53.64 6.89 -8.09
CA PHE C 360 53.43 6.96 -9.53
C PHE C 360 54.50 7.88 -10.15
N ASN C 361 55.74 7.40 -10.11
CA ASN C 361 56.87 8.14 -10.66
C ASN C 361 57.89 7.12 -11.14
N SER C 362 57.82 6.76 -12.43
CA SER C 362 58.73 5.77 -12.99
C SER C 362 58.45 5.65 -14.48
N THR C 363 59.35 4.93 -15.17
CA THR C 363 59.21 4.62 -16.58
C THR C 363 59.59 3.17 -16.80
N TRP C 364 58.86 2.50 -17.69
CA TRP C 364 59.07 1.09 -18.01
C TRP C 364 59.22 0.93 -19.51
N ILE C 365 60.26 0.20 -19.92
CA ILE C 365 60.59 -0.04 -21.31
C ILE C 365 60.48 -1.53 -21.58
N SER C 366 59.91 -1.87 -22.73
CA SER C 366 59.77 -3.27 -23.11
C SER C 366 61.14 -3.92 -23.26
N ASN C 367 61.27 -5.14 -22.75
CA ASN C 367 62.53 -5.88 -22.82
C ASN C 367 62.27 -7.39 -22.76
N SER C 378 64.89 -3.95 -0.19
CA SER C 378 65.13 -4.82 0.95
C SER C 378 64.08 -4.59 2.04
N ASN C 379 64.22 -3.48 2.77
CA ASN C 379 63.27 -3.11 3.81
C ASN C 379 62.86 -1.64 3.78
N ASP C 380 63.46 -0.81 2.92
CA ASP C 380 63.06 0.59 2.86
C ASP C 380 61.63 0.71 2.36
N SER C 381 60.91 1.69 2.90
CA SER C 381 59.51 1.91 2.58
C SER C 381 59.31 3.32 2.06
N ILE C 382 58.47 3.45 1.04
CA ILE C 382 58.13 4.77 0.52
C ILE C 382 57.29 5.50 1.55
N THR C 383 57.72 6.71 1.91
CA THR C 383 57.09 7.53 2.94
C THR C 383 56.39 8.71 2.27
N LEU C 384 55.12 8.89 2.59
CA LEU C 384 54.32 10.02 2.09
C LEU C 384 54.00 10.92 3.28
N PRO C 385 54.68 12.06 3.44
CA PRO C 385 54.26 13.02 4.46
C PRO C 385 53.07 13.84 3.95
N CYS C 386 52.09 14.06 4.82
CA CYS C 386 50.83 14.59 4.33
C CYS C 386 50.03 15.25 5.45
N ARG C 387 48.93 15.89 5.05
CA ARG C 387 48.24 16.89 5.86
C ARG C 387 46.87 16.39 6.30
N ILE C 388 46.29 17.12 7.26
CA ILE C 388 44.99 16.83 7.83
C ILE C 388 44.11 18.06 7.66
N LYS C 389 42.81 17.84 7.49
CA LYS C 389 41.84 18.91 7.33
C LYS C 389 40.64 18.67 8.25
N GLN C 390 40.01 19.77 8.65
CA GLN C 390 38.84 19.74 9.53
C GLN C 390 37.56 20.19 8.86
N ILE C 391 37.59 21.24 8.04
CA ILE C 391 36.43 21.68 7.29
C ILE C 391 36.38 20.84 6.01
N ILE C 392 35.33 20.03 5.88
CA ILE C 392 35.25 19.00 4.85
C ILE C 392 34.02 19.26 3.98
N ASN C 393 34.22 19.19 2.67
CA ASN C 393 33.14 19.11 1.69
C ASN C 393 33.31 17.76 1.01
N MET C 394 32.69 16.72 1.59
CA MET C 394 32.91 15.36 1.12
C MET C 394 32.47 15.20 -0.33
N TRP C 395 31.19 15.41 -0.60
CA TRP C 395 30.66 15.26 -1.95
C TRP C 395 30.90 16.54 -2.75
N GLN C 396 30.76 16.42 -4.07
CA GLN C 396 30.96 17.55 -4.95
C GLN C 396 29.79 18.52 -4.86
N ARG C 397 29.65 19.20 -3.72
CA ARG C 397 28.58 20.14 -3.47
C ARG C 397 29.17 21.41 -2.86
N ILE C 398 28.46 22.51 -3.05
CA ILE C 398 28.88 23.84 -2.59
C ILE C 398 27.84 24.35 -1.61
N GLY C 399 28.30 24.82 -0.45
CA GLY C 399 27.44 25.42 0.55
C GLY C 399 27.17 24.58 1.79
N GLN C 400 27.80 23.41 1.92
CA GLN C 400 27.62 22.57 3.10
C GLN C 400 28.97 21.97 3.49
N CYS C 401 29.35 22.14 4.76
CA CYS C 401 30.62 21.68 5.26
C CYS C 401 30.42 20.39 6.05
N MET C 402 31.49 19.94 6.71
CA MET C 402 31.34 19.03 7.85
C MET C 402 32.58 19.25 8.73
N TYR C 403 32.40 20.01 9.80
CA TYR C 403 33.52 20.31 10.71
C TYR C 403 33.78 19.10 11.59
N ALA C 404 34.93 18.46 11.39
CA ALA C 404 35.29 17.28 12.15
C ALA C 404 35.86 17.70 13.50
N PRO C 405 35.28 17.30 14.63
CA PRO C 405 35.90 17.63 15.91
C PRO C 405 37.24 16.94 16.05
N PRO C 406 38.16 17.52 16.83
CA PRO C 406 39.48 16.90 16.97
C PRO C 406 39.41 15.59 17.73
N ILE C 407 40.37 14.72 17.44
CA ILE C 407 40.48 13.41 18.08
C ILE C 407 41.61 13.46 19.09
N GLN C 408 41.36 12.96 20.30
CA GLN C 408 42.34 13.02 21.38
C GLN C 408 43.36 11.89 21.23
N GLY C 409 44.64 12.26 21.29
CA GLY C 409 45.72 11.29 21.26
C GLY C 409 46.20 10.99 19.86
N VAL C 410 47.36 10.31 19.80
CA VAL C 410 47.93 9.91 18.53
C VAL C 410 47.03 8.85 17.90
N ILE C 411 47.01 8.80 16.56
CA ILE C 411 46.18 7.85 15.84
C ILE C 411 47.02 7.17 14.77
N ARG C 412 46.64 5.93 14.44
CA ARG C 412 47.29 5.18 13.39
C ARG C 412 46.31 4.14 12.86
N CYS C 413 46.55 3.71 11.62
CA CYS C 413 45.75 2.65 11.03
C CYS C 413 46.53 2.00 9.90
N VAL C 414 46.08 0.81 9.51
CA VAL C 414 46.67 0.03 8.43
C VAL C 414 45.55 -0.38 7.48
N SER C 415 45.81 -0.31 6.18
CA SER C 415 44.79 -0.54 5.17
C SER C 415 45.38 -1.33 4.01
N ASN C 416 44.49 -1.91 3.22
CA ASN C 416 44.84 -2.67 2.02
C ASN C 416 44.58 -1.83 0.79
N ILE C 417 45.60 -1.65 -0.04
CA ILE C 417 45.43 -1.10 -1.38
C ILE C 417 45.14 -2.27 -2.30
N THR C 418 43.99 -2.23 -2.99
CA THR C 418 43.53 -3.32 -3.84
C THR C 418 43.11 -2.83 -5.23
N GLY C 419 43.45 -1.60 -5.59
CA GLY C 419 43.10 -1.11 -6.90
C GLY C 419 43.53 0.32 -7.09
N LEU C 420 43.42 0.77 -8.34
CA LEU C 420 43.83 2.11 -8.75
C LEU C 420 42.85 2.65 -9.78
N ILE C 421 42.80 3.97 -9.86
CA ILE C 421 42.07 4.70 -10.90
C ILE C 421 43.09 5.54 -11.66
N LEU C 422 43.27 5.23 -12.95
CA LEU C 422 44.29 5.86 -13.77
C LEU C 422 43.65 6.57 -14.95
N THR C 423 44.35 7.60 -15.45
CA THR C 423 43.91 8.37 -16.60
C THR C 423 45.07 8.52 -17.57
N ARG C 424 44.78 8.39 -18.86
CA ARG C 424 45.79 8.54 -19.90
C ARG C 424 45.87 9.99 -20.35
N ASP C 425 47.07 10.55 -20.30
CA ASP C 425 47.31 11.94 -20.69
C ASP C 425 47.69 12.00 -22.17
N GLY C 426 47.03 12.89 -22.90
CA GLY C 426 47.28 13.00 -24.34
C GLY C 426 46.81 11.78 -25.09
N GLY C 427 47.75 10.97 -25.57
CA GLY C 427 47.44 9.76 -26.29
C GLY C 427 47.41 9.88 -27.79
N SER C 428 47.91 10.98 -28.36
CA SER C 428 47.92 11.14 -29.79
C SER C 428 48.92 10.17 -30.43
N THR C 429 48.74 9.93 -31.73
CA THR C 429 49.59 9.01 -32.47
C THR C 429 51.00 9.56 -32.70
N ASN C 430 51.24 10.83 -32.40
CA ASN C 430 52.56 11.41 -32.64
C ASN C 430 53.64 10.73 -31.80
N SER C 431 53.33 10.44 -30.53
CA SER C 431 54.27 9.84 -29.59
C SER C 431 53.88 8.42 -29.28
N THR C 432 54.87 7.53 -29.21
CA THR C 432 54.66 6.13 -28.90
C THR C 432 54.75 5.84 -27.40
N THR C 433 55.02 6.84 -26.58
CA THR C 433 55.13 6.67 -25.13
C THR C 433 53.80 7.03 -24.48
N GLU C 434 53.32 6.15 -23.62
CA GLU C 434 52.05 6.33 -22.93
C GLU C 434 52.31 6.76 -21.48
N THR C 435 51.69 7.87 -21.08
CA THR C 435 51.82 8.39 -19.73
C THR C 435 50.49 8.23 -19.01
N PHE C 436 50.51 7.51 -17.89
CA PHE C 436 49.34 7.29 -17.05
C PHE C 436 49.53 8.07 -15.75
N ARG C 437 48.47 8.76 -15.32
CA ARG C 437 48.49 9.60 -14.14
C ARG C 437 47.37 9.19 -13.20
N PRO C 438 47.50 9.49 -11.90
CA PRO C 438 46.40 9.19 -10.98
C PRO C 438 45.14 9.98 -11.32
N GLY C 439 43.99 9.38 -11.02
CA GLY C 439 42.70 10.02 -11.22
C GLY C 439 41.83 9.92 -9.99
N GLY C 440 40.53 10.14 -10.16
CA GLY C 440 39.58 10.07 -9.05
C GLY C 440 38.51 11.14 -9.10
N GLY C 441 38.14 11.66 -7.94
CA GLY C 441 37.14 12.71 -7.85
C GLY C 441 35.73 12.18 -7.72
N ASP C 442 35.19 11.63 -8.79
CA ASP C 442 33.83 11.11 -8.76
C ASP C 442 33.77 9.84 -7.91
N MET C 443 32.80 9.79 -7.00
CA MET C 443 32.64 8.64 -6.11
C MET C 443 31.93 7.47 -6.78
N ARG C 444 31.30 7.68 -7.94
CA ARG C 444 30.62 6.58 -8.61
C ARG C 444 31.59 5.51 -9.07
N ASP C 445 32.84 5.87 -9.33
CA ASP C 445 33.85 4.88 -9.69
C ASP C 445 34.11 3.91 -8.55
N ASN C 446 34.11 4.40 -7.30
CA ASN C 446 34.32 3.52 -6.16
C ASN C 446 33.21 2.49 -6.05
N TRP C 447 31.96 2.89 -6.29
CA TRP C 447 30.85 1.95 -6.21
C TRP C 447 30.83 1.01 -7.42
N ARG C 448 31.25 1.49 -8.58
CA ARG C 448 31.24 0.66 -9.78
C ARG C 448 32.23 -0.49 -9.69
N SER C 449 33.27 -0.38 -8.87
CA SER C 449 34.26 -1.43 -8.74
C SER C 449 33.74 -2.65 -7.99
N GLU C 450 32.62 -2.53 -7.28
CA GLU C 450 32.05 -3.63 -6.51
C GLU C 450 30.81 -4.23 -7.13
N LEU C 451 30.03 -3.46 -7.88
CA LEU C 451 28.80 -3.93 -8.50
C LEU C 451 28.96 -4.22 -9.99
N TYR C 452 30.20 -4.46 -10.44
CA TYR C 452 30.44 -4.71 -11.85
C TYR C 452 29.89 -6.06 -12.32
N LYS C 453 29.74 -7.03 -11.41
CA LYS C 453 29.30 -8.37 -11.75
C LYS C 453 27.85 -8.63 -11.38
N TYR C 454 27.07 -7.60 -11.07
CA TYR C 454 25.68 -7.74 -10.64
C TYR C 454 24.76 -7.01 -11.62
N LYS C 455 23.56 -7.56 -11.79
CA LYS C 455 22.52 -6.86 -12.54
C LYS C 455 21.17 -7.31 -12.01
N VAL C 456 20.13 -6.56 -12.37
CA VAL C 456 18.78 -6.76 -11.87
C VAL C 456 17.83 -6.96 -13.04
N VAL C 457 16.94 -7.97 -12.93
CA VAL C 457 15.95 -8.27 -13.95
C VAL C 457 14.61 -8.50 -13.28
N LYS C 458 13.55 -8.48 -14.09
CA LYS C 458 12.19 -8.72 -13.63
C LYS C 458 11.59 -9.88 -14.41
N ILE C 459 10.87 -10.76 -13.71
CA ILE C 459 10.36 -11.99 -14.30
C ILE C 459 9.06 -11.71 -15.05
N GLU C 460 8.79 -12.54 -16.06
CA GLU C 460 7.59 -12.45 -16.88
C GLU C 460 6.92 -13.82 -16.90
N PRO C 461 6.17 -14.17 -15.85
CA PRO C 461 5.67 -15.56 -15.75
C PRO C 461 4.74 -15.96 -16.87
N LEU C 462 3.92 -15.06 -17.38
CA LEU C 462 2.91 -15.44 -18.37
C LEU C 462 3.56 -15.80 -19.70
N GLY C 463 3.01 -16.82 -20.34
CA GLY C 463 3.49 -17.23 -21.65
C GLY C 463 2.39 -17.93 -22.44
N VAL C 464 2.55 -17.92 -23.76
CA VAL C 464 1.59 -18.53 -24.68
C VAL C 464 2.35 -19.45 -25.62
N ALA C 465 1.79 -20.64 -25.86
CA ALA C 465 2.45 -21.63 -26.69
C ALA C 465 1.39 -22.38 -27.49
N PRO C 466 1.78 -23.16 -28.49
CA PRO C 466 0.82 -24.04 -29.18
C PRO C 466 0.80 -25.43 -28.56
N THR C 467 -0.38 -26.06 -28.61
CA THR C 467 -0.57 -27.34 -27.96
C THR C 467 -1.80 -28.03 -28.55
N ARG C 468 -1.78 -29.36 -28.51
CA ARG C 468 -2.80 -30.17 -29.18
C ARG C 468 -4.18 -30.07 -28.54
N CYS C 469 -4.25 -30.06 -27.20
CA CYS C 469 -5.54 -30.19 -26.55
C CYS C 469 -6.41 -28.97 -26.78
N LYS C 470 -7.73 -29.19 -26.69
CA LYS C 470 -8.73 -28.16 -26.90
C LYS C 470 -9.73 -28.20 -25.75
N ARG C 471 -10.21 -27.02 -25.36
CA ARG C 471 -11.17 -26.91 -24.27
C ARG C 471 -12.57 -27.27 -24.75
N ALA D 6 25.96 -27.42 -4.92
CA ALA D 6 25.27 -26.47 -5.78
C ALA D 6 23.75 -26.63 -5.66
N VAL D 7 23.02 -25.58 -6.04
CA VAL D 7 21.57 -25.54 -5.96
C VAL D 7 21.00 -25.41 -7.36
N PHE D 8 21.66 -26.05 -8.34
CA PHE D 8 21.30 -25.97 -9.76
C PHE D 8 19.79 -26.02 -9.99
N LEU D 9 19.10 -26.95 -9.34
CA LEU D 9 17.66 -27.07 -9.44
C LEU D 9 17.00 -26.26 -8.33
N GLY D 10 16.15 -25.32 -8.72
CA GLY D 10 15.47 -24.47 -7.76
C GLY D 10 15.15 -23.11 -8.33
N PHE D 11 13.92 -22.64 -8.09
CA PHE D 11 13.43 -21.38 -8.65
C PHE D 11 13.70 -21.30 -10.15
N LEU D 12 14.69 -20.50 -10.57
CA LEU D 12 14.94 -20.25 -11.99
C LEU D 12 15.97 -21.20 -12.59
N GLY D 13 16.26 -22.31 -11.92
CA GLY D 13 17.26 -23.25 -12.41
C GLY D 13 16.93 -23.85 -13.77
N ALA D 14 15.64 -23.92 -14.11
CA ALA D 14 15.19 -24.50 -15.37
C ALA D 14 15.18 -23.50 -16.52
N ALA D 15 15.82 -22.35 -16.36
CA ALA D 15 15.83 -21.35 -17.43
C ALA D 15 16.53 -21.88 -18.67
N GLY D 16 17.66 -22.57 -18.50
CA GLY D 16 18.42 -23.09 -19.62
C GLY D 16 17.91 -24.39 -20.20
N SER D 17 16.94 -25.03 -19.53
CA SER D 17 16.39 -26.29 -20.03
C SER D 17 15.37 -26.03 -21.13
N THR D 18 14.96 -27.11 -21.78
CA THR D 18 13.99 -27.01 -22.85
C THR D 18 12.60 -26.69 -22.28
N MET D 19 11.68 -26.31 -23.18
CA MET D 19 10.34 -25.96 -22.74
C MET D 19 9.61 -27.16 -22.15
N GLY D 20 9.79 -28.33 -22.76
CA GLY D 20 9.20 -29.54 -22.20
C GLY D 20 9.71 -29.85 -20.81
N ALA D 21 11.04 -29.78 -20.63
CA ALA D 21 11.61 -30.02 -19.31
C ALA D 21 11.25 -28.91 -18.34
N ALA D 22 11.17 -27.66 -18.81
CA ALA D 22 10.85 -26.53 -17.94
C ALA D 22 9.38 -26.48 -17.56
N SER D 23 8.50 -27.17 -18.28
CA SER D 23 7.07 -27.14 -17.97
C SER D 23 6.72 -27.93 -16.71
N MET D 24 7.65 -28.71 -16.17
CA MET D 24 7.40 -29.50 -14.96
C MET D 24 7.65 -28.74 -13.68
N THR D 25 8.16 -27.51 -13.74
CA THR D 25 8.56 -26.74 -12.57
C THR D 25 8.01 -25.32 -12.60
N LEU D 26 6.71 -25.19 -12.91
CA LEU D 26 6.08 -23.88 -12.91
C LEU D 26 5.80 -23.38 -11.49
N THR D 27 5.57 -24.31 -10.56
CA THR D 27 5.18 -23.92 -9.21
C THR D 27 6.30 -23.18 -8.48
N VAL D 28 7.55 -23.55 -8.73
CA VAL D 28 8.66 -22.88 -8.04
C VAL D 28 8.73 -21.41 -8.46
N GLN D 29 8.40 -21.12 -9.72
CA GLN D 29 8.36 -19.73 -10.15
C GLN D 29 7.10 -19.04 -9.63
N ALA D 30 5.98 -19.77 -9.58
CA ALA D 30 4.73 -19.17 -9.14
C ALA D 30 4.78 -18.75 -7.68
N ARG D 31 5.44 -19.55 -6.83
CA ARG D 31 5.42 -19.30 -5.40
C ARG D 31 6.05 -17.96 -5.04
N ASN D 32 7.19 -17.63 -5.66
CA ASN D 32 7.99 -16.49 -5.22
C ASN D 32 7.52 -15.17 -5.79
N LEU D 33 6.48 -15.15 -6.63
CA LEU D 33 6.03 -13.90 -7.23
C LEU D 33 5.45 -12.94 -6.20
N LEU D 34 4.93 -13.44 -5.07
CA LEU D 34 4.40 -12.61 -4.01
C LEU D 34 5.43 -12.27 -2.94
N SER D 35 6.28 -13.22 -2.58
CA SER D 35 7.30 -12.98 -1.57
C SER D 35 8.26 -14.16 -1.48
N THR D 58 14.27 5.00 8.65
CA THR D 58 12.89 5.34 8.31
C THR D 58 12.74 5.56 6.81
N VAL D 59 13.79 6.08 6.18
CA VAL D 59 13.74 6.36 4.75
C VAL D 59 13.67 5.06 3.95
N TRP D 60 14.37 4.02 4.41
CA TRP D 60 14.36 2.74 3.69
C TRP D 60 12.98 2.11 3.70
N GLY D 61 12.24 2.28 4.79
CA GLY D 61 10.91 1.71 4.88
C GLY D 61 9.98 2.23 3.81
N ILE D 62 10.12 3.50 3.45
CA ILE D 62 9.29 4.08 2.40
C ILE D 62 9.55 3.38 1.07
N LYS D 63 10.83 3.18 0.75
CA LYS D 63 11.18 2.48 -0.48
C LYS D 63 10.66 1.05 -0.48
N GLN D 64 10.80 0.37 0.65
CA GLN D 64 10.30 -1.01 0.75
C GLN D 64 8.78 -1.05 0.57
N LEU D 65 8.06 -0.10 1.17
CA LEU D 65 6.61 -0.08 1.03
C LEU D 65 6.21 0.20 -0.42
N GLN D 66 6.92 1.11 -1.09
CA GLN D 66 6.63 1.38 -2.50
C GLN D 66 6.85 0.14 -3.34
N ALA D 67 7.96 -0.56 -3.11
CA ALA D 67 8.24 -1.78 -3.87
C ALA D 67 7.18 -2.84 -3.61
N ARG D 68 6.76 -2.99 -2.36
CA ARG D 68 5.72 -3.97 -2.04
C ARG D 68 4.40 -3.61 -2.71
N VAL D 69 4.06 -2.32 -2.74
CA VAL D 69 2.83 -1.89 -3.42
C VAL D 69 2.90 -2.23 -4.90
N LEU D 70 4.03 -1.95 -5.54
CA LEU D 70 4.18 -2.26 -6.96
C LEU D 70 4.09 -3.76 -7.21
N ALA D 71 4.71 -4.56 -6.34
CA ALA D 71 4.66 -6.01 -6.50
C ALA D 71 3.22 -6.53 -6.36
N VAL D 72 2.48 -6.01 -5.39
CA VAL D 72 1.09 -6.44 -5.22
C VAL D 72 0.27 -6.05 -6.43
N GLU D 73 0.48 -4.84 -6.95
CA GLU D 73 -0.25 -4.42 -8.15
C GLU D 73 0.06 -5.33 -9.34
N ARG D 74 1.34 -5.67 -9.53
CA ARG D 74 1.71 -6.55 -10.63
C ARG D 74 1.09 -7.93 -10.47
N TYR D 75 1.10 -8.48 -9.26
CA TYR D 75 0.51 -9.79 -9.03
C TYR D 75 -0.99 -9.77 -9.31
N LEU D 76 -1.68 -8.72 -8.86
CA LEU D 76 -3.12 -8.62 -9.11
C LEU D 76 -3.40 -8.46 -10.60
N ARG D 77 -2.56 -7.71 -11.32
CA ARG D 77 -2.72 -7.57 -12.75
C ARG D 77 -2.59 -8.93 -13.44
N ASP D 78 -1.58 -9.71 -13.06
CA ASP D 78 -1.40 -11.03 -13.66
C ASP D 78 -2.58 -11.93 -13.35
N GLN D 79 -3.06 -11.92 -12.11
CA GLN D 79 -4.19 -12.77 -11.74
C GLN D 79 -5.45 -12.36 -12.50
N GLN D 80 -5.68 -11.06 -12.65
CA GLN D 80 -6.86 -10.62 -13.42
C GLN D 80 -6.76 -11.05 -14.87
N LEU D 81 -5.57 -10.92 -15.48
CA LEU D 81 -5.42 -11.35 -16.86
C LEU D 81 -5.66 -12.84 -17.01
N LEU D 82 -5.16 -13.64 -16.06
CA LEU D 82 -5.42 -15.09 -16.11
C LEU D 82 -6.91 -15.38 -15.94
N GLY D 83 -7.56 -14.69 -15.01
CA GLY D 83 -8.97 -14.97 -14.74
C GLY D 83 -9.88 -14.60 -15.89
N ILE D 84 -9.55 -13.51 -16.59
CA ILE D 84 -10.42 -13.04 -17.67
C ILE D 84 -10.52 -14.08 -18.79
N TRP D 85 -9.44 -14.82 -19.03
CA TRP D 85 -9.42 -15.81 -20.10
C TRP D 85 -10.08 -17.13 -19.72
N GLY D 86 -10.52 -17.28 -18.47
CA GLY D 86 -11.17 -18.50 -18.03
C GLY D 86 -10.26 -19.58 -17.50
N CYS D 87 -8.96 -19.31 -17.39
CA CYS D 87 -7.99 -20.26 -16.84
C CYS D 87 -7.67 -19.94 -15.39
N SER D 88 -8.66 -19.47 -14.63
CA SER D 88 -8.45 -19.11 -13.24
C SER D 88 -8.07 -20.34 -12.42
N GLY D 89 -7.08 -20.17 -11.55
CA GLY D 89 -6.65 -21.26 -10.69
C GLY D 89 -6.11 -22.45 -11.45
N LYS D 90 -5.33 -22.21 -12.50
CA LYS D 90 -4.72 -23.27 -13.28
C LYS D 90 -3.37 -22.80 -13.81
N LEU D 91 -2.39 -23.69 -13.77
CA LEU D 91 -1.05 -23.40 -14.27
C LEU D 91 -0.90 -23.76 -15.74
N ILE D 92 -1.53 -24.83 -16.19
CA ILE D 92 -1.53 -25.26 -17.58
C ILE D 92 -2.99 -25.38 -18.00
N CYS D 93 -3.41 -24.52 -18.93
CA CYS D 93 -4.83 -24.45 -19.34
C CYS D 93 -4.88 -24.14 -20.83
N CYS D 94 -5.11 -25.17 -21.65
CA CYS D 94 -5.29 -25.00 -23.08
C CYS D 94 -6.74 -24.69 -23.39
N THR D 95 -6.96 -23.91 -24.44
CA THR D 95 -8.23 -23.24 -24.67
C THR D 95 -8.69 -23.52 -26.11
N ASN D 96 -9.72 -22.79 -26.53
CA ASN D 96 -10.40 -23.05 -27.79
C ASN D 96 -9.83 -22.28 -28.98
N VAL D 97 -9.06 -21.22 -28.74
CA VAL D 97 -8.58 -20.40 -29.86
C VAL D 97 -7.57 -21.19 -30.67
N PRO D 98 -7.75 -21.36 -31.99
CA PRO D 98 -6.75 -22.10 -32.77
C PRO D 98 -5.49 -21.27 -33.00
N TRP D 99 -4.41 -21.98 -33.29
CA TRP D 99 -3.12 -21.34 -33.54
C TRP D 99 -3.02 -20.96 -35.01
N ASN D 100 -2.74 -19.69 -35.28
CA ASN D 100 -2.55 -19.22 -36.64
C ASN D 100 -1.14 -19.54 -37.11
N SER D 101 -1.03 -20.11 -38.32
CA SER D 101 0.28 -20.46 -38.86
C SER D 101 1.11 -19.25 -39.22
N SER D 102 0.49 -18.08 -39.41
CA SER D 102 1.25 -16.89 -39.75
C SER D 102 2.17 -16.47 -38.61
N TRP D 103 1.69 -16.58 -37.36
CA TRP D 103 2.50 -16.15 -36.23
C TRP D 103 3.76 -17.00 -36.10
N SER D 104 3.65 -18.31 -36.29
CA SER D 104 4.80 -19.20 -36.21
C SER D 104 4.57 -20.38 -37.15
N ASN D 105 5.68 -20.88 -37.71
CA ASN D 105 5.65 -22.00 -38.64
C ASN D 105 6.32 -23.26 -38.12
N ARG D 106 7.16 -23.15 -37.08
CA ARG D 106 7.82 -24.33 -36.55
C ARG D 106 6.82 -25.27 -35.90
N ASN D 107 7.07 -26.57 -36.05
CA ASN D 107 6.19 -27.59 -35.49
C ASN D 107 6.59 -27.94 -34.07
N LEU D 108 5.73 -28.71 -33.39
CA LEU D 108 5.98 -29.09 -32.01
C LEU D 108 7.24 -29.94 -31.86
N SER D 109 7.68 -30.60 -32.92
CA SER D 109 8.86 -31.47 -32.82
C SER D 109 10.11 -30.67 -32.46
N GLU D 110 10.27 -29.49 -33.05
CA GLU D 110 11.45 -28.65 -32.83
C GLU D 110 11.17 -27.49 -31.88
N ILE D 111 10.18 -27.62 -31.00
CA ILE D 111 9.79 -26.55 -30.09
C ILE D 111 9.89 -27.03 -28.65
N TRP D 112 9.13 -28.07 -28.31
CA TRP D 112 8.99 -28.50 -26.92
C TRP D 112 10.19 -29.27 -26.39
N ASP D 113 11.12 -29.68 -27.26
CA ASP D 113 12.35 -30.33 -26.80
C ASP D 113 13.58 -29.88 -27.58
N ASN D 114 13.48 -28.81 -28.39
CA ASN D 114 14.61 -28.28 -29.14
C ASN D 114 14.65 -26.77 -29.08
N MET D 115 14.18 -26.18 -27.98
CA MET D 115 14.11 -24.73 -27.83
C MET D 115 13.92 -24.42 -26.35
N THR D 116 14.32 -23.22 -25.96
CA THR D 116 14.14 -22.72 -24.59
C THR D 116 13.02 -21.69 -24.56
N TRP D 117 12.47 -21.48 -23.37
CA TRP D 117 11.36 -20.54 -23.21
C TRP D 117 11.78 -19.13 -23.57
N LEU D 118 13.01 -18.74 -23.21
CA LEU D 118 13.48 -17.40 -23.53
C LEU D 118 13.54 -17.18 -25.04
N GLN D 119 14.03 -18.16 -25.78
CA GLN D 119 14.09 -18.03 -27.24
C GLN D 119 12.70 -17.91 -27.84
N TRP D 120 11.76 -18.72 -27.36
CA TRP D 120 10.39 -18.66 -27.88
C TRP D 120 9.76 -17.30 -27.58
N ASP D 121 9.95 -16.80 -26.36
CA ASP D 121 9.41 -15.49 -26.01
C ASP D 121 10.03 -14.40 -26.87
N LYS D 122 11.34 -14.48 -27.11
CA LYS D 122 12.01 -13.49 -27.96
C LYS D 122 11.45 -13.54 -29.38
N GLU D 123 11.21 -14.74 -29.90
CA GLU D 123 10.68 -14.87 -31.26
C GLU D 123 9.26 -14.35 -31.36
N ILE D 124 8.43 -14.62 -30.34
CA ILE D 124 7.00 -14.37 -30.41
C ILE D 124 6.58 -13.09 -29.69
N SER D 125 7.53 -12.39 -29.03
CA SER D 125 7.19 -11.21 -28.25
C SER D 125 6.48 -10.14 -29.06
N ASN D 126 6.68 -10.11 -30.38
CA ASN D 126 5.94 -9.16 -31.22
C ASN D 126 4.46 -9.51 -31.24
N TYR D 127 4.13 -10.81 -31.36
CA TYR D 127 2.74 -11.27 -31.45
C TYR D 127 2.26 -11.71 -30.07
N THR D 128 1.80 -10.72 -29.29
CA THR D 128 1.34 -10.95 -27.92
C THR D 128 -0.12 -10.56 -27.70
N GLN D 129 -0.51 -9.34 -28.08
CA GLN D 129 -1.80 -8.82 -27.67
C GLN D 129 -2.96 -9.44 -28.43
N ILE D 130 -2.74 -9.85 -29.68
CA ILE D 130 -3.82 -10.37 -30.50
C ILE D 130 -4.39 -11.64 -29.89
N ILE D 131 -3.53 -12.54 -29.42
CA ILE D 131 -3.99 -13.77 -28.80
C ILE D 131 -4.74 -13.46 -27.51
N TYR D 132 -4.29 -12.46 -26.76
CA TYR D 132 -4.98 -12.07 -25.54
C TYR D 132 -6.40 -11.62 -25.86
N GLY D 133 -6.55 -10.77 -26.88
CA GLY D 133 -7.88 -10.32 -27.27
C GLY D 133 -8.75 -11.47 -27.76
N LEU D 134 -8.16 -12.41 -28.51
CA LEU D 134 -8.91 -13.56 -28.99
C LEU D 134 -9.41 -14.40 -27.81
N LEU D 135 -8.56 -14.64 -26.81
CA LEU D 135 -9.01 -15.37 -25.63
C LEU D 135 -10.13 -14.63 -24.91
N GLU D 136 -9.98 -13.32 -24.76
CA GLU D 136 -10.98 -12.53 -24.05
C GLU D 136 -12.33 -12.60 -24.74
N GLU D 137 -12.35 -12.46 -26.08
CA GLU D 137 -13.62 -12.50 -26.79
C GLU D 137 -14.16 -13.92 -26.90
N SER D 138 -13.30 -14.93 -26.80
CA SER D 138 -13.77 -16.31 -26.86
C SER D 138 -14.43 -16.74 -25.55
N GLN D 139 -13.92 -16.27 -24.41
CA GLN D 139 -14.47 -16.72 -23.13
C GLN D 139 -15.94 -16.33 -22.97
N ASN D 140 -16.30 -15.12 -23.39
CA ASN D 140 -17.67 -14.65 -23.20
C ASN D 140 -18.67 -15.46 -24.01
N GLN D 141 -18.27 -15.90 -25.21
CA GLN D 141 -19.17 -16.74 -26.00
C GLN D 141 -19.44 -18.07 -25.30
N GLN D 142 -18.40 -18.67 -24.71
CA GLN D 142 -18.59 -19.90 -23.95
C GLN D 142 -19.52 -19.67 -22.77
N GLU D 143 -19.34 -18.56 -22.06
CA GLU D 143 -20.23 -18.26 -20.93
C GLU D 143 -21.68 -18.11 -21.39
N LYS D 144 -21.89 -17.39 -22.51
CA LYS D 144 -23.24 -17.20 -23.02
C LYS D 144 -23.86 -18.53 -23.42
N ASN D 145 -23.08 -19.39 -24.09
CA ASN D 145 -23.60 -20.69 -24.51
C ASN D 145 -23.94 -21.55 -23.30
N GLU D 146 -23.11 -21.51 -22.25
CA GLU D 146 -23.43 -22.27 -21.05
C GLU D 146 -24.70 -21.76 -20.40
N GLN D 147 -24.89 -20.44 -20.34
CA GLN D 147 -26.13 -19.90 -19.80
C GLN D 147 -27.33 -20.35 -20.61
N ASP D 148 -27.21 -20.30 -21.95
CA ASP D 148 -28.32 -20.73 -22.80
C ASP D 148 -28.64 -22.21 -22.59
N LEU D 149 -27.61 -23.05 -22.48
CA LEU D 149 -27.84 -24.47 -22.25
C LEU D 149 -28.52 -24.71 -20.91
N LEU D 150 -28.08 -24.01 -19.87
CA LEU D 150 -28.69 -24.18 -18.56
C LEU D 150 -30.09 -23.59 -18.50
N ALA D 151 -30.45 -22.67 -19.41
CA ALA D 151 -31.79 -22.12 -19.42
C ALA D 151 -32.83 -23.20 -19.70
N LEU D 152 -32.53 -24.11 -20.62
CA LEU D 152 -33.45 -25.19 -20.96
C LEU D 152 -33.72 -26.08 -19.75
N ALA E 1 -44.86 -19.77 -12.13
CA ALA E 1 -44.89 -19.52 -13.56
C ALA E 1 -43.63 -18.79 -14.00
N GLU E 2 -43.27 -17.73 -13.27
CA GLU E 2 -42.08 -16.97 -13.60
C GLU E 2 -40.82 -17.81 -13.47
N ASN E 3 -40.75 -18.63 -12.41
CA ASN E 3 -39.61 -19.49 -12.09
C ASN E 3 -38.28 -18.79 -12.29
N LEU E 4 -38.18 -17.54 -11.83
CA LEU E 4 -36.97 -16.74 -11.98
C LEU E 4 -36.05 -16.96 -10.79
N TRP E 5 -34.75 -16.77 -11.04
CA TRP E 5 -33.71 -17.00 -10.04
C TRP E 5 -32.70 -15.87 -10.10
N VAL E 6 -32.00 -15.66 -8.99
CA VAL E 6 -31.08 -14.53 -8.89
C VAL E 6 -29.81 -14.84 -9.67
N THR E 7 -29.29 -13.82 -10.37
CA THR E 7 -28.11 -13.90 -11.19
C THR E 7 -27.19 -12.73 -10.87
N VAL E 8 -25.90 -13.02 -10.75
CA VAL E 8 -24.88 -12.02 -10.43
C VAL E 8 -24.15 -11.63 -11.71
N TYR E 9 -24.06 -10.33 -11.97
CA TYR E 9 -23.35 -9.79 -13.11
C TYR E 9 -22.23 -8.90 -12.60
N TYR E 10 -21.02 -9.12 -13.12
CA TYR E 10 -19.84 -8.33 -12.80
C TYR E 10 -19.48 -7.45 -13.98
N GLY E 11 -19.30 -6.17 -13.72
CA GLY E 11 -19.03 -5.20 -14.75
C GLY E 11 -20.25 -4.46 -15.27
N VAL E 12 -21.27 -4.28 -14.44
CA VAL E 12 -22.48 -3.55 -14.86
C VAL E 12 -22.15 -2.06 -14.99
N PRO E 13 -22.59 -1.37 -16.05
CA PRO E 13 -22.28 0.08 -16.14
C PRO E 13 -23.19 0.95 -15.26
N VAL E 14 -22.83 1.04 -13.98
CA VAL E 14 -23.54 1.85 -13.01
C VAL E 14 -22.53 2.64 -12.20
N TRP E 15 -22.84 3.91 -11.94
CA TRP E 15 -21.95 4.81 -11.23
C TRP E 15 -22.75 5.58 -10.17
N LYS E 16 -22.03 6.04 -9.15
CA LYS E 16 -22.61 6.83 -8.07
C LYS E 16 -21.67 7.97 -7.72
N ASP E 17 -22.25 9.05 -7.20
CA ASP E 17 -21.45 10.20 -6.81
C ASP E 17 -20.53 9.85 -5.66
N ALA E 18 -19.30 10.36 -5.71
CA ALA E 18 -18.30 10.06 -4.70
C ALA E 18 -17.22 11.13 -4.74
N GLU E 19 -16.39 11.14 -3.70
CA GLU E 19 -15.27 12.06 -3.58
C GLU E 19 -13.99 11.27 -3.37
N THR E 20 -12.92 11.67 -4.05
CA THR E 20 -11.65 10.99 -3.97
C THR E 20 -10.54 12.02 -4.16
N THR E 21 -9.30 11.54 -4.25
CA THR E 21 -8.12 12.39 -4.42
C THR E 21 -7.58 12.21 -5.83
N LEU E 22 -7.54 13.29 -6.60
CA LEU E 22 -7.01 13.27 -7.95
C LEU E 22 -5.52 13.56 -7.93
N PHE E 23 -4.85 13.27 -9.05
CA PHE E 23 -3.41 13.39 -9.14
C PHE E 23 -3.03 14.10 -10.45
N CYS E 24 -1.73 14.31 -10.61
CA CYS E 24 -1.20 15.18 -11.66
C CYS E 24 -1.23 14.53 -13.03
N ALA E 25 -1.20 15.39 -14.04
CA ALA E 25 -0.77 15.01 -15.40
C ALA E 25 -0.38 16.29 -16.10
N SER E 26 0.87 16.37 -16.54
CA SER E 26 1.42 17.60 -17.13
C SER E 26 2.30 17.23 -18.31
N ASP E 27 2.48 18.19 -19.21
CA ASP E 27 3.30 18.00 -20.40
C ASP E 27 4.78 18.03 -20.05
N HIS E 36 12.64 25.50 -13.17
CA HIS E 36 12.18 25.79 -11.81
C HIS E 36 10.97 26.72 -11.85
N ASN E 37 9.85 26.26 -11.30
CA ASN E 37 8.62 27.03 -11.23
C ASN E 37 7.91 26.74 -9.92
N VAL E 38 7.04 27.66 -9.53
CA VAL E 38 6.29 27.49 -8.28
C VAL E 38 5.36 26.30 -8.38
N TRP E 39 4.70 26.12 -9.52
CA TRP E 39 3.78 24.99 -9.73
C TRP E 39 4.64 23.82 -10.18
N ALA E 40 5.13 23.05 -9.21
CA ALA E 40 6.11 22.00 -9.45
C ALA E 40 5.55 20.90 -10.35
N THR E 41 6.10 20.81 -11.57
CA THR E 41 5.78 19.71 -12.48
C THR E 41 6.75 18.55 -12.34
N HIS E 42 7.76 18.66 -11.46
CA HIS E 42 8.72 17.57 -11.28
C HIS E 42 8.04 16.32 -10.73
N ALA E 43 7.15 16.50 -9.76
CA ALA E 43 6.42 15.40 -9.13
C ALA E 43 5.09 15.10 -9.81
N CYS E 44 4.84 15.68 -10.98
CA CYS E 44 3.61 15.50 -11.72
C CYS E 44 3.86 14.56 -12.90
N VAL E 45 2.95 13.61 -13.09
CA VAL E 45 3.12 12.53 -14.07
C VAL E 45 3.09 13.12 -15.47
N PRO E 46 3.81 12.56 -16.46
CA PRO E 46 3.65 13.03 -17.83
C PRO E 46 2.25 12.77 -18.36
N THR E 47 1.80 13.65 -19.25
CA THR E 47 0.49 13.53 -19.88
C THR E 47 0.60 12.72 -21.17
N ASP E 48 -0.44 11.95 -21.46
CA ASP E 48 -0.46 11.15 -22.67
C ASP E 48 -0.56 12.07 -23.88
N PRO E 49 0.21 11.83 -24.95
CA PRO E 49 0.11 12.73 -26.12
C PRO E 49 -1.24 12.69 -26.81
N ASN E 50 -1.99 11.59 -26.67
CA ASN E 50 -3.27 11.40 -27.35
C ASN E 50 -4.31 11.00 -26.32
N PRO E 51 -4.86 11.96 -25.56
CA PRO E 51 -5.89 11.61 -24.57
C PRO E 51 -7.14 11.06 -25.23
N GLN E 52 -7.80 10.15 -24.50
CA GLN E 52 -8.97 9.44 -25.01
C GLN E 52 -10.22 9.92 -24.26
N GLU E 53 -11.27 10.22 -25.03
CA GLU E 53 -12.57 10.62 -24.49
C GLU E 53 -13.63 9.77 -25.16
N ILE E 54 -14.61 9.32 -24.38
CA ILE E 54 -15.66 8.42 -24.86
C ILE E 54 -17.00 9.11 -24.65
N HIS E 55 -17.67 9.45 -25.75
CA HIS E 55 -19.00 10.07 -25.65
C HIS E 55 -20.03 9.03 -25.26
N LEU E 56 -20.82 9.32 -24.23
CA LEU E 56 -21.84 8.41 -23.74
C LEU E 56 -23.15 8.74 -24.43
N GLU E 57 -23.59 7.85 -25.34
CA GLU E 57 -24.78 8.10 -26.12
C GLU E 57 -26.04 7.88 -25.29
N ASN E 58 -26.96 8.82 -25.38
CA ASN E 58 -28.25 8.73 -24.70
C ASN E 58 -28.08 8.57 -23.18
N VAL E 59 -27.20 9.38 -22.60
CA VAL E 59 -26.96 9.40 -21.16
C VAL E 59 -27.15 10.83 -20.68
N THR E 60 -28.02 11.02 -19.69
CA THR E 60 -28.29 12.32 -19.08
C THR E 60 -27.81 12.28 -17.64
N GLU E 61 -27.08 13.33 -17.24
CA GLU E 61 -26.48 13.40 -15.90
C GLU E 61 -26.93 14.69 -15.23
N GLU E 62 -26.77 14.73 -13.91
CA GLU E 62 -27.08 15.92 -13.12
C GLU E 62 -25.78 16.62 -12.75
N PHE E 63 -25.76 17.94 -12.90
CA PHE E 63 -24.57 18.73 -12.64
C PHE E 63 -24.93 19.93 -11.75
N ASN E 64 -23.97 20.30 -10.90
CA ASN E 64 -24.12 21.45 -10.01
C ASN E 64 -22.72 21.98 -9.71
N MET E 65 -22.37 23.11 -10.33
CA MET E 65 -21.02 23.63 -10.21
C MET E 65 -20.72 24.19 -8.82
N TRP E 66 -21.75 24.47 -8.03
CA TRP E 66 -21.58 25.11 -6.72
C TRP E 66 -21.36 24.11 -5.59
N LYS E 67 -21.30 22.81 -5.89
CA LYS E 67 -21.04 21.77 -4.89
C LYS E 67 -19.89 20.87 -5.30
N ASN E 68 -18.93 21.40 -6.06
CA ASN E 68 -17.82 20.59 -6.56
C ASN E 68 -16.71 20.51 -5.53
N ASN E 69 -16.32 19.29 -5.16
CA ASN E 69 -15.18 19.09 -4.30
C ASN E 69 -13.86 19.29 -5.02
N MET E 70 -13.87 19.24 -6.35
CA MET E 70 -12.64 19.48 -7.12
C MET E 70 -12.11 20.89 -6.87
N VAL E 71 -12.99 21.86 -6.69
CA VAL E 71 -12.53 23.23 -6.42
C VAL E 71 -11.78 23.27 -5.09
N GLU E 72 -12.33 22.63 -4.06
CA GLU E 72 -11.65 22.60 -2.77
C GLU E 72 -10.31 21.87 -2.87
N GLN E 73 -10.29 20.74 -3.59
CA GLN E 73 -9.04 20.00 -3.75
C GLN E 73 -7.99 20.84 -4.47
N MET E 74 -8.39 21.54 -5.53
CA MET E 74 -7.46 22.38 -6.26
C MET E 74 -6.94 23.51 -5.38
N HIS E 75 -7.82 24.14 -4.60
CA HIS E 75 -7.39 25.22 -3.72
C HIS E 75 -6.38 24.71 -2.70
N THR E 76 -6.67 23.57 -2.08
CA THR E 76 -5.75 23.01 -1.10
C THR E 76 -4.41 22.66 -1.73
N ASP E 77 -4.43 22.05 -2.93
CA ASP E 77 -3.19 21.68 -3.59
C ASP E 77 -2.37 22.91 -3.97
N ILE E 78 -3.04 23.97 -4.44
CA ILE E 78 -2.34 25.19 -4.82
C ILE E 78 -1.70 25.82 -3.59
N ILE E 79 -2.43 25.87 -2.47
CA ILE E 79 -1.88 26.44 -1.25
C ILE E 79 -0.69 25.62 -0.78
N SER E 80 -0.80 24.29 -0.83
CA SER E 80 0.29 23.43 -0.40
C SER E 80 1.52 23.64 -1.27
N LEU E 81 1.33 23.73 -2.59
CA LEU E 81 2.46 23.96 -3.49
C LEU E 81 3.12 25.31 -3.22
N TRP E 82 2.31 26.35 -2.99
CA TRP E 82 2.87 27.66 -2.70
C TRP E 82 3.67 27.63 -1.40
N ASP E 83 3.15 26.95 -0.37
CA ASP E 83 3.89 26.85 0.88
C ASP E 83 5.19 26.07 0.69
N GLN E 84 5.14 24.98 -0.09
CA GLN E 84 6.34 24.17 -0.29
C GLN E 84 7.41 24.94 -1.07
N SER E 85 7.01 25.74 -2.06
CA SER E 85 7.98 26.42 -2.90
C SER E 85 8.85 27.40 -2.12
N LEU E 86 8.31 28.00 -1.07
CA LEU E 86 9.01 29.03 -0.31
C LEU E 86 9.88 28.47 0.81
N LYS E 87 9.85 27.16 1.05
CA LYS E 87 10.61 26.60 2.17
C LYS E 87 12.11 26.81 2.01
N PRO E 88 12.74 26.47 0.88
CA PRO E 88 14.20 26.69 0.74
C PRO E 88 14.54 28.08 0.20
N CYS E 89 14.33 29.10 1.03
CA CYS E 89 14.62 30.47 0.65
C CYS E 89 15.02 31.25 1.89
N VAL E 90 15.68 32.39 1.65
CA VAL E 90 16.23 33.20 2.75
C VAL E 90 15.09 33.82 3.55
N LYS E 91 15.29 33.90 4.87
CA LYS E 91 14.34 34.54 5.78
C LYS E 91 14.87 35.93 6.12
N LEU E 92 14.04 36.95 5.90
CA LEU E 92 14.44 38.34 6.13
C LEU E 92 14.04 38.77 7.55
N THR E 93 14.69 38.13 8.52
CA THR E 93 14.50 38.48 9.92
C THR E 93 15.30 39.73 10.31
N PRO E 94 16.58 39.85 9.93
CA PRO E 94 17.33 41.06 10.32
C PRO E 94 16.79 42.35 9.74
N LEU E 95 15.96 42.29 8.69
CA LEU E 95 15.50 43.50 8.02
C LEU E 95 14.66 44.41 8.92
N CYS E 96 14.13 43.89 10.04
CA CYS E 96 13.32 44.71 10.94
C CYS E 96 14.26 45.59 11.76
N VAL E 97 14.56 46.77 11.22
CA VAL E 97 15.43 47.75 11.85
C VAL E 97 14.82 49.12 11.64
N THR E 98 15.39 50.12 12.34
CA THR E 98 14.93 51.50 12.21
C THR E 98 15.51 52.10 10.94
N LEU E 99 14.67 52.29 9.94
CA LEU E 99 15.07 52.91 8.68
C LEU E 99 14.97 54.43 8.77
N GLN E 100 15.91 55.10 8.10
CA GLN E 100 15.89 56.57 7.97
C GLN E 100 15.60 56.89 6.51
N CYS E 101 14.42 57.45 6.25
CA CYS E 101 13.90 57.61 4.90
C CYS E 101 13.73 59.07 4.55
N THR E 102 13.86 59.37 3.26
CA THR E 102 13.65 60.71 2.72
C THR E 102 12.89 60.60 1.40
N ASN E 103 12.26 61.71 1.03
CA ASN E 103 11.55 61.76 -0.25
C ASN E 103 12.54 61.84 -1.41
N VAL E 104 12.24 61.11 -2.47
CA VAL E 104 13.02 61.17 -3.71
C VAL E 104 12.43 62.27 -4.59
N THR E 105 13.28 63.14 -5.11
CA THR E 105 12.86 64.30 -5.88
C THR E 105 13.78 64.39 -7.11
N ASN E 106 13.94 63.25 -7.79
CA ASN E 106 14.80 63.13 -8.98
C ASN E 106 13.95 62.66 -10.15
N ASN E 107 13.50 63.62 -10.97
CA ASN E 107 12.82 63.34 -12.23
C ASN E 107 11.57 62.48 -12.02
N ILE E 108 10.60 63.09 -11.33
CA ILE E 108 9.30 62.48 -11.06
C ILE E 108 8.21 63.41 -11.57
N THR E 109 7.07 62.81 -11.89
CA THR E 109 5.91 63.56 -12.36
C THR E 109 5.05 63.98 -11.18
N ASP E 110 3.90 64.59 -11.46
CA ASP E 110 3.03 65.05 -10.38
C ASP E 110 2.37 63.89 -9.65
N ASP E 111 1.98 62.84 -10.38
CA ASP E 111 1.24 61.73 -9.77
C ASP E 111 2.13 60.77 -8.99
N MET E 112 3.44 60.80 -9.22
CA MET E 112 4.38 59.88 -8.55
C MET E 112 5.22 60.60 -7.50
N ARG E 113 4.67 61.64 -6.87
CA ARG E 113 5.36 62.35 -5.80
C ARG E 113 5.02 61.68 -4.47
N GLY E 114 6.06 61.26 -3.76
CA GLY E 114 5.89 60.55 -2.50
C GLY E 114 5.66 59.06 -2.64
N GLU E 115 5.63 58.53 -3.86
CA GLU E 115 5.41 57.10 -4.04
C GLU E 115 6.65 56.29 -3.67
N LEU E 116 7.83 56.87 -3.79
CA LEU E 116 9.09 56.19 -3.53
C LEU E 116 9.84 56.91 -2.42
N LYS E 117 10.44 56.12 -1.52
CA LYS E 117 11.21 56.63 -0.39
C LYS E 117 12.62 56.06 -0.44
N ASN E 118 13.61 56.94 -0.33
CA ASN E 118 15.01 56.56 -0.29
C ASN E 118 15.40 56.35 1.17
N CYS E 119 15.69 55.11 1.55
CA CYS E 119 15.86 54.74 2.95
C CYS E 119 17.24 54.15 3.18
N SER E 120 17.92 54.64 4.20
CA SER E 120 19.22 54.15 4.63
C SER E 120 19.09 53.50 6.01
N PHE E 121 19.92 52.48 6.25
CA PHE E 121 19.85 51.74 7.50
C PHE E 121 21.12 50.92 7.67
N ASN E 122 21.38 50.52 8.91
CA ASN E 122 22.45 49.59 9.22
C ASN E 122 21.98 48.15 9.01
N MET E 123 22.94 47.26 8.82
CA MET E 123 22.63 45.85 8.58
C MET E 123 23.83 45.00 8.99
N THR E 124 23.55 43.73 9.25
CA THR E 124 24.60 42.78 9.58
C THR E 124 25.38 42.41 8.32
N THR E 125 26.36 41.53 8.49
CA THR E 125 27.18 41.05 7.38
C THR E 125 27.55 39.60 7.65
N GLU E 126 28.51 39.09 6.88
CA GLU E 126 28.93 37.70 7.05
C GLU E 126 29.49 37.46 8.45
N LEU E 127 30.30 38.39 8.95
CA LEU E 127 30.83 38.32 10.30
C LEU E 127 29.82 38.90 11.28
N ARG E 128 29.60 38.19 12.39
CA ARG E 128 28.67 38.66 13.40
C ARG E 128 29.19 39.86 14.20
N ASP E 129 30.47 40.23 14.02
CA ASP E 129 31.06 41.35 14.74
C ASP E 129 30.79 42.66 13.99
N LYS E 130 30.97 42.67 12.68
CA LYS E 130 30.92 43.89 11.89
C LYS E 130 29.48 44.23 11.48
N LYS E 131 29.29 45.50 11.13
CA LYS E 131 28.03 45.99 10.60
C LYS E 131 28.32 46.92 9.42
N GLN E 132 27.34 47.07 8.54
CA GLN E 132 27.51 47.87 7.33
C GLN E 132 26.29 48.77 7.14
N LYS E 133 26.54 50.02 6.74
CA LYS E 133 25.49 50.97 6.41
C LYS E 133 25.17 50.85 4.93
N VAL E 134 23.89 50.69 4.61
CA VAL E 134 23.42 50.50 3.24
C VAL E 134 22.18 51.36 3.03
N TYR E 135 21.75 51.44 1.77
CA TYR E 135 20.58 52.22 1.41
C TYR E 135 19.86 51.52 0.25
N SER E 136 18.60 51.88 0.06
CA SER E 136 17.77 51.30 -0.97
C SER E 136 16.56 52.20 -1.19
N LEU E 137 15.68 51.76 -2.09
CA LEU E 137 14.44 52.47 -2.41
C LEU E 137 13.26 51.56 -2.07
N PHE E 138 12.26 52.12 -1.38
CA PHE E 138 11.08 51.38 -0.98
C PHE E 138 9.83 52.12 -1.47
N TYR E 139 8.72 51.39 -1.53
CA TYR E 139 7.45 51.95 -1.92
C TYR E 139 6.70 52.47 -0.69
N ARG E 140 5.87 53.50 -0.91
CA ARG E 140 5.15 54.11 0.20
C ARG E 140 4.20 53.13 0.87
N LEU E 141 3.69 52.15 0.11
CA LEU E 141 2.80 51.15 0.68
C LEU E 141 3.52 50.14 1.56
N ASP E 142 4.85 50.11 1.54
CA ASP E 142 5.63 49.13 2.28
C ASP E 142 6.24 49.67 3.56
N VAL E 143 6.25 51.00 3.75
CA VAL E 143 6.88 51.64 4.90
C VAL E 143 5.83 52.44 5.65
N VAL E 144 5.81 52.29 6.97
CA VAL E 144 4.89 53.00 7.85
C VAL E 144 5.71 53.78 8.87
N GLN E 145 5.29 55.02 9.13
CA GLN E 145 6.01 55.86 10.08
C GLN E 145 5.90 55.29 11.49
N ILE E 146 7.00 55.36 12.23
CA ILE E 146 7.06 54.84 13.59
C ILE E 146 6.84 55.97 14.59
N LYS E 159 10.63 60.95 10.47
CA LYS E 159 11.68 60.58 9.53
C LYS E 159 12.10 59.12 9.67
N GLU E 160 11.66 58.46 10.75
CA GLU E 160 11.97 57.06 11.02
C GLU E 160 10.77 56.21 10.64
N TYR E 161 10.97 55.30 9.68
CA TYR E 161 9.93 54.41 9.19
C TYR E 161 10.29 52.97 9.55
N ARG E 162 9.34 52.06 9.29
CA ARG E 162 9.57 50.64 9.48
C ARG E 162 8.70 49.86 8.50
N LEU E 163 9.11 48.62 8.24
CA LEU E 163 8.33 47.77 7.36
C LEU E 163 6.97 47.45 7.99
N ILE E 164 5.94 47.35 7.14
CA ILE E 164 4.58 47.17 7.63
C ILE E 164 4.45 45.83 8.35
N ASN E 165 5.16 44.81 7.88
CA ASN E 165 5.00 43.46 8.41
C ASN E 165 5.82 43.21 9.67
N CYS E 166 6.60 44.18 10.15
CA CYS E 166 7.48 43.93 11.28
C CYS E 166 6.70 43.58 12.53
N ASN E 167 5.57 44.23 12.77
CA ASN E 167 4.75 43.98 13.96
C ASN E 167 3.77 42.83 13.79
N THR E 168 3.77 42.16 12.64
CA THR E 168 2.91 41.01 12.39
C THR E 168 3.72 39.71 12.32
N SER E 169 4.70 39.62 11.43
CA SER E 169 5.54 38.45 11.30
C SER E 169 6.66 38.75 10.32
N ALA E 170 7.72 37.94 10.39
CA ALA E 170 8.83 38.01 9.47
C ALA E 170 8.70 36.90 8.43
N CYS E 171 8.68 37.28 7.16
CA CYS E 171 8.46 36.35 6.06
C CYS E 171 9.72 36.22 5.23
N THR E 172 9.72 35.23 4.34
CA THR E 172 10.87 34.89 3.53
C THR E 172 10.88 35.68 2.22
N GLN E 173 12.09 35.86 1.69
CA GLN E 173 12.27 36.48 0.38
C GLN E 173 12.12 35.41 -0.69
N ALA E 174 11.26 35.66 -1.68
CA ALA E 174 11.08 34.73 -2.78
C ALA E 174 12.39 34.53 -3.51
N CYS E 175 12.75 33.28 -3.74
CA CYS E 175 14.01 32.98 -4.40
C CYS E 175 13.97 33.49 -5.84
N PRO E 176 15.05 34.11 -6.34
CA PRO E 176 14.99 34.76 -7.65
C PRO E 176 14.94 33.79 -8.82
N LYS E 177 15.33 32.54 -8.64
CA LYS E 177 15.41 31.59 -9.74
C LYS E 177 14.04 31.06 -10.16
N VAL E 178 13.12 30.85 -9.22
CA VAL E 178 11.82 30.30 -9.56
C VAL E 178 11.01 31.35 -10.33
N SER E 179 10.11 30.85 -11.18
CA SER E 179 9.26 31.69 -12.02
C SER E 179 7.80 31.52 -11.62
N PHE E 180 7.06 32.63 -11.65
CA PHE E 180 5.65 32.64 -11.28
C PHE E 180 4.73 32.39 -12.48
N GLU E 181 5.28 32.06 -13.63
CA GLU E 181 4.46 31.87 -14.82
C GLU E 181 3.52 30.68 -14.61
N PRO E 182 2.20 30.83 -14.82
CA PRO E 182 1.32 29.66 -14.72
C PRO E 182 1.65 28.63 -15.78
N ILE E 183 1.44 27.36 -15.42
CA ILE E 183 1.66 26.24 -16.32
C ILE E 183 0.38 25.41 -16.33
N PRO E 184 -0.10 24.93 -17.49
CA PRO E 184 -1.31 24.09 -17.48
C PRO E 184 -1.11 22.83 -16.67
N ILE E 185 -2.17 22.42 -15.95
CA ILE E 185 -2.18 21.21 -15.15
C ILE E 185 -3.45 20.43 -15.46
N HIS E 186 -3.30 19.12 -15.60
CA HIS E 186 -4.42 18.21 -15.83
C HIS E 186 -4.64 17.38 -14.57
N TYR E 187 -5.90 17.27 -14.15
CA TYR E 187 -6.28 16.48 -12.99
C TYR E 187 -6.83 15.13 -13.45
N CYS E 188 -6.32 14.05 -12.88
CA CYS E 188 -6.71 12.70 -13.25
C CYS E 188 -7.22 11.94 -12.03
N ALA E 189 -8.30 11.17 -12.24
CA ALA E 189 -8.89 10.36 -11.19
C ALA E 189 -8.16 9.03 -11.06
N PRO E 190 -8.29 8.34 -9.94
CA PRO E 190 -7.63 7.03 -9.78
C PRO E 190 -8.42 5.93 -10.48
N ALA E 191 -7.87 4.72 -10.43
CA ALA E 191 -8.54 3.57 -10.99
C ALA E 191 -9.80 3.25 -10.20
N GLY E 192 -10.82 2.75 -10.89
CA GLY E 192 -12.10 2.47 -10.29
C GLY E 192 -13.06 3.65 -10.26
N PHE E 193 -12.60 4.84 -10.65
CA PHE E 193 -13.42 6.03 -10.72
C PHE E 193 -13.45 6.55 -12.16
N ALA E 194 -14.28 7.54 -12.40
CA ALA E 194 -14.42 8.13 -13.72
C ALA E 194 -14.76 9.60 -13.59
N ILE E 195 -14.42 10.36 -14.62
CA ILE E 195 -14.70 11.80 -14.71
C ILE E 195 -15.67 12.00 -15.86
N LEU E 196 -16.82 12.60 -15.57
CA LEU E 196 -17.84 12.90 -16.55
C LEU E 196 -17.80 14.38 -16.90
N LYS E 197 -17.84 14.67 -18.20
CA LYS E 197 -17.78 16.01 -18.74
C LYS E 197 -19.04 16.29 -19.55
N CYS E 198 -19.60 17.47 -19.36
CA CYS E 198 -20.81 17.90 -20.06
C CYS E 198 -20.41 18.66 -21.32
N LYS E 199 -20.72 18.09 -22.48
CA LYS E 199 -20.43 18.71 -23.76
C LYS E 199 -21.58 19.56 -24.29
N ASP E 200 -22.66 19.70 -23.53
CA ASP E 200 -23.82 20.47 -23.98
C ASP E 200 -23.52 21.95 -23.83
N LYS E 201 -23.47 22.66 -24.96
CA LYS E 201 -23.32 24.11 -24.92
C LYS E 201 -24.56 24.74 -24.30
N LYS E 202 -24.45 26.05 -24.01
CA LYS E 202 -25.46 26.83 -23.31
C LYS E 202 -25.85 26.25 -21.95
N PHE E 203 -25.01 25.37 -21.39
CA PHE E 203 -25.27 24.81 -20.07
C PHE E 203 -24.78 25.78 -19.00
N ASN E 204 -25.67 26.17 -18.08
CA ASN E 204 -25.40 27.23 -17.13
C ASN E 204 -24.89 26.71 -15.79
N GLY E 205 -24.30 25.50 -15.76
CA GLY E 205 -23.62 25.00 -14.59
C GLY E 205 -24.49 24.34 -13.55
N THR E 206 -25.81 24.27 -13.77
CA THR E 206 -26.70 23.63 -12.81
C THR E 206 -27.89 23.06 -13.56
N GLY E 207 -28.15 21.77 -13.38
CA GLY E 207 -29.29 21.11 -13.98
C GLY E 207 -28.93 19.82 -14.69
N PRO E 208 -29.84 19.32 -15.55
CA PRO E 208 -29.54 18.10 -16.30
C PRO E 208 -28.82 18.36 -17.61
N CYS E 209 -27.64 17.74 -17.76
CA CYS E 209 -26.89 17.78 -19.00
C CYS E 209 -27.21 16.53 -19.82
N PRO E 210 -27.73 16.64 -21.06
CA PRO E 210 -28.08 15.42 -21.80
C PRO E 210 -26.92 14.84 -22.63
N SER E 211 -25.92 15.67 -22.91
CA SER E 211 -24.75 15.26 -23.71
C SER E 211 -23.57 15.12 -22.77
N VAL E 212 -23.13 13.89 -22.55
CA VAL E 212 -22.11 13.57 -21.55
C VAL E 212 -21.01 12.73 -22.20
N SER E 213 -19.81 12.83 -21.63
CA SER E 213 -18.69 12.00 -22.05
C SER E 213 -17.86 11.64 -20.84
N THR E 214 -17.09 10.56 -20.97
CA THR E 214 -16.14 10.11 -19.96
C THR E 214 -14.73 10.47 -20.42
N VAL E 215 -13.98 11.12 -19.56
CA VAL E 215 -12.63 11.59 -19.87
C VAL E 215 -11.67 11.08 -18.80
N GLN E 216 -10.50 10.60 -19.25
CA GLN E 216 -9.52 10.09 -18.31
C GLN E 216 -8.93 11.21 -17.46
N CYS E 217 -8.75 12.40 -18.02
CA CYS E 217 -8.15 13.52 -17.31
C CYS E 217 -8.78 14.82 -17.76
N THR E 218 -8.66 15.83 -16.91
CA THR E 218 -9.21 17.15 -17.20
C THR E 218 -8.27 17.93 -18.12
N HIS E 219 -8.86 18.78 -18.96
CA HIS E 219 -8.07 19.60 -19.85
C HIS E 219 -7.17 20.53 -19.07
N GLY E 220 -6.16 21.07 -19.75
CA GLY E 220 -5.19 21.95 -19.13
C GLY E 220 -5.82 23.19 -18.53
N ILE E 221 -5.52 23.45 -17.25
CA ILE E 221 -6.05 24.61 -16.53
C ILE E 221 -4.88 25.38 -15.97
N LYS E 222 -4.79 26.67 -16.32
CA LYS E 222 -3.72 27.51 -15.81
C LYS E 222 -4.12 28.10 -14.46
N PRO E 223 -3.35 27.85 -13.38
CA PRO E 223 -3.74 28.47 -12.09
C PRO E 223 -3.42 29.95 -12.04
N VAL E 224 -4.23 30.74 -12.75
CA VAL E 224 -4.04 32.18 -12.81
C VAL E 224 -4.70 32.81 -11.59
N VAL E 225 -3.95 33.68 -10.91
CA VAL E 225 -4.42 34.37 -9.71
C VAL E 225 -4.70 35.82 -10.08
N SER E 226 -5.96 36.24 -9.93
CA SER E 226 -6.36 37.61 -10.25
C SER E 226 -7.67 37.89 -9.54
N THR E 227 -8.01 39.18 -9.48
CA THR E 227 -9.24 39.65 -8.86
C THR E 227 -9.93 40.64 -9.79
N GLN E 228 -11.27 40.62 -9.76
CA GLN E 228 -12.14 41.52 -10.52
C GLN E 228 -12.15 41.23 -12.02
N LEU E 229 -11.30 40.32 -12.49
CA LEU E 229 -11.19 40.02 -13.91
C LEU E 229 -10.54 38.65 -14.06
N LEU E 230 -11.08 37.82 -14.95
CA LEU E 230 -10.49 36.53 -15.25
C LEU E 230 -9.57 36.68 -16.45
N LEU E 231 -8.29 36.34 -16.26
CA LEU E 231 -7.26 36.53 -17.26
C LEU E 231 -6.75 35.19 -17.77
N ASN E 232 -6.53 35.12 -19.09
CA ASN E 232 -6.02 33.91 -19.74
C ASN E 232 -6.92 32.71 -19.45
N GLY E 233 -8.23 32.94 -19.47
CA GLY E 233 -9.20 31.89 -19.22
C GLY E 233 -9.75 31.27 -20.49
N SER E 234 -10.85 30.56 -20.34
CA SER E 234 -11.54 29.89 -21.44
C SER E 234 -12.77 30.70 -21.85
N LEU E 235 -13.05 30.69 -23.16
CA LEU E 235 -14.12 31.48 -23.74
C LEU E 235 -15.32 30.60 -24.06
N ALA E 236 -16.52 31.14 -23.85
CA ALA E 236 -17.73 30.44 -24.21
C ALA E 236 -17.82 30.25 -25.72
N GLU E 237 -18.33 29.10 -26.13
CA GLU E 237 -18.39 28.73 -27.54
C GLU E 237 -19.62 29.25 -28.27
N GLU E 238 -20.62 29.75 -27.55
CA GLU E 238 -21.87 30.21 -28.15
C GLU E 238 -22.11 31.70 -27.96
N GLU E 239 -22.06 32.19 -26.73
CA GLU E 239 -22.34 33.59 -26.44
C GLU E 239 -21.98 33.84 -24.99
N VAL E 240 -22.16 35.09 -24.55
CA VAL E 240 -21.84 35.46 -23.18
C VAL E 240 -22.76 34.71 -22.22
N MET E 241 -22.16 34.09 -21.20
CA MET E 241 -22.88 33.28 -20.23
C MET E 241 -22.85 33.94 -18.86
N ILE E 242 -23.95 33.80 -18.12
CA ILE E 242 -24.06 34.32 -16.76
C ILE E 242 -24.42 33.16 -15.85
N ARG E 243 -23.67 33.01 -14.75
CA ARG E 243 -23.87 31.94 -13.80
C ARG E 243 -23.96 32.51 -12.39
N SER E 244 -24.82 31.91 -11.57
CA SER E 244 -24.98 32.34 -10.19
C SER E 244 -25.73 31.25 -9.42
N GLU E 245 -25.31 31.02 -8.18
CA GLU E 245 -25.98 30.01 -7.35
C GLU E 245 -27.43 30.39 -7.09
N ASN E 246 -27.68 31.66 -6.79
CA ASN E 246 -29.04 32.16 -6.54
C ASN E 246 -29.07 33.61 -7.01
N ILE E 247 -29.53 33.81 -8.24
CA ILE E 247 -29.50 35.13 -8.85
C ILE E 247 -30.40 36.12 -8.11
N THR E 248 -31.48 35.63 -7.49
CA THR E 248 -32.35 36.52 -6.73
C THR E 248 -31.63 37.11 -5.52
N ASN E 249 -30.82 36.32 -4.83
CA ASN E 249 -30.09 36.80 -3.67
C ASN E 249 -28.87 37.61 -4.09
N ASN E 250 -28.67 38.75 -3.43
CA ASN E 250 -27.55 39.63 -3.73
C ASN E 250 -26.23 39.16 -3.12
N ALA E 251 -26.27 38.28 -2.12
CA ALA E 251 -25.06 37.86 -1.43
C ALA E 251 -24.21 36.89 -2.23
N LYS E 252 -24.75 36.34 -3.33
CA LYS E 252 -24.02 35.38 -4.16
C LYS E 252 -23.45 36.09 -5.37
N ASN E 253 -22.18 35.82 -5.67
CA ASN E 253 -21.51 36.47 -6.78
C ASN E 253 -22.06 35.96 -8.10
N ILE E 254 -21.83 36.75 -9.15
CA ILE E 254 -22.26 36.43 -10.52
C ILE E 254 -21.01 36.27 -11.37
N LEU E 255 -20.88 35.13 -12.03
CA LEU E 255 -19.76 34.84 -12.91
C LEU E 255 -20.20 35.05 -14.35
N VAL E 256 -19.54 35.98 -15.05
CA VAL E 256 -19.84 36.29 -16.44
C VAL E 256 -18.68 35.78 -17.28
N GLN E 257 -19.00 34.96 -18.29
CA GLN E 257 -18.02 34.40 -19.21
C GLN E 257 -18.26 35.02 -20.59
N PHE E 258 -17.21 35.61 -21.15
CA PHE E 258 -17.31 36.29 -22.43
C PHE E 258 -17.33 35.30 -23.58
N ASN E 259 -17.74 35.78 -24.75
CA ASN E 259 -17.69 35.03 -25.99
C ASN E 259 -16.37 35.26 -26.70
N THR E 260 -15.88 36.49 -26.69
CA THR E 260 -14.63 36.89 -27.32
C THR E 260 -13.76 37.59 -26.30
N PRO E 261 -12.43 37.47 -26.38
CA PRO E 261 -11.57 38.08 -25.37
C PRO E 261 -11.30 39.56 -25.69
N VAL E 262 -10.80 40.27 -24.68
CA VAL E 262 -10.43 41.68 -24.80
C VAL E 262 -8.96 41.81 -24.43
N GLN E 263 -8.18 42.41 -25.33
CA GLN E 263 -6.74 42.54 -25.10
C GLN E 263 -6.48 43.69 -24.12
N ILE E 264 -5.67 43.41 -23.09
CA ILE E 264 -5.24 44.41 -22.11
C ILE E 264 -3.72 44.38 -22.05
N ASN E 265 -3.11 45.56 -22.16
CA ASN E 265 -1.65 45.69 -22.19
C ASN E 265 -1.20 46.45 -20.96
N CYS E 266 -0.49 45.78 -20.06
CA CYS E 266 0.03 46.38 -18.84
C CYS E 266 1.54 46.56 -18.95
N THR E 267 2.06 47.60 -18.30
CA THR E 267 3.48 47.90 -18.39
C THR E 267 3.94 48.73 -17.20
N ARG E 268 5.14 48.40 -16.73
CA ARG E 268 5.90 49.23 -15.79
C ARG E 268 7.11 49.78 -16.54
N PRO E 269 7.18 51.08 -16.84
CA PRO E 269 8.27 51.59 -17.68
C PRO E 269 9.53 52.00 -16.94
N ASN E 270 9.56 51.92 -15.61
CA ASN E 270 10.76 52.29 -14.87
C ASN E 270 11.87 51.28 -15.12
N ASN E 271 13.10 51.79 -15.25
CA ASN E 271 14.27 50.95 -15.49
C ASN E 271 14.89 50.63 -14.14
N ASN E 272 14.47 49.51 -13.56
CA ASN E 272 14.93 49.12 -12.23
C ASN E 272 16.35 48.55 -12.30
N THR E 273 17.06 48.68 -11.18
CA THR E 273 18.40 48.12 -11.01
C THR E 273 18.44 47.36 -9.70
N ARG E 274 19.08 46.19 -9.71
CA ARG E 274 19.13 45.29 -8.56
C ARG E 274 20.56 45.22 -8.03
N LYS E 275 20.69 45.25 -6.71
CA LYS E 275 21.97 45.09 -6.03
C LYS E 275 21.82 44.13 -4.86
N SER E 276 22.83 43.28 -4.68
CA SER E 276 22.83 42.26 -3.63
C SER E 276 23.64 42.75 -2.44
N ILE E 277 23.08 42.59 -1.24
CA ILE E 277 23.74 42.94 0.01
C ILE E 277 23.87 41.66 0.82
N ARG E 278 25.10 41.33 1.22
CA ARG E 278 25.36 40.11 1.97
C ARG E 278 25.00 40.36 3.44
N ILE E 279 23.92 39.73 3.91
CA ILE E 279 23.45 39.90 5.27
C ILE E 279 23.94 38.80 6.21
N GLY E 280 24.68 37.82 5.71
CA GLY E 280 25.19 36.75 6.52
C GLY E 280 25.93 35.72 5.69
N PRO E 281 26.36 34.63 6.32
CA PRO E 281 27.04 33.56 5.56
C PRO E 281 26.10 32.92 4.55
N GLY E 282 26.38 33.12 3.27
CA GLY E 282 25.53 32.56 2.22
C GLY E 282 24.12 33.07 2.26
N GLN E 283 23.92 34.36 2.51
CA GLN E 283 22.60 34.96 2.58
C GLN E 283 22.67 36.37 1.98
N ALA E 284 21.93 36.59 0.91
CA ALA E 284 21.93 37.84 0.18
C ALA E 284 20.53 38.41 0.09
N PHE E 285 20.41 39.72 0.26
CA PHE E 285 19.15 40.45 0.13
C PHE E 285 19.25 41.35 -1.09
N TYR E 286 18.26 41.27 -1.98
CA TYR E 286 18.24 42.02 -3.23
C TYR E 286 17.44 43.29 -3.03
N ALA E 287 18.03 44.43 -3.39
CA ALA E 287 17.44 45.74 -3.18
C ALA E 287 17.49 46.55 -4.48
N THR E 288 16.58 47.51 -4.57
CA THR E 288 16.51 48.41 -5.72
C THR E 288 17.54 49.51 -5.53
N GLY E 289 18.62 49.45 -6.30
CA GLY E 289 19.69 50.42 -6.17
C GLY E 289 19.27 51.83 -6.55
N ASP E 290 18.95 52.02 -7.82
CA ASP E 290 18.56 53.34 -8.32
C ASP E 290 17.76 53.17 -9.60
N ILE E 291 17.05 54.21 -9.98
CA ILE E 291 16.23 54.24 -11.19
C ILE E 291 16.95 55.08 -12.23
N ILE E 292 17.12 54.53 -13.42
CA ILE E 292 17.81 55.21 -14.52
C ILE E 292 16.78 55.97 -15.35
N GLY E 293 17.06 57.23 -15.63
CA GLY E 293 16.17 58.03 -16.44
C GLY E 293 14.97 58.54 -15.66
N ASP E 294 13.89 58.80 -16.39
CA ASP E 294 12.68 59.34 -15.77
C ASP E 294 11.94 58.26 -15.00
N ILE E 295 11.08 58.71 -14.08
CA ILE E 295 10.25 57.84 -13.25
C ILE E 295 8.80 58.16 -13.56
N ARG E 296 8.04 57.13 -13.95
CA ARG E 296 6.65 57.30 -14.35
C ARG E 296 5.82 56.14 -13.81
N GLN E 297 4.52 56.38 -13.68
CA GLN E 297 3.61 55.39 -13.13
C GLN E 297 3.39 54.25 -14.12
N ALA E 298 3.39 53.02 -13.60
CA ALA E 298 2.97 51.88 -14.39
C ALA E 298 1.48 51.96 -14.67
N HIS E 299 1.06 51.39 -15.80
CA HIS E 299 -0.33 51.55 -16.21
C HIS E 299 -0.72 50.43 -17.18
N CYS E 300 -2.03 50.28 -17.37
CA CYS E 300 -2.59 49.33 -18.30
C CYS E 300 -3.51 50.04 -19.28
N ASN E 301 -3.62 49.47 -20.49
CA ASN E 301 -4.46 50.00 -21.56
C ASN E 301 -5.45 48.93 -22.00
N VAL E 302 -6.70 49.36 -22.21
CA VAL E 302 -7.77 48.49 -22.68
C VAL E 302 -8.49 49.19 -23.83
N SER E 303 -8.81 48.43 -24.87
CA SER E 303 -9.53 49.00 -26.01
C SER E 303 -10.89 49.49 -25.59
N LYS E 304 -11.32 50.63 -26.16
CA LYS E 304 -12.56 51.25 -25.77
C LYS E 304 -13.76 50.66 -26.51
N ALA E 305 -13.66 50.56 -27.85
CA ALA E 305 -14.78 50.04 -28.63
C ALA E 305 -15.06 48.58 -28.29
N THR E 306 -14.01 47.78 -28.13
CA THR E 306 -14.20 46.38 -27.77
C THR E 306 -14.86 46.25 -26.40
N TRP E 307 -14.42 47.06 -25.43
CA TRP E 307 -15.03 47.04 -24.11
C TRP E 307 -16.48 47.45 -24.17
N ASN E 308 -16.81 48.47 -24.97
CA ASN E 308 -18.19 48.90 -25.12
C ASN E 308 -19.05 47.79 -25.71
N GLU E 309 -18.53 47.11 -26.74
CA GLU E 309 -19.29 46.01 -27.33
C GLU E 309 -19.49 44.87 -26.33
N THR E 310 -18.45 44.55 -25.56
CA THR E 310 -18.56 43.50 -24.56
C THR E 310 -19.59 43.86 -23.49
N LEU E 311 -19.58 45.12 -23.04
CA LEU E 311 -20.57 45.56 -22.06
C LEU E 311 -21.97 45.56 -22.65
N GLY E 312 -22.10 45.89 -23.94
CA GLY E 312 -23.41 45.77 -24.58
C GLY E 312 -23.93 44.36 -24.58
N LYS E 313 -23.05 43.40 -24.91
CA LYS E 313 -23.45 41.99 -24.86
C LYS E 313 -23.81 41.58 -23.43
N VAL E 314 -23.03 42.04 -22.45
CA VAL E 314 -23.27 41.66 -21.06
C VAL E 314 -24.61 42.20 -20.58
N VAL E 315 -24.92 43.46 -20.89
CA VAL E 315 -26.19 44.02 -20.46
C VAL E 315 -27.35 43.38 -21.20
N LYS E 316 -27.14 43.03 -22.48
CA LYS E 316 -28.18 42.32 -23.22
C LYS E 316 -28.50 40.98 -22.57
N GLN E 317 -27.46 40.25 -22.15
CA GLN E 317 -27.70 38.98 -21.47
C GLN E 317 -28.33 39.20 -20.09
N LEU E 318 -27.90 40.23 -19.37
CA LEU E 318 -28.43 40.48 -18.03
C LEU E 318 -29.90 40.88 -18.07
N ARG E 319 -30.34 41.52 -19.16
CA ARG E 319 -31.74 41.90 -19.28
C ARG E 319 -32.66 40.69 -19.24
N LYS E 320 -32.16 39.52 -19.63
CA LYS E 320 -32.99 38.32 -19.63
C LYS E 320 -33.45 37.96 -18.22
N HIS E 321 -32.55 38.06 -17.25
CA HIS E 321 -32.85 37.64 -15.88
C HIS E 321 -33.44 38.76 -15.03
N PHE E 322 -33.12 40.02 -15.34
CA PHE E 322 -33.50 41.16 -14.52
C PHE E 322 -34.43 42.09 -15.28
N GLY E 323 -35.40 41.53 -16.00
CA GLY E 323 -36.41 42.33 -16.66
C GLY E 323 -35.93 42.97 -17.95
N ASN E 324 -36.87 43.22 -18.86
CA ASN E 324 -36.56 43.78 -20.17
C ASN E 324 -36.61 45.31 -20.20
N ASN E 325 -37.07 45.94 -19.12
CA ASN E 325 -37.26 47.40 -19.08
C ASN E 325 -36.52 48.04 -17.91
N THR E 326 -35.63 47.31 -17.24
CA THR E 326 -34.87 47.84 -16.12
C THR E 326 -33.63 48.60 -16.61
N ILE E 327 -33.11 49.45 -15.73
CA ILE E 327 -31.90 50.21 -16.00
C ILE E 327 -30.73 49.48 -15.37
N ILE E 328 -29.65 49.31 -16.13
CA ILE E 328 -28.48 48.54 -15.71
C ILE E 328 -27.31 49.49 -15.53
N ARG E 329 -26.79 49.55 -14.31
CA ARG E 329 -25.74 50.49 -13.93
C ARG E 329 -24.46 49.75 -13.57
N PHE E 330 -23.33 50.26 -14.05
CA PHE E 330 -22.01 49.81 -13.66
C PHE E 330 -21.32 50.95 -12.93
N ALA E 331 -20.79 50.67 -11.74
CA ALA E 331 -20.22 51.68 -10.87
C ALA E 331 -18.94 51.14 -10.25
N ASN E 332 -18.38 51.89 -9.30
CA ASN E 332 -17.11 51.55 -8.69
C ASN E 332 -17.33 50.53 -7.56
N SER E 333 -16.21 49.96 -7.09
CA SER E 333 -16.27 49.01 -6.00
C SER E 333 -16.64 49.71 -4.70
N SER E 334 -17.20 48.94 -3.77
CA SER E 334 -17.65 49.50 -2.50
C SER E 334 -16.47 49.90 -1.63
N GLY E 335 -15.63 48.93 -1.26
CA GLY E 335 -14.49 49.20 -0.43
C GLY E 335 -13.97 47.93 0.22
N GLY E 336 -12.96 48.12 1.06
CA GLY E 336 -12.32 47.02 1.76
C GLY E 336 -10.82 47.03 1.61
N ASP E 337 -10.21 45.84 1.61
CA ASP E 337 -8.77 45.76 1.42
C ASP E 337 -8.39 46.15 0.00
N LEU E 338 -7.11 46.48 -0.18
CA LEU E 338 -6.62 46.84 -1.51
C LEU E 338 -6.74 45.68 -2.49
N GLU E 339 -6.60 44.44 -2.00
CA GLU E 339 -6.69 43.28 -2.88
C GLU E 339 -8.09 43.15 -3.47
N VAL E 340 -9.12 43.33 -2.64
CA VAL E 340 -10.49 43.21 -3.11
C VAL E 340 -10.98 44.48 -3.80
N THR E 341 -10.47 45.65 -3.41
CA THR E 341 -10.93 46.91 -3.97
C THR E 341 -10.41 47.16 -5.39
N THR E 342 -9.19 46.73 -5.68
CA THR E 342 -8.53 46.98 -6.96
C THR E 342 -8.28 45.67 -7.69
N HIS E 343 -8.04 45.77 -8.99
CA HIS E 343 -7.71 44.61 -9.81
C HIS E 343 -6.26 44.22 -9.52
N SER E 344 -6.08 43.15 -8.76
CA SER E 344 -4.76 42.71 -8.33
C SER E 344 -4.31 41.52 -9.17
N PHE E 345 -3.05 41.55 -9.60
CA PHE E 345 -2.47 40.45 -10.35
C PHE E 345 -0.95 40.56 -10.26
N ASN E 346 -0.27 39.66 -10.95
CA ASN E 346 1.20 39.67 -11.04
C ASN E 346 1.61 39.48 -12.48
N CYS E 347 2.59 40.26 -12.92
CA CYS E 347 3.15 40.16 -14.27
C CYS E 347 4.66 40.18 -14.16
N GLY E 348 5.30 39.15 -14.72
CA GLY E 348 6.76 39.09 -14.74
C GLY E 348 7.39 39.16 -13.35
N GLY E 349 6.69 38.71 -12.33
CA GLY E 349 7.19 38.75 -10.97
C GLY E 349 6.88 40.02 -10.20
N GLU E 350 6.28 41.02 -10.84
CA GLU E 350 5.90 42.26 -10.18
C GLU E 350 4.41 42.26 -9.91
N PHE E 351 4.03 42.62 -8.69
CA PHE E 351 2.63 42.53 -8.24
C PHE E 351 1.95 43.87 -8.44
N PHE E 352 1.01 43.90 -9.39
CA PHE E 352 0.29 45.11 -9.77
C PHE E 352 -1.08 45.15 -9.11
N TYR E 353 -1.50 46.36 -8.74
CA TYR E 353 -2.86 46.63 -8.29
C TYR E 353 -3.37 47.81 -9.09
N CYS E 354 -4.32 47.56 -9.99
CA CYS E 354 -4.81 48.57 -10.92
C CYS E 354 -6.18 49.06 -10.52
N ASN E 355 -6.42 50.35 -10.79
CA ASN E 355 -7.65 51.04 -10.42
C ASN E 355 -8.61 50.94 -11.60
N THR E 356 -9.52 49.96 -11.54
CA THR E 356 -10.49 49.73 -12.62
C THR E 356 -11.74 50.57 -12.34
N SER E 357 -11.59 51.89 -12.50
CA SER E 357 -12.67 52.83 -12.30
C SER E 357 -13.28 53.34 -13.59
N GLY E 358 -12.50 53.41 -14.67
CA GLY E 358 -13.02 53.86 -15.95
C GLY E 358 -13.78 52.83 -16.73
N LEU E 359 -13.65 51.55 -16.35
CA LEU E 359 -14.35 50.48 -17.08
C LEU E 359 -15.78 50.34 -16.59
N PHE E 360 -15.97 50.04 -15.32
CA PHE E 360 -17.30 49.81 -14.75
C PHE E 360 -17.88 51.14 -14.26
N ASN E 361 -18.17 52.01 -15.23
CA ASN E 361 -18.72 53.33 -14.93
C ASN E 361 -19.60 53.73 -16.11
N SER E 362 -20.90 53.42 -16.01
CA SER E 362 -21.82 53.73 -17.10
C SER E 362 -23.24 53.34 -16.66
N THR E 363 -24.22 53.75 -17.47
CA THR E 363 -25.61 53.40 -17.27
C THR E 363 -26.23 53.04 -18.61
N TRP E 364 -27.13 52.05 -18.59
CA TRP E 364 -27.79 51.56 -19.79
C TRP E 364 -29.29 51.54 -19.55
N ILE E 365 -30.05 52.07 -20.52
CA ILE E 365 -31.50 52.17 -20.46
C ILE E 365 -32.07 51.34 -21.61
N SER E 366 -33.15 50.62 -21.32
CA SER E 366 -33.79 49.81 -22.34
C SER E 366 -34.34 50.70 -23.44
N ASN E 367 -34.15 50.26 -24.69
CA ASN E 367 -34.63 51.02 -25.85
C ASN E 367 -34.87 50.09 -27.03
N SER E 378 -12.90 55.39 -31.72
CA SER E 378 -12.05 55.23 -32.90
C SER E 378 -10.83 54.39 -32.57
N ASN E 379 -9.86 55.01 -31.88
CA ASN E 379 -8.65 54.31 -31.46
C ASN E 379 -8.22 54.66 -30.04
N ASP E 380 -9.00 55.47 -29.31
CA ASP E 380 -8.65 55.80 -27.94
C ASP E 380 -8.78 54.56 -27.05
N SER E 381 -7.92 54.50 -26.04
CA SER E 381 -7.86 53.37 -25.12
C SER E 381 -8.03 53.86 -23.68
N ILE E 382 -8.81 53.13 -22.90
CA ILE E 382 -8.97 53.44 -21.48
C ILE E 382 -7.67 53.08 -20.76
N THR E 383 -7.16 54.03 -19.98
CA THR E 383 -5.91 53.88 -19.26
C THR E 383 -6.20 53.72 -17.77
N LEU E 384 -5.71 52.63 -17.19
CA LEU E 384 -5.87 52.33 -15.77
C LEU E 384 -4.52 52.50 -15.07
N PRO E 385 -4.34 53.48 -14.19
CA PRO E 385 -3.09 53.53 -13.42
C PRO E 385 -3.01 52.37 -12.44
N CYS E 386 -1.78 51.96 -12.15
CA CYS E 386 -1.54 50.82 -11.27
C CYS E 386 -0.41 51.12 -10.31
N ARG E 387 -0.44 50.46 -9.16
CA ARG E 387 0.58 50.58 -8.12
C ARG E 387 1.23 49.22 -7.90
N ILE E 388 2.55 49.23 -7.77
CA ILE E 388 3.34 48.01 -7.59
C ILE E 388 3.55 47.79 -6.10
N LYS E 389 3.52 46.52 -5.69
CA LYS E 389 3.75 46.14 -4.30
C LYS E 389 4.78 45.01 -4.23
N GLN E 390 5.53 45.00 -3.13
CA GLN E 390 6.58 44.01 -2.90
C GLN E 390 6.27 43.05 -1.76
N ILE E 391 5.71 43.54 -0.64
CA ILE E 391 5.28 42.68 0.46
C ILE E 391 3.88 42.18 0.12
N ILE E 392 3.75 40.86 -0.04
CA ILE E 392 2.55 40.24 -0.61
C ILE E 392 2.00 39.22 0.38
N ASN E 393 0.68 39.24 0.55
CA ASN E 393 -0.07 38.18 1.22
C ASN E 393 -1.05 37.65 0.17
N MET E 394 -0.60 36.66 -0.60
CA MET E 394 -1.38 36.20 -1.74
C MET E 394 -2.74 35.65 -1.30
N TRP E 395 -2.74 34.73 -0.35
CA TRP E 395 -3.96 34.13 0.15
C TRP E 395 -4.46 34.90 1.38
N GLN E 396 -5.72 34.65 1.72
CA GLN E 396 -6.35 35.33 2.85
C GLN E 396 -5.84 34.75 4.16
N ARG E 397 -4.56 34.99 4.47
CA ARG E 397 -3.92 34.49 5.67
C ARG E 397 -3.17 35.62 6.35
N ILE E 398 -3.09 35.54 7.68
CA ILE E 398 -2.45 36.55 8.51
C ILE E 398 -1.26 35.89 9.19
N GLY E 399 -0.11 36.56 9.13
CA GLY E 399 1.11 36.07 9.74
C GLY E 399 2.09 35.43 8.78
N GLN E 400 1.82 35.46 7.47
CA GLN E 400 2.73 34.88 6.47
C GLN E 400 2.70 35.78 5.24
N CYS E 401 3.65 36.70 5.16
CA CYS E 401 3.79 37.59 4.01
C CYS E 401 4.82 36.99 3.05
N MET E 402 5.19 37.76 2.02
CA MET E 402 6.23 37.35 1.09
C MET E 402 6.82 38.59 0.43
N TYR E 403 8.14 38.59 0.29
CA TYR E 403 8.87 39.71 -0.31
C TYR E 403 9.27 39.34 -1.73
N ALA E 404 8.85 40.16 -2.69
CA ALA E 404 9.19 39.94 -4.09
C ALA E 404 10.46 40.71 -4.44
N PRO E 405 11.54 40.05 -4.85
CA PRO E 405 12.74 40.80 -5.22
C PRO E 405 12.48 41.66 -6.45
N PRO E 406 13.16 42.80 -6.59
CA PRO E 406 12.93 43.65 -7.76
C PRO E 406 13.43 42.99 -9.03
N ILE E 407 12.78 43.34 -10.14
CA ILE E 407 13.14 42.85 -11.46
C ILE E 407 13.89 43.95 -12.20
N GLN E 408 14.95 43.57 -12.91
CA GLN E 408 15.78 44.53 -13.62
C GLN E 408 15.15 44.89 -14.96
N GLY E 409 15.08 46.18 -15.25
CA GLY E 409 14.58 46.66 -16.52
C GLY E 409 13.08 46.87 -16.54
N VAL E 410 12.61 47.49 -17.62
CA VAL E 410 11.18 47.75 -17.79
C VAL E 410 10.45 46.43 -18.04
N ILE E 411 9.14 46.44 -17.79
CA ILE E 411 8.33 45.24 -17.90
C ILE E 411 7.07 45.56 -18.70
N ARG E 412 6.66 44.62 -19.55
CA ARG E 412 5.46 44.77 -20.34
C ARG E 412 4.83 43.40 -20.55
N CYS E 413 3.51 43.35 -20.56
CA CYS E 413 2.79 42.11 -20.79
C CYS E 413 1.43 42.43 -21.41
N VAL E 414 0.87 41.42 -22.08
CA VAL E 414 -0.43 41.52 -22.72
C VAL E 414 -1.24 40.28 -22.31
N SER E 415 -2.54 40.48 -22.05
CA SER E 415 -3.38 39.42 -21.54
C SER E 415 -4.77 39.52 -22.15
N ASN E 416 -5.50 38.42 -22.03
CA ASN E 416 -6.89 38.32 -22.50
C ASN E 416 -7.84 38.41 -21.32
N ILE E 417 -8.78 39.35 -21.38
CA ILE E 417 -9.90 39.39 -20.46
C ILE E 417 -11.01 38.54 -21.07
N THR E 418 -11.45 37.53 -20.32
CA THR E 418 -12.44 36.57 -20.81
C THR E 418 -13.56 36.32 -19.80
N GLY E 419 -13.66 37.15 -18.77
CA GLY E 419 -14.71 36.96 -17.78
C GLY E 419 -14.65 38.02 -16.70
N LEU E 420 -15.73 38.07 -15.93
CA LEU E 420 -15.90 39.05 -14.86
C LEU E 420 -16.57 38.39 -13.66
N ILE E 421 -16.33 38.96 -12.48
CA ILE E 421 -17.01 38.59 -11.25
C ILE E 421 -17.73 39.84 -10.77
N LEU E 422 -19.07 39.78 -10.75
CA LEU E 422 -19.91 40.93 -10.44
C LEU E 422 -20.71 40.66 -9.18
N THR E 423 -21.06 41.75 -8.49
CA THR E 423 -21.88 41.68 -7.28
C THR E 423 -22.98 42.72 -7.37
N ARG E 424 -24.20 42.31 -7.00
CA ARG E 424 -25.34 43.21 -6.99
C ARG E 424 -25.44 43.92 -5.64
N ASP E 425 -25.70 45.22 -5.69
CA ASP E 425 -25.85 46.03 -4.49
C ASP E 425 -27.33 46.23 -4.20
N GLY E 426 -27.70 46.14 -2.93
CA GLY E 426 -29.09 46.34 -2.55
C GLY E 426 -30.00 45.29 -3.15
N GLY E 427 -30.78 45.70 -4.15
CA GLY E 427 -31.68 44.80 -4.82
C GLY E 427 -33.10 44.79 -4.30
N SER E 428 -33.46 45.74 -3.44
CA SER E 428 -34.80 45.79 -2.89
C SER E 428 -35.80 46.18 -3.98
N THR E 429 -37.07 45.84 -3.73
CA THR E 429 -38.13 46.12 -4.68
C THR E 429 -38.48 47.61 -4.75
N ASN E 430 -37.94 48.43 -3.85
CA ASN E 430 -38.29 49.85 -3.86
C ASN E 430 -37.84 50.53 -5.14
N SER E 431 -36.65 50.20 -5.62
CA SER E 431 -36.06 50.82 -6.80
C SER E 431 -35.96 49.81 -7.94
N THR E 432 -36.22 50.29 -9.16
CA THR E 432 -36.12 49.46 -10.36
C THR E 432 -34.75 49.53 -11.01
N THR E 433 -33.82 50.30 -10.45
CA THR E 433 -32.48 50.44 -11.02
C THR E 433 -31.55 49.39 -10.41
N GLU E 434 -30.90 48.61 -11.27
CA GLU E 434 -29.96 47.58 -10.84
C GLU E 434 -28.53 48.07 -11.07
N THR E 435 -27.73 48.07 -10.02
CA THR E 435 -26.33 48.46 -10.07
C THR E 435 -25.47 47.24 -9.75
N PHE E 436 -24.46 46.99 -10.59
CA PHE E 436 -23.50 45.92 -10.39
C PHE E 436 -22.11 46.49 -10.24
N ARG E 437 -21.33 45.91 -9.33
CA ARG E 437 -19.99 46.37 -9.00
C ARG E 437 -19.01 45.23 -9.11
N PRO E 438 -17.72 45.51 -9.33
CA PRO E 438 -16.72 44.42 -9.36
C PRO E 438 -16.66 43.69 -8.03
N GLY E 439 -16.35 42.39 -8.12
CA GLY E 439 -16.18 41.56 -6.94
C GLY E 439 -14.84 40.86 -6.92
N GLY E 440 -14.72 39.82 -6.10
CA GLY E 440 -13.48 39.06 -6.02
C GLY E 440 -13.13 38.66 -4.60
N GLY E 441 -11.84 38.65 -4.28
CA GLY E 441 -11.38 38.27 -2.96
C GLY E 441 -11.13 36.78 -2.83
N ASP E 442 -12.20 35.99 -2.80
CA ASP E 442 -12.06 34.55 -2.71
C ASP E 442 -11.58 33.99 -4.04
N MET E 443 -10.50 33.20 -3.99
CA MET E 443 -9.92 32.65 -5.20
C MET E 443 -10.58 31.35 -5.65
N ARG E 444 -11.52 30.81 -4.86
CA ARG E 444 -12.24 29.62 -5.30
C ARG E 444 -13.09 29.90 -6.53
N ASP E 445 -13.53 31.14 -6.71
CA ASP E 445 -14.30 31.50 -7.89
C ASP E 445 -13.47 31.36 -9.16
N ASN E 446 -12.17 31.66 -9.08
CA ASN E 446 -11.31 31.51 -10.25
C ASN E 446 -11.23 30.05 -10.69
N TRP E 447 -11.15 29.13 -9.73
CA TRP E 447 -11.10 27.71 -10.08
C TRP E 447 -12.47 27.19 -10.51
N ARG E 448 -13.55 27.73 -9.92
CA ARG E 448 -14.89 27.28 -10.28
C ARG E 448 -15.26 27.64 -11.71
N SER E 449 -14.63 28.66 -12.29
CA SER E 449 -14.94 29.07 -13.66
C SER E 449 -14.43 28.08 -14.70
N GLU E 450 -13.52 27.18 -14.33
CA GLU E 450 -12.94 26.21 -15.26
C GLU E 450 -13.47 24.80 -15.06
N LEU E 451 -13.80 24.41 -13.83
CA LEU E 451 -14.26 23.08 -13.51
C LEU E 451 -15.78 23.01 -13.39
N TYR E 452 -16.50 23.91 -14.08
CA TYR E 452 -17.95 23.94 -14.01
C TYR E 452 -18.61 22.83 -14.82
N LYS E 453 -17.88 22.22 -15.76
CA LYS E 453 -18.41 21.18 -16.64
C LYS E 453 -17.77 19.82 -16.39
N TYR E 454 -17.38 19.55 -15.13
CA TYR E 454 -16.73 18.30 -14.76
C TYR E 454 -17.33 17.79 -13.46
N LYS E 455 -17.39 16.46 -13.34
CA LYS E 455 -17.75 15.83 -12.08
C LYS E 455 -17.09 14.46 -12.02
N VAL E 456 -17.04 13.90 -10.81
CA VAL E 456 -16.35 12.65 -10.54
C VAL E 456 -17.35 11.65 -9.96
N VAL E 457 -17.30 10.41 -10.45
CA VAL E 457 -18.17 9.33 -9.98
C VAL E 457 -17.33 8.07 -9.79
N LYS E 458 -17.91 7.12 -9.07
CA LYS E 458 -17.28 5.82 -8.81
C LYS E 458 -18.20 4.72 -9.32
N ILE E 459 -17.61 3.70 -9.94
CA ILE E 459 -18.37 2.65 -10.60
C ILE E 459 -18.82 1.62 -9.58
N GLU E 460 -19.93 0.95 -9.89
CA GLU E 460 -20.49 -0.12 -9.06
C GLU E 460 -20.67 -1.34 -9.96
N PRO E 461 -19.60 -2.06 -10.27
CA PRO E 461 -19.70 -3.13 -11.28
C PRO E 461 -20.65 -4.25 -10.90
N LEU E 462 -20.76 -4.60 -9.62
CA LEU E 462 -21.56 -5.75 -9.23
C LEU E 462 -23.05 -5.43 -9.32
N GLY E 463 -23.83 -6.41 -9.76
CA GLY E 463 -25.27 -6.24 -9.86
C GLY E 463 -25.98 -7.58 -9.80
N VAL E 464 -27.27 -7.52 -9.48
CA VAL E 464 -28.12 -8.69 -9.34
C VAL E 464 -29.36 -8.51 -10.19
N ALA E 465 -29.77 -9.58 -10.87
CA ALA E 465 -30.92 -9.52 -11.78
C ALA E 465 -31.64 -10.85 -11.72
N PRO E 466 -32.83 -10.95 -12.35
CA PRO E 466 -33.48 -12.26 -12.50
C PRO E 466 -33.16 -12.91 -13.84
N THR E 467 -33.05 -14.24 -13.80
CA THR E 467 -32.76 -15.02 -15.01
C THR E 467 -33.39 -16.40 -14.86
N ARG E 468 -33.42 -17.13 -15.98
CA ARG E 468 -34.10 -18.42 -16.07
C ARG E 468 -33.18 -19.62 -15.90
N CYS E 469 -31.94 -19.42 -15.44
CA CYS E 469 -31.03 -20.55 -15.29
C CYS E 469 -31.41 -21.37 -14.06
N LYS E 470 -30.55 -22.35 -13.74
CA LYS E 470 -30.62 -23.04 -12.47
C LYS E 470 -29.30 -23.77 -12.26
N ARG E 471 -28.61 -23.47 -11.16
CA ARG E 471 -27.34 -24.13 -10.86
C ARG E 471 -27.59 -25.48 -10.20
N ALA F 6 -15.70 9.59 -33.36
CA ALA F 6 -16.11 9.42 -31.97
C ALA F 6 -15.75 8.03 -31.46
N VAL F 7 -15.75 7.87 -30.13
CA VAL F 7 -15.39 6.64 -29.47
C VAL F 7 -16.58 6.12 -28.69
N PHE F 8 -17.79 6.35 -29.23
CA PHE F 8 -19.05 6.02 -28.57
C PHE F 8 -19.02 4.67 -27.86
N LEU F 9 -18.55 3.63 -28.54
CA LEU F 9 -18.45 2.31 -27.95
C LEU F 9 -17.09 2.17 -27.27
N GLY F 10 -17.10 1.78 -26.00
CA GLY F 10 -15.89 1.63 -25.22
C GLY F 10 -16.09 1.96 -23.76
N PHE F 11 -15.57 1.09 -22.88
CA PHE F 11 -15.72 1.24 -21.44
C PHE F 11 -17.19 1.43 -21.06
N LEU F 12 -17.62 2.67 -20.78
CA LEU F 12 -18.95 2.96 -20.29
C LEU F 12 -19.91 3.38 -21.40
N GLY F 13 -19.55 3.15 -22.66
CA GLY F 13 -20.40 3.55 -23.76
C GLY F 13 -21.75 2.86 -23.78
N ALA F 14 -21.87 1.69 -23.14
CA ALA F 14 -23.10 0.94 -23.08
C ALA F 14 -23.99 1.34 -21.90
N ALA F 15 -23.69 2.46 -21.24
CA ALA F 15 -24.50 2.87 -20.10
C ALA F 15 -25.93 3.18 -20.51
N GLY F 16 -26.12 3.87 -21.63
CA GLY F 16 -27.44 4.21 -22.11
C GLY F 16 -28.19 3.12 -22.82
N SER F 17 -27.53 2.00 -23.11
CA SER F 17 -28.18 0.89 -23.80
C SER F 17 -28.99 0.05 -22.81
N THR F 18 -29.81 -0.85 -23.36
CA THR F 18 -30.64 -1.71 -22.53
C THR F 18 -29.77 -2.74 -21.80
N MET F 19 -30.38 -3.41 -20.83
CA MET F 19 -29.65 -4.42 -20.05
C MET F 19 -29.21 -5.57 -20.94
N GLY F 20 -30.08 -6.01 -21.87
CA GLY F 20 -29.70 -7.09 -22.76
C GLY F 20 -28.51 -6.73 -23.64
N ALA F 21 -28.52 -5.51 -24.19
CA ALA F 21 -27.39 -5.06 -25.00
C ALA F 21 -26.17 -4.73 -24.13
N ALA F 22 -26.39 -4.21 -22.92
CA ALA F 22 -25.28 -3.86 -22.05
C ALA F 22 -24.58 -5.09 -21.48
N SER F 23 -25.26 -6.22 -21.41
CA SER F 23 -24.66 -7.45 -20.88
C SER F 23 -23.63 -8.07 -21.82
N MET F 24 -23.54 -7.59 -23.06
CA MET F 24 -22.60 -8.16 -24.03
C MET F 24 -21.19 -7.58 -23.91
N THR F 25 -20.98 -6.57 -23.06
CA THR F 25 -19.72 -5.84 -22.98
C THR F 25 -19.30 -5.66 -21.53
N LEU F 26 -19.39 -6.72 -20.73
CA LEU F 26 -18.98 -6.62 -19.34
C LEU F 26 -17.47 -6.56 -19.19
N THR F 27 -16.73 -7.14 -20.15
CA THR F 27 -15.27 -7.24 -20.01
C THR F 27 -14.60 -5.87 -20.06
N VAL F 28 -15.12 -4.95 -20.87
CA VAL F 28 -14.48 -3.65 -20.99
C VAL F 28 -14.59 -2.85 -19.70
N GLN F 29 -15.73 -2.99 -18.98
CA GLN F 29 -15.76 -2.45 -17.62
C GLN F 29 -14.89 -3.25 -16.66
N ALA F 30 -14.82 -4.57 -16.82
CA ALA F 30 -14.07 -5.39 -15.86
C ALA F 30 -12.59 -5.05 -15.90
N ARG F 31 -12.04 -4.80 -17.08
CA ARG F 31 -10.60 -4.63 -17.22
C ARG F 31 -10.09 -3.42 -16.44
N ASN F 32 -10.79 -2.30 -16.52
CA ASN F 32 -10.26 -1.03 -16.03
C ASN F 32 -10.40 -0.85 -14.52
N LEU F 33 -11.02 -1.81 -13.83
CA LEU F 33 -11.23 -1.68 -12.39
C LEU F 33 -9.91 -1.66 -11.62
N LEU F 34 -8.86 -2.29 -12.14
CA LEU F 34 -7.55 -2.31 -11.49
C LEU F 34 -6.64 -1.18 -11.96
N SER F 35 -6.66 -0.86 -13.25
CA SER F 35 -5.82 0.21 -13.79
C SER F 35 -6.18 0.49 -15.24
N THR F 58 6.91 15.94 -4.36
CA THR F 58 6.96 14.88 -3.36
C THR F 58 5.62 14.75 -2.65
N VAL F 59 4.95 15.88 -2.43
CA VAL F 59 3.66 15.87 -1.75
C VAL F 59 2.62 15.17 -2.61
N TRP F 60 2.71 15.34 -3.94
CA TRP F 60 1.76 14.66 -4.83
C TRP F 60 1.92 13.15 -4.78
N GLY F 61 3.15 12.67 -4.60
CA GLY F 61 3.36 11.23 -4.52
C GLY F 61 2.62 10.59 -3.36
N ILE F 62 2.55 11.30 -2.23
CA ILE F 62 1.83 10.76 -1.07
C ILE F 62 0.35 10.60 -1.39
N LYS F 63 -0.24 11.62 -2.03
CA LYS F 63 -1.65 11.53 -2.40
C LYS F 63 -1.88 10.41 -3.42
N GLN F 64 -0.98 10.27 -4.39
CA GLN F 64 -1.12 9.21 -5.38
C GLN F 64 -1.03 7.84 -4.72
N LEU F 65 -0.10 7.66 -3.78
CA LEU F 65 0.02 6.38 -3.08
C LEU F 65 -1.23 6.10 -2.25
N GLN F 66 -1.76 7.12 -1.58
CA GLN F 66 -2.97 6.93 -0.78
C GLN F 66 -4.14 6.54 -1.67
N ALA F 67 -4.27 7.17 -2.84
CA ALA F 67 -5.31 6.80 -3.78
C ALA F 67 -5.13 5.37 -4.28
N ARG F 68 -3.89 4.98 -4.58
CA ARG F 68 -3.63 3.63 -5.08
C ARG F 68 -3.94 2.57 -4.03
N VAL F 69 -3.72 2.87 -2.76
CA VAL F 69 -3.97 1.89 -1.70
C VAL F 69 -5.44 1.49 -1.65
N LEU F 70 -6.36 2.40 -1.96
CA LEU F 70 -7.79 2.13 -1.84
C LEU F 70 -8.35 1.29 -2.98
N ALA F 71 -7.82 1.47 -4.20
CA ALA F 71 -8.35 0.72 -5.34
C ALA F 71 -8.11 -0.77 -5.18
N VAL F 72 -6.94 -1.15 -4.69
CA VAL F 72 -6.65 -2.57 -4.48
C VAL F 72 -7.60 -3.16 -3.44
N GLU F 73 -7.85 -2.41 -2.36
CA GLU F 73 -8.77 -2.90 -1.33
C GLU F 73 -10.17 -3.08 -1.90
N ARG F 74 -10.64 -2.11 -2.69
CA ARG F 74 -11.97 -2.23 -3.28
C ARG F 74 -12.05 -3.43 -4.23
N TYR F 75 -11.02 -3.62 -5.06
CA TYR F 75 -11.02 -4.75 -5.97
C TYR F 75 -11.02 -6.07 -5.22
N LEU F 76 -10.21 -6.17 -4.16
CA LEU F 76 -10.16 -7.40 -3.37
C LEU F 76 -11.49 -7.65 -2.67
N ARG F 77 -12.15 -6.60 -2.18
CA ARG F 77 -13.46 -6.77 -1.57
C ARG F 77 -14.47 -7.31 -2.58
N ASP F 78 -14.47 -6.74 -3.79
CA ASP F 78 -15.39 -7.23 -4.82
C ASP F 78 -15.10 -8.68 -5.19
N GLN F 79 -13.81 -9.02 -5.33
CA GLN F 79 -13.45 -10.38 -5.68
C GLN F 79 -13.84 -11.36 -4.59
N GLN F 80 -13.63 -11.00 -3.32
CA GLN F 80 -14.02 -11.87 -2.22
C GLN F 80 -15.54 -12.05 -2.20
N LEU F 81 -16.29 -10.97 -2.41
CA LEU F 81 -17.75 -11.07 -2.40
C LEU F 81 -18.23 -11.99 -3.52
N LEU F 82 -17.62 -11.87 -4.71
CA LEU F 82 -17.97 -12.78 -5.79
C LEU F 82 -17.61 -14.22 -5.46
N GLY F 83 -16.41 -14.45 -4.93
CA GLY F 83 -15.95 -15.81 -4.69
C GLY F 83 -16.74 -16.52 -3.62
N ILE F 84 -17.18 -15.78 -2.59
CA ILE F 84 -17.92 -16.41 -1.49
C ILE F 84 -19.22 -17.02 -1.99
N TRP F 85 -19.86 -16.40 -2.98
CA TRP F 85 -21.12 -16.90 -3.52
C TRP F 85 -20.93 -18.10 -4.44
N GLY F 86 -19.70 -18.46 -4.77
CA GLY F 86 -19.44 -19.58 -5.65
C GLY F 86 -19.33 -19.24 -7.12
N CYS F 87 -19.38 -17.95 -7.48
CA CYS F 87 -19.24 -17.50 -8.86
C CYS F 87 -17.82 -17.00 -9.16
N SER F 88 -16.81 -17.62 -8.54
CA SER F 88 -15.44 -17.19 -8.74
C SER F 88 -15.03 -17.38 -10.20
N GLY F 89 -14.36 -16.37 -10.75
CA GLY F 89 -13.88 -16.45 -12.12
C GLY F 89 -14.98 -16.59 -13.15
N LYS F 90 -16.07 -15.84 -12.97
CA LYS F 90 -17.18 -15.86 -13.91
C LYS F 90 -17.81 -14.47 -13.96
N LEU F 91 -18.13 -14.01 -15.18
CA LEU F 91 -18.75 -12.70 -15.37
C LEU F 91 -20.27 -12.78 -15.35
N ILE F 92 -20.84 -13.87 -15.88
CA ILE F 92 -22.29 -14.07 -15.90
C ILE F 92 -22.52 -15.45 -15.27
N CYS F 93 -22.81 -15.47 -13.97
CA CYS F 93 -22.97 -16.70 -13.20
C CYS F 93 -24.35 -16.70 -12.55
N CYS F 94 -25.19 -17.64 -12.95
CA CYS F 94 -26.47 -17.83 -12.30
C CYS F 94 -26.30 -18.72 -11.07
N THR F 95 -27.28 -18.62 -10.15
CA THR F 95 -27.21 -19.31 -8.87
C THR F 95 -28.52 -20.03 -8.57
N ASN F 96 -28.64 -20.56 -7.33
CA ASN F 96 -29.76 -21.41 -6.95
C ASN F 96 -30.89 -20.67 -6.26
N VAL F 97 -30.63 -19.51 -5.68
CA VAL F 97 -31.67 -18.82 -4.89
C VAL F 97 -32.78 -18.36 -5.84
N PRO F 98 -34.05 -18.67 -5.58
CA PRO F 98 -35.11 -18.17 -6.46
C PRO F 98 -35.39 -16.69 -6.24
N TRP F 99 -36.05 -16.10 -7.23
CA TRP F 99 -36.40 -14.68 -7.19
C TRP F 99 -37.72 -14.50 -6.46
N ASN F 100 -37.74 -13.63 -5.45
CA ASN F 100 -38.96 -13.32 -4.73
C ASN F 100 -39.74 -12.25 -5.46
N SER F 101 -41.03 -12.48 -5.66
CA SER F 101 -41.87 -11.53 -6.39
C SER F 101 -42.08 -10.24 -5.61
N SER F 102 -41.90 -10.25 -4.29
CA SER F 102 -42.11 -9.05 -3.50
C SER F 102 -41.10 -7.96 -3.87
N TRP F 103 -39.84 -8.35 -4.08
CA TRP F 103 -38.81 -7.37 -4.39
C TRP F 103 -39.10 -6.65 -5.70
N SER F 104 -39.54 -7.39 -6.73
CA SER F 104 -39.86 -6.81 -8.03
C SER F 104 -40.96 -7.63 -8.67
N ASN F 105 -41.90 -6.94 -9.33
CA ASN F 105 -43.02 -7.57 -10.01
C ASN F 105 -42.91 -7.55 -11.52
N ARG F 106 -42.03 -6.71 -12.08
CA ARG F 106 -41.89 -6.62 -13.53
C ARG F 106 -41.30 -7.92 -14.08
N ASN F 107 -41.77 -8.32 -15.26
CA ASN F 107 -41.32 -9.54 -15.91
C ASN F 107 -40.15 -9.24 -16.85
N LEU F 108 -39.55 -10.33 -17.36
CA LEU F 108 -38.37 -10.20 -18.21
C LEU F 108 -38.68 -9.47 -19.52
N SER F 109 -39.95 -9.43 -19.94
CA SER F 109 -40.30 -8.82 -21.22
C SER F 109 -39.95 -7.33 -21.22
N GLU F 110 -40.20 -6.64 -20.12
CA GLU F 110 -39.98 -5.19 -20.02
C GLU F 110 -38.78 -4.85 -19.13
N ILE F 111 -37.79 -5.75 -19.07
CA ILE F 111 -36.60 -5.53 -18.24
C ILE F 111 -35.35 -5.61 -19.10
N TRP F 112 -35.14 -6.75 -19.77
CA TRP F 112 -33.89 -7.00 -20.47
C TRP F 112 -33.79 -6.27 -21.80
N ASP F 113 -34.88 -5.70 -22.31
CA ASP F 113 -34.83 -4.91 -23.54
C ASP F 113 -35.69 -3.65 -23.46
N ASN F 114 -36.19 -3.29 -22.28
CA ASN F 114 -36.99 -2.08 -22.10
C ASN F 114 -36.59 -1.33 -20.83
N MET F 115 -35.33 -1.43 -20.43
CA MET F 115 -34.85 -0.80 -19.21
C MET F 115 -33.33 -0.74 -19.28
N THR F 116 -32.75 0.21 -18.55
CA THR F 116 -31.31 0.36 -18.43
C THR F 116 -30.83 -0.14 -17.08
N TRP F 117 -29.54 -0.45 -17.01
CA TRP F 117 -28.97 -0.97 -15.77
C TRP F 117 -29.06 0.06 -14.65
N LEU F 118 -28.85 1.34 -14.97
CA LEU F 118 -28.94 2.38 -13.96
C LEU F 118 -30.34 2.44 -13.36
N GLN F 119 -31.36 2.37 -14.20
CA GLN F 119 -32.74 2.41 -13.70
C GLN F 119 -33.05 1.22 -12.80
N TRP F 120 -32.59 0.03 -13.20
CA TRP F 120 -32.84 -1.16 -12.37
C TRP F 120 -32.13 -1.06 -11.04
N ASP F 121 -30.87 -0.61 -11.05
CA ASP F 121 -30.13 -0.44 -9.80
C ASP F 121 -30.79 0.59 -8.90
N LYS F 122 -31.25 1.69 -9.48
CA LYS F 122 -31.96 2.70 -8.71
C LYS F 122 -33.24 2.14 -8.10
N GLU F 123 -33.98 1.33 -8.87
CA GLU F 123 -35.22 0.77 -8.37
C GLU F 123 -34.97 -0.23 -7.24
N ILE F 124 -33.95 -1.07 -7.37
CA ILE F 124 -33.72 -2.19 -6.45
C ILE F 124 -32.52 -1.93 -5.54
N SER F 125 -32.10 -0.68 -5.39
CA SER F 125 -31.00 -0.38 -4.48
C SER F 125 -31.36 -0.63 -3.02
N ASN F 126 -32.66 -0.70 -2.69
CA ASN F 126 -33.08 -0.85 -1.30
C ASN F 126 -32.91 -2.29 -0.85
N TYR F 127 -33.11 -3.26 -1.73
CA TYR F 127 -33.20 -4.68 -1.37
C TYR F 127 -31.91 -5.44 -1.68
N THR F 128 -30.75 -4.82 -1.44
CA THR F 128 -29.49 -5.40 -1.92
C THR F 128 -29.01 -6.55 -1.04
N GLN F 129 -28.96 -6.34 0.28
CA GLN F 129 -28.19 -7.24 1.15
C GLN F 129 -28.85 -8.61 1.31
N ILE F 130 -30.18 -8.69 1.21
CA ILE F 130 -30.86 -9.94 1.51
C ILE F 130 -30.46 -11.03 0.53
N ILE F 131 -30.38 -10.69 -0.76
CA ILE F 131 -29.97 -11.70 -1.75
C ILE F 131 -28.52 -12.10 -1.51
N TYR F 132 -27.67 -11.17 -1.09
CA TYR F 132 -26.29 -11.51 -0.77
C TYR F 132 -26.23 -12.55 0.34
N GLY F 133 -27.00 -12.33 1.41
CA GLY F 133 -27.03 -13.30 2.50
C GLY F 133 -27.59 -14.64 2.06
N LEU F 134 -28.64 -14.61 1.23
CA LEU F 134 -29.21 -15.87 0.74
C LEU F 134 -28.21 -16.65 -0.09
N LEU F 135 -27.47 -15.97 -0.96
CA LEU F 135 -26.44 -16.64 -1.74
C LEU F 135 -25.37 -17.23 -0.83
N GLU F 136 -24.95 -16.46 0.18
CA GLU F 136 -23.91 -16.93 1.09
C GLU F 136 -24.36 -18.19 1.82
N GLU F 137 -25.61 -18.20 2.29
CA GLU F 137 -26.08 -19.37 3.04
C GLU F 137 -26.37 -20.55 2.10
N SER F 138 -26.68 -20.28 0.83
CA SER F 138 -26.94 -21.36 -0.12
C SER F 138 -25.67 -22.06 -0.59
N GLN F 139 -24.56 -21.32 -0.73
CA GLN F 139 -23.35 -21.93 -1.26
C GLN F 139 -22.82 -23.03 -0.33
N ASN F 140 -22.88 -22.80 0.98
CA ASN F 140 -22.32 -23.77 1.93
C ASN F 140 -23.09 -25.08 1.91
N GLN F 141 -24.42 -25.01 1.71
CA GLN F 141 -25.20 -26.24 1.62
C GLN F 141 -24.78 -27.07 0.41
N GLN F 142 -24.55 -26.42 -0.73
CA GLN F 142 -24.08 -27.15 -1.90
C GLN F 142 -22.71 -27.77 -1.65
N GLU F 143 -21.82 -27.03 -0.98
CA GLU F 143 -20.50 -27.60 -0.66
C GLU F 143 -20.62 -28.82 0.24
N LYS F 144 -21.47 -28.73 1.28
CA LYS F 144 -21.66 -29.85 2.18
C LYS F 144 -22.24 -31.06 1.44
N ASN F 145 -23.22 -30.82 0.58
CA ASN F 145 -23.81 -31.92 -0.19
C ASN F 145 -22.79 -32.56 -1.12
N GLU F 146 -21.94 -31.74 -1.74
CA GLU F 146 -20.92 -32.30 -2.63
C GLU F 146 -19.94 -33.17 -1.84
N GLN F 147 -19.55 -32.71 -0.66
CA GLN F 147 -18.69 -33.53 0.19
C GLN F 147 -19.37 -34.85 0.56
N ASP F 148 -20.67 -34.79 0.90
CA ASP F 148 -21.37 -36.01 1.28
C ASP F 148 -21.47 -36.99 0.12
N LEU F 149 -21.80 -36.51 -1.08
CA LEU F 149 -21.85 -37.39 -2.24
C LEU F 149 -20.48 -37.98 -2.55
N LEU F 150 -19.41 -37.17 -2.46
CA LEU F 150 -18.08 -37.72 -2.73
C LEU F 150 -17.62 -38.66 -1.64
N ALA F 151 -18.20 -38.60 -0.43
CA ALA F 151 -17.82 -39.52 0.62
C ALA F 151 -18.14 -40.96 0.23
N LEU F 152 -19.29 -41.20 -0.38
CA LEU F 152 -19.70 -42.53 -0.81
C LEU F 152 -18.70 -43.12 -1.80
N GLU G 1 -43.06 -43.07 24.37
CA GLU G 1 -42.90 -42.24 25.60
C GLU G 1 -42.26 -43.06 26.71
N VAL G 2 -41.28 -42.47 27.39
CA VAL G 2 -40.60 -43.16 28.48
C VAL G 2 -41.50 -43.20 29.69
N HIS G 3 -41.64 -44.39 30.29
CA HIS G 3 -42.50 -44.61 31.44
C HIS G 3 -41.73 -45.34 32.52
N LEU G 4 -41.77 -44.81 33.74
CA LEU G 4 -41.15 -45.42 34.91
C LEU G 4 -42.16 -45.44 36.04
N ALA G 5 -42.35 -46.60 36.67
CA ALA G 5 -43.31 -46.77 37.75
C ALA G 5 -42.62 -47.43 38.94
N GLU G 6 -42.73 -46.81 40.11
CA GLU G 6 -42.11 -47.30 41.33
C GLU G 6 -43.12 -48.03 42.19
N SER G 7 -42.61 -48.96 43.01
CA SER G 7 -43.45 -49.73 43.92
C SER G 7 -42.55 -50.32 45.00
N GLY G 8 -43.20 -50.80 46.07
CA GLY G 8 -42.51 -51.47 47.16
C GLY G 8 -42.27 -50.62 48.39
N GLY G 9 -42.76 -49.38 48.43
CA GLY G 9 -42.58 -48.53 49.59
C GLY G 9 -43.61 -48.80 50.65
N GLY G 10 -43.45 -48.10 51.78
CA GLY G 10 -44.35 -48.25 52.91
C GLY G 10 -43.65 -47.92 54.21
N LEU G 11 -44.18 -48.50 55.28
CA LEU G 11 -43.70 -48.24 56.63
C LEU G 11 -42.79 -49.38 57.08
N VAL G 12 -41.64 -49.02 57.66
CA VAL G 12 -40.70 -50.00 58.20
C VAL G 12 -40.12 -49.45 59.48
N GLN G 13 -39.74 -50.36 60.39
CA GLN G 13 -39.12 -49.97 61.64
C GLN G 13 -37.63 -49.73 61.44
N PRO G 14 -36.98 -49.01 62.36
CA PRO G 14 -35.53 -48.85 62.26
C PRO G 14 -34.82 -50.18 62.33
N GLY G 15 -33.75 -50.31 61.54
CA GLY G 15 -32.99 -51.55 61.48
C GLY G 15 -33.58 -52.62 60.58
N GLY G 16 -34.72 -52.35 59.94
CA GLY G 16 -35.34 -53.31 59.06
C GLY G 16 -34.77 -53.26 57.66
N SER G 17 -35.43 -53.98 56.75
CA SER G 17 -35.02 -54.07 55.36
C SER G 17 -36.23 -53.84 54.46
N LEU G 18 -35.97 -53.33 53.26
CA LEU G 18 -37.05 -53.06 52.32
C LEU G 18 -36.52 -53.07 50.89
N ARG G 19 -37.35 -53.51 49.96
CA ARG G 19 -37.03 -53.57 48.55
C ARG G 19 -37.91 -52.62 47.77
N LEU G 20 -37.31 -51.80 46.92
CA LEU G 20 -38.02 -50.90 46.02
C LEU G 20 -37.79 -51.33 44.58
N SER G 21 -38.87 -51.50 43.84
CA SER G 21 -38.83 -51.93 42.44
C SER G 21 -39.27 -50.78 41.54
N CYS G 22 -38.65 -50.72 40.37
CA CYS G 22 -38.97 -49.71 39.36
C CYS G 22 -39.10 -50.42 38.01
N ALA G 23 -40.30 -50.39 37.45
CA ALA G 23 -40.57 -50.96 36.14
C ALA G 23 -40.47 -49.87 35.09
N ALA G 24 -39.75 -50.18 34.01
CA ALA G 24 -39.44 -49.20 32.97
C ALA G 24 -39.90 -49.70 31.62
N SER G 25 -40.31 -48.77 30.77
CA SER G 25 -40.74 -49.10 29.42
C SER G 25 -40.59 -47.86 28.53
N GLY G 26 -40.56 -48.11 27.22
CA GLY G 26 -40.50 -47.04 26.24
C GLY G 26 -39.12 -46.68 25.75
N PHE G 27 -38.10 -47.51 26.03
CA PHE G 27 -36.74 -47.20 25.60
C PHE G 27 -35.92 -48.49 25.69
N MET G 28 -34.64 -48.37 25.34
CA MET G 28 -33.69 -49.48 25.44
C MET G 28 -33.12 -49.49 26.86
N PHE G 29 -33.59 -50.45 27.66
CA PHE G 29 -33.18 -50.49 29.06
C PHE G 29 -31.70 -50.86 29.20
N SER G 30 -31.21 -51.76 28.36
CA SER G 30 -29.84 -52.25 28.49
C SER G 30 -28.81 -51.17 28.19
N ALA G 31 -29.18 -50.10 27.48
CA ALA G 31 -28.25 -49.06 27.05
C ALA G 31 -28.47 -47.73 27.75
N SER G 32 -29.03 -47.75 28.96
CA SER G 32 -29.30 -46.54 29.72
C SER G 32 -28.92 -46.75 31.17
N GLU G 33 -28.19 -45.79 31.74
CA GLU G 33 -27.85 -45.84 33.16
C GLU G 33 -29.08 -45.52 33.99
N MET G 34 -29.16 -46.16 35.17
CA MET G 34 -30.28 -45.99 36.08
C MET G 34 -29.80 -45.33 37.37
N HIS G 35 -30.62 -44.41 37.89
CA HIS G 35 -30.31 -43.67 39.10
C HIS G 35 -31.43 -43.85 40.11
N TRP G 36 -31.04 -44.03 41.38
CA TRP G 36 -31.96 -43.99 42.50
C TRP G 36 -31.68 -42.72 43.29
N VAL G 37 -32.71 -41.88 43.43
CA VAL G 37 -32.62 -40.59 44.09
C VAL G 37 -33.62 -40.61 45.25
N ARG G 38 -33.31 -39.87 46.32
CA ARG G 38 -34.21 -39.74 47.46
C ARG G 38 -34.39 -38.26 47.80
N GLN G 39 -35.60 -37.93 48.23
CA GLN G 39 -35.95 -36.60 48.74
C GLN G 39 -36.49 -36.78 50.14
N THR G 40 -35.75 -36.27 51.13
CA THR G 40 -36.21 -36.27 52.51
C THR G 40 -37.24 -35.16 52.71
N PRO G 41 -38.23 -35.34 53.58
CA PRO G 41 -39.19 -34.25 53.82
C PRO G 41 -38.50 -33.01 54.36
N GLY G 42 -38.75 -31.88 53.70
CA GLY G 42 -38.18 -30.62 54.11
C GLY G 42 -36.75 -30.37 53.67
N LYS G 43 -36.20 -31.22 52.82
CA LYS G 43 -34.82 -31.10 52.33
C LYS G 43 -34.81 -31.22 50.82
N GLY G 44 -33.63 -31.05 50.23
CA GLY G 44 -33.45 -31.13 48.80
C GLY G 44 -33.22 -32.55 48.32
N LEU G 45 -33.00 -32.66 47.01
CA LEU G 45 -32.79 -33.95 46.38
C LEU G 45 -31.37 -34.47 46.66
N GLU G 46 -31.23 -35.79 46.59
CA GLU G 46 -29.93 -36.44 46.78
C GLU G 46 -29.91 -37.72 45.96
N SER G 47 -28.80 -37.93 45.25
CA SER G 47 -28.64 -39.13 44.43
C SER G 47 -28.18 -40.28 45.31
N VAL G 48 -29.05 -41.27 45.52
CA VAL G 48 -28.73 -42.38 46.39
C VAL G 48 -27.71 -43.32 45.74
N SER G 49 -27.96 -43.71 44.49
CA SER G 49 -27.11 -44.70 43.85
C SER G 49 -27.24 -44.61 42.34
N VAL G 50 -26.28 -45.22 41.65
CA VAL G 50 -26.27 -45.30 40.20
C VAL G 50 -25.80 -46.68 39.77
N ILE G 51 -26.40 -47.19 38.69
CA ILE G 51 -25.98 -48.45 38.07
C ILE G 51 -25.87 -48.22 36.57
N GLY G 52 -24.84 -48.84 35.97
CA GLY G 52 -24.56 -48.66 34.56
C GLY G 52 -25.44 -49.54 33.67
N GLY G 53 -25.19 -49.42 32.37
CA GLY G 53 -25.98 -50.17 31.41
C GLY G 53 -25.80 -51.68 31.53
N SER G 54 -24.55 -52.13 31.69
CA SER G 54 -24.26 -53.55 31.77
C SER G 54 -24.56 -54.14 33.14
N GLY G 55 -24.77 -53.32 34.16
CA GLY G 55 -25.05 -53.80 35.49
C GLY G 55 -23.84 -54.16 36.31
N THR G 56 -22.63 -54.07 35.75
CA THR G 56 -21.42 -54.39 36.48
C THR G 56 -20.89 -53.21 37.27
N SER G 57 -21.17 -51.98 36.83
CA SER G 57 -20.71 -50.77 37.50
C SER G 57 -21.83 -50.22 38.37
N THR G 58 -21.57 -50.15 39.68
CA THR G 58 -22.52 -49.61 40.64
C THR G 58 -21.79 -48.68 41.59
N GLN G 59 -22.41 -47.56 41.91
CA GLN G 59 -21.84 -46.59 42.84
C GLN G 59 -22.92 -46.07 43.78
N TYR G 60 -22.50 -45.71 44.99
CA TYR G 60 -23.41 -45.22 46.02
C TYR G 60 -22.74 -44.04 46.74
N VAL G 61 -23.56 -43.26 47.43
CA VAL G 61 -23.07 -42.14 48.24
C VAL G 61 -22.54 -42.70 49.55
N ASP G 62 -21.79 -41.87 50.28
CA ASP G 62 -21.21 -42.33 51.55
C ASP G 62 -22.28 -42.59 52.59
N SER G 63 -23.37 -41.82 52.57
CA SER G 63 -24.41 -41.97 53.58
C SER G 63 -25.07 -43.34 53.52
N VAL G 64 -25.11 -43.97 52.35
CA VAL G 64 -25.74 -45.26 52.14
C VAL G 64 -24.76 -46.34 51.75
N LYS G 65 -23.47 -46.05 51.70
CA LYS G 65 -22.48 -47.06 51.30
C LYS G 65 -22.45 -48.20 52.31
N GLY G 66 -22.47 -49.44 51.81
CA GLY G 66 -22.44 -50.62 52.63
C GLY G 66 -23.80 -51.07 53.13
N ARG G 67 -24.86 -50.33 52.85
CA ARG G 67 -26.23 -50.66 53.27
C ARG G 67 -27.19 -50.80 52.10
N PHE G 68 -27.05 -49.97 51.07
CA PHE G 68 -27.94 -49.97 49.92
C PHE G 68 -27.29 -50.70 48.76
N THR G 69 -28.06 -51.55 48.09
CA THR G 69 -27.60 -52.32 46.94
C THR G 69 -28.55 -52.09 45.77
N VAL G 70 -27.98 -51.76 44.61
CA VAL G 70 -28.75 -51.49 43.40
C VAL G 70 -28.47 -52.58 42.38
N SER G 71 -29.54 -53.11 41.78
CA SER G 71 -29.42 -54.16 40.77
C SER G 71 -30.41 -53.88 39.65
N ARG G 72 -30.17 -54.50 38.50
CA ARG G 72 -31.02 -54.32 37.34
C ARG G 72 -31.22 -55.66 36.63
N ASP G 73 -32.37 -55.80 35.98
CA ASP G 73 -32.70 -56.96 35.16
C ASP G 73 -33.05 -56.43 33.76
N ASN G 74 -32.12 -56.62 32.82
CA ASN G 74 -32.33 -56.11 31.47
C ASN G 74 -33.39 -56.93 30.73
N ALA G 75 -33.49 -58.22 31.02
CA ALA G 75 -34.50 -59.05 30.35
C ALA G 75 -35.90 -58.58 30.70
N LYS G 76 -36.14 -58.26 31.98
CA LYS G 76 -37.43 -57.75 32.44
C LYS G 76 -37.54 -56.24 32.39
N ASN G 77 -36.45 -55.53 32.07
CA ASN G 77 -36.43 -54.07 32.06
C ASN G 77 -36.86 -53.52 33.42
N ALA G 78 -36.24 -54.03 34.48
CA ALA G 78 -36.60 -53.70 35.85
C ALA G 78 -35.37 -53.25 36.62
N LEU G 79 -35.60 -52.44 37.65
CA LEU G 79 -34.55 -51.97 38.54
C LEU G 79 -34.96 -52.23 39.98
N SER G 80 -34.00 -52.55 40.83
CA SER G 80 -34.27 -52.96 42.21
C SER G 80 -33.28 -52.30 43.15
N LEU G 81 -33.78 -51.89 44.32
CA LEU G 81 -32.96 -51.30 45.38
C LEU G 81 -33.28 -52.03 46.68
N GLN G 82 -32.28 -52.74 47.20
CA GLN G 82 -32.35 -53.36 48.52
C GLN G 82 -31.78 -52.39 49.54
N MET G 83 -32.52 -52.14 50.61
CA MET G 83 -32.08 -51.29 51.71
C MET G 83 -32.10 -52.11 52.98
N ASP G 84 -31.02 -52.03 53.76
CA ASP G 84 -30.87 -52.75 55.01
C ASP G 84 -30.36 -51.79 56.08
N SER G 85 -30.68 -52.10 57.33
CA SER G 85 -30.30 -51.26 58.46
C SER G 85 -30.82 -49.83 58.27
N LEU G 86 -32.08 -49.73 57.85
CA LEU G 86 -32.67 -48.43 57.57
C LEU G 86 -32.73 -47.59 58.83
N ARG G 87 -32.51 -46.29 58.67
CA ARG G 87 -32.51 -45.32 59.77
C ARG G 87 -33.61 -44.29 59.54
N ALA G 88 -33.81 -43.44 60.54
CA ALA G 88 -34.82 -42.39 60.43
C ALA G 88 -34.51 -41.42 59.31
N GLU G 89 -33.22 -41.15 59.06
CA GLU G 89 -32.84 -40.23 57.99
C GLU G 89 -33.17 -40.76 56.61
N ASP G 90 -33.44 -42.06 56.47
CA ASP G 90 -33.76 -42.65 55.17
C ASP G 90 -35.21 -42.40 54.76
N THR G 91 -36.05 -41.87 55.64
CA THR G 91 -37.44 -41.62 55.30
C THR G 91 -37.54 -40.57 54.21
N GLY G 92 -38.41 -40.81 53.23
CA GLY G 92 -38.63 -39.86 52.17
C GLY G 92 -39.21 -40.52 50.94
N VAL G 93 -39.17 -39.77 49.84
CA VAL G 93 -39.69 -40.21 48.55
C VAL G 93 -38.53 -40.64 47.69
N TYR G 94 -38.58 -41.88 47.21
CA TYR G 94 -37.54 -42.45 46.36
C TYR G 94 -38.01 -42.48 44.91
N TYR G 95 -37.17 -41.96 44.02
CA TYR G 95 -37.45 -41.91 42.58
C TYR G 95 -36.42 -42.72 41.83
N CYS G 96 -36.87 -43.40 40.78
CA CYS G 96 -35.99 -44.05 39.81
C CYS G 96 -35.97 -43.22 38.54
N ALA G 97 -34.76 -42.86 38.09
CA ALA G 97 -34.59 -41.96 36.95
C ALA G 97 -33.64 -42.59 35.94
N ARG G 98 -33.76 -42.13 34.70
CA ARG G 98 -32.93 -42.60 33.60
C ARG G 98 -31.92 -41.53 33.24
N GLY G 99 -30.64 -41.93 33.13
CA GLY G 99 -29.62 -41.03 32.64
C GLY G 99 -29.50 -41.11 31.14
N GLY G 100 -30.14 -40.18 30.43
CA GLY G 100 -30.16 -40.21 28.98
C GLY G 100 -29.06 -39.38 28.37
N GLU G 101 -28.49 -39.89 27.27
CA GLU G 101 -27.42 -39.19 26.57
C GLU G 101 -28.01 -38.05 25.75
N VAL G 102 -27.45 -36.85 25.91
CA VAL G 102 -27.90 -35.66 25.21
C VAL G 102 -26.68 -34.95 24.64
N ARG G 103 -26.92 -34.15 23.60
CA ARG G 103 -25.88 -33.40 22.91
C ARG G 103 -26.04 -31.92 23.23
N SER G 104 -24.96 -31.30 23.70
CA SER G 104 -24.98 -29.87 24.00
C SER G 104 -24.89 -29.07 22.70
N ARG G 105 -25.12 -27.76 22.83
CA ARG G 105 -25.05 -26.88 21.66
C ARG G 105 -23.65 -26.83 21.06
N GLY G 106 -22.62 -27.07 21.87
CA GLY G 106 -21.25 -27.05 21.37
C GLY G 106 -20.82 -28.34 20.69
N GLY G 107 -21.58 -29.40 20.90
CA GLY G 107 -21.30 -30.69 20.30
C GLY G 107 -20.67 -31.73 21.21
N TRP G 108 -20.86 -31.62 22.53
CA TRP G 108 -20.33 -32.57 23.50
C TRP G 108 -21.47 -33.38 24.09
N LYS G 109 -21.20 -34.65 24.38
CA LYS G 109 -22.20 -35.59 24.86
C LYS G 109 -21.98 -35.89 26.33
N ASN G 110 -23.05 -35.78 27.12
CA ASN G 110 -23.02 -36.15 28.53
C ASN G 110 -24.37 -36.82 28.85
N ARG G 111 -24.62 -37.06 30.14
CA ARG G 111 -25.81 -37.77 30.58
C ARG G 111 -26.48 -36.98 31.70
N VAL G 112 -27.80 -36.83 31.59
CA VAL G 112 -28.60 -36.10 32.57
C VAL G 112 -29.85 -36.91 32.88
N LEU G 113 -30.46 -36.60 34.02
CA LEU G 113 -31.66 -37.29 34.49
C LEU G 113 -32.86 -36.65 33.78
N ASP G 114 -33.04 -37.01 32.51
CA ASP G 114 -34.08 -36.41 31.69
C ASP G 114 -35.46 -37.01 31.92
N SER G 115 -35.55 -38.18 32.58
CA SER G 115 -36.84 -38.79 32.87
C SER G 115 -36.82 -39.39 34.26
N TRP G 116 -37.91 -39.15 35.00
CA TRP G 116 -38.06 -39.57 36.38
C TRP G 116 -39.38 -40.32 36.54
N GLY G 117 -39.45 -41.13 37.60
CA GLY G 117 -40.68 -41.80 37.97
C GLY G 117 -41.54 -40.93 38.87
N GLN G 118 -42.72 -41.47 39.20
CA GLN G 118 -43.64 -40.74 40.07
C GLN G 118 -43.12 -40.67 41.50
N GLY G 119 -42.38 -41.68 41.94
CA GLY G 119 -41.83 -41.72 43.28
C GLY G 119 -42.63 -42.63 44.20
N VAL G 120 -41.96 -43.14 45.24
CA VAL G 120 -42.57 -44.05 46.20
C VAL G 120 -42.16 -43.62 47.60
N GLN G 121 -43.11 -43.68 48.53
CA GLN G 121 -42.88 -43.19 49.89
C GLN G 121 -42.37 -44.32 50.78
N VAL G 122 -41.30 -44.03 51.53
CA VAL G 122 -40.76 -44.95 52.51
C VAL G 122 -40.64 -44.20 53.83
N ILE G 123 -41.22 -44.77 54.89
CA ILE G 123 -41.25 -44.13 56.20
C ILE G 123 -40.56 -45.06 57.19
N VAL G 124 -39.45 -44.60 57.75
CA VAL G 124 -38.68 -45.36 58.73
C VAL G 124 -38.97 -44.74 60.09
N SER G 125 -39.94 -45.29 60.79
CA SER G 125 -40.35 -44.85 62.11
C SER G 125 -40.66 -46.06 62.97
N PRO G 126 -40.61 -45.92 64.30
CA PRO G 126 -40.88 -47.10 65.14
C PRO G 126 -42.36 -47.48 65.13
N ASP H 1 -16.42 -34.92 48.05
CA ASP H 1 -17.59 -34.69 47.16
C ASP H 1 -17.78 -33.21 46.90
N ILE H 2 -18.08 -32.86 45.64
CA ILE H 2 -18.34 -31.47 45.29
C ILE H 2 -19.66 -31.04 45.89
N GLN H 3 -19.64 -29.94 46.65
CA GLN H 3 -20.84 -29.40 47.28
C GLN H 3 -21.40 -28.26 46.45
N MET H 4 -22.72 -28.20 46.36
CA MET H 4 -23.43 -27.25 45.52
C MET H 4 -24.10 -26.22 46.43
N THR H 5 -23.92 -24.93 46.12
CA THR H 5 -24.53 -23.86 46.90
C THR H 5 -25.43 -23.00 46.01
N GLN H 6 -26.68 -22.84 46.43
CA GLN H 6 -27.66 -22.05 45.70
C GLN H 6 -27.90 -20.72 46.40
N SER H 7 -28.38 -19.75 45.61
CA SER H 7 -28.78 -18.46 46.17
C SER H 7 -29.79 -17.81 45.24
N PRO H 8 -30.83 -17.14 45.76
CA PRO H 8 -31.23 -17.01 47.17
C PRO H 8 -31.90 -18.28 47.68
N SER H 9 -31.98 -18.48 49.00
CA SER H 9 -32.63 -19.68 49.53
C SER H 9 -34.12 -19.69 49.16
N SER H 10 -34.77 -18.53 49.23
CA SER H 10 -36.17 -18.41 48.85
C SER H 10 -36.40 -17.02 48.29
N LEU H 11 -37.46 -16.89 47.49
CA LEU H 11 -37.77 -15.63 46.84
C LEU H 11 -39.25 -15.60 46.52
N SER H 12 -39.84 -14.41 46.63
CA SER H 12 -41.23 -14.15 46.27
C SER H 12 -41.24 -13.19 45.09
N ALA H 13 -41.90 -13.58 44.00
CA ALA H 13 -41.96 -12.78 42.78
C ALA H 13 -43.37 -12.81 42.22
N SER H 14 -43.71 -11.76 41.49
CA SER H 14 -45.01 -11.62 40.85
C SER H 14 -44.92 -12.08 39.40
N VAL H 15 -46.09 -12.20 38.77
CA VAL H 15 -46.15 -12.62 37.38
C VAL H 15 -45.51 -11.55 36.49
N GLY H 16 -44.66 -11.99 35.57
CA GLY H 16 -43.96 -11.09 34.67
C GLY H 16 -42.62 -10.60 35.17
N ASP H 17 -42.25 -10.89 36.41
CA ASP H 17 -40.97 -10.47 36.94
C ASP H 17 -39.84 -11.34 36.39
N ARG H 18 -38.64 -10.79 36.40
CA ARG H 18 -37.44 -11.53 36.01
C ARG H 18 -36.80 -12.16 37.24
N VAL H 19 -36.56 -13.47 37.16
CA VAL H 19 -36.02 -14.24 38.28
C VAL H 19 -34.62 -14.70 37.90
N THR H 20 -33.66 -14.47 38.81
CA THR H 20 -32.27 -14.89 38.60
C THR H 20 -31.84 -15.71 39.81
N ILE H 21 -31.31 -16.91 39.54
CA ILE H 21 -30.85 -17.82 40.59
C ILE H 21 -29.39 -18.16 40.30
N THR H 22 -28.54 -18.01 41.32
CA THR H 22 -27.11 -18.27 41.19
C THR H 22 -26.76 -19.59 41.87
N CYS H 23 -25.85 -20.34 41.24
CA CYS H 23 -25.38 -21.63 41.74
C CYS H 23 -23.87 -21.64 41.67
N GLN H 24 -23.24 -22.14 42.73
CA GLN H 24 -21.79 -22.09 42.88
C GLN H 24 -21.25 -23.46 43.30
N THR H 25 -20.03 -23.73 42.85
CA THR H 25 -19.32 -24.98 43.08
C THR H 25 -17.97 -24.68 43.72
N SER H 26 -17.47 -25.64 44.50
CA SER H 26 -16.14 -25.50 45.08
C SER H 26 -15.05 -25.69 44.03
N GLN H 27 -15.21 -26.68 43.16
CA GLN H 27 -14.23 -27.03 42.14
C GLN H 27 -14.82 -26.83 40.75
N PRO H 28 -13.99 -26.61 39.73
CA PRO H 28 -14.54 -26.54 38.36
C PRO H 28 -15.19 -27.85 37.95
N VAL H 29 -16.30 -27.74 37.24
CA VAL H 29 -17.01 -28.90 36.70
C VAL H 29 -17.25 -28.69 35.21
N ASN H 30 -16.34 -27.95 34.57
CA ASN H 30 -16.51 -27.54 33.16
C ASN H 30 -17.82 -26.76 33.09
N LEU H 31 -18.78 -27.16 32.25
CA LEU H 31 -20.10 -26.56 32.21
C LEU H 31 -21.21 -27.61 32.36
N TRP H 32 -20.89 -28.73 33.03
CA TRP H 32 -21.85 -29.82 33.23
C TRP H 32 -22.68 -29.50 34.47
N VAL H 33 -23.62 -28.58 34.30
CA VAL H 33 -24.58 -28.22 35.35
C VAL H 33 -25.96 -28.22 34.73
N ALA H 34 -26.92 -28.85 35.42
CA ALA H 34 -28.28 -29.00 34.95
C ALA H 34 -29.24 -28.35 35.93
N TRP H 35 -30.21 -27.63 35.40
CA TRP H 35 -31.24 -26.96 36.19
C TRP H 35 -32.57 -27.67 36.03
N TYR H 36 -33.17 -28.05 37.15
CA TYR H 36 -34.43 -28.77 37.23
C TYR H 36 -35.44 -27.95 38.03
N GLN H 37 -36.72 -28.21 37.77
CA GLN H 37 -37.83 -27.63 38.51
C GLN H 37 -38.68 -28.74 39.11
N GLN H 38 -39.24 -28.46 40.28
CA GLN H 38 -40.12 -29.38 40.98
C GLN H 38 -41.35 -28.64 41.46
N LYS H 39 -42.52 -29.19 41.16
CA LYS H 39 -43.80 -28.71 41.65
C LYS H 39 -44.25 -29.55 42.85
N PRO H 40 -45.13 -29.03 43.70
CA PRO H 40 -45.55 -29.81 44.87
C PRO H 40 -46.24 -31.11 44.45
N GLY H 41 -45.74 -32.23 44.99
CA GLY H 41 -46.30 -33.52 44.69
C GLY H 41 -45.97 -34.07 43.32
N LYS H 42 -44.91 -33.56 42.68
CA LYS H 42 -44.49 -34.01 41.36
C LYS H 42 -42.99 -34.20 41.35
N ALA H 43 -42.54 -35.07 40.44
CA ALA H 43 -41.12 -35.36 40.31
C ALA H 43 -40.40 -34.20 39.62
N PRO H 44 -39.08 -34.11 39.76
CA PRO H 44 -38.35 -33.03 39.09
C PRO H 44 -38.45 -33.13 37.57
N ASN H 45 -38.43 -31.98 36.91
CA ASN H 45 -38.46 -31.88 35.45
C ASN H 45 -37.23 -31.12 34.99
N LEU H 46 -36.51 -31.70 34.03
CA LEU H 46 -35.32 -31.05 33.48
C LEU H 46 -35.71 -29.81 32.68
N LEU H 47 -34.95 -28.74 32.89
CA LEU H 47 -35.09 -27.50 32.12
C LEU H 47 -33.82 -27.17 31.33
N ILE H 48 -32.67 -27.16 31.99
CA ILE H 48 -31.41 -26.81 31.34
C ILE H 48 -30.41 -27.93 31.57
N PHE H 49 -29.63 -28.24 30.53
CA PHE H 49 -28.50 -29.14 30.65
C PHE H 49 -27.30 -28.52 29.94
N GLY H 50 -26.10 -28.83 30.41
CA GLY H 50 -24.91 -28.23 29.87
C GLY H 50 -24.72 -26.77 30.23
N ALA H 51 -25.57 -26.22 31.11
CA ALA H 51 -25.42 -24.86 31.64
C ALA H 51 -25.82 -23.79 30.63
N SER H 52 -26.17 -24.19 29.41
CA SER H 52 -26.65 -23.23 28.42
C SER H 52 -27.58 -23.82 27.36
N THR H 53 -27.90 -25.11 27.42
CA THR H 53 -28.72 -25.77 26.41
C THR H 53 -30.12 -25.99 26.96
N LEU H 54 -31.13 -25.61 26.19
CA LEU H 54 -32.52 -25.71 26.60
C LEU H 54 -33.09 -27.05 26.18
N GLN H 55 -33.72 -27.74 27.13
CA GLN H 55 -34.34 -29.03 26.83
C GLN H 55 -35.50 -28.84 25.86
N SER H 56 -35.70 -29.85 25.00
CA SER H 56 -36.76 -29.80 24.01
C SER H 56 -38.12 -29.73 24.70
N GLY H 57 -38.97 -28.83 24.22
CA GLY H 57 -40.31 -28.65 24.76
C GLY H 57 -40.42 -27.59 25.84
N VAL H 58 -39.31 -27.20 26.45
CA VAL H 58 -39.35 -26.18 27.50
C VAL H 58 -39.61 -24.82 26.85
N PRO H 59 -40.37 -23.91 27.46
CA PRO H 59 -40.52 -22.58 26.86
C PRO H 59 -39.20 -21.82 26.82
N SER H 60 -39.09 -20.93 25.84
CA SER H 60 -37.84 -20.21 25.61
C SER H 60 -37.52 -19.18 26.70
N ARG H 61 -38.47 -18.87 27.59
CA ARG H 61 -38.20 -17.88 28.62
C ARG H 61 -37.09 -18.33 29.57
N PHE H 62 -36.94 -19.64 29.76
CA PHE H 62 -35.90 -20.16 30.64
C PHE H 62 -34.56 -20.15 29.91
N SER H 63 -33.52 -19.67 30.58
CA SER H 63 -32.19 -19.64 29.99
C SER H 63 -31.15 -19.88 31.08
N GLY H 64 -29.98 -20.33 30.65
CA GLY H 64 -28.89 -20.59 31.58
C GLY H 64 -27.57 -20.11 30.99
N SER H 65 -26.68 -19.70 31.89
CA SER H 65 -25.37 -19.19 31.47
C SER H 65 -24.40 -19.36 32.64
N GLY H 66 -23.17 -18.92 32.42
CA GLY H 66 -22.13 -18.91 33.43
C GLY H 66 -20.89 -19.63 32.95
N ALA H 67 -19.94 -19.77 33.88
CA ALA H 67 -18.66 -20.39 33.59
C ALA H 67 -17.89 -20.53 34.90
N GLY H 68 -16.70 -21.13 34.81
CA GLY H 68 -15.85 -21.30 35.97
C GLY H 68 -16.52 -22.08 37.08
N THR H 69 -16.84 -21.38 38.18
CA THR H 69 -17.53 -21.96 39.32
C THR H 69 -18.79 -21.16 39.67
N GLU H 70 -19.39 -20.50 38.67
CA GLU H 70 -20.57 -19.69 38.88
C GLU H 70 -21.51 -19.87 37.69
N PHE H 71 -22.75 -20.27 37.96
CA PHE H 71 -23.76 -20.49 36.93
C PHE H 71 -25.04 -19.76 37.33
N ILE H 72 -25.79 -19.33 36.32
CA ILE H 72 -26.97 -18.49 36.51
C ILE H 72 -28.11 -19.06 35.71
N LEU H 73 -29.28 -19.17 36.34
CA LEU H 73 -30.54 -19.50 35.69
C LEU H 73 -31.41 -18.25 35.67
N THR H 74 -31.98 -17.94 34.50
CA THR H 74 -32.77 -16.73 34.30
C THR H 74 -34.12 -17.11 33.73
N ILE H 75 -35.18 -16.66 34.42
CA ILE H 75 -36.55 -16.74 33.93
C ILE H 75 -36.96 -15.31 33.59
N SER H 76 -37.09 -15.03 32.29
CA SER H 76 -37.31 -13.66 31.84
C SER H 76 -38.74 -13.20 32.13
N ASN H 77 -39.72 -14.08 31.88
CA ASN H 77 -41.14 -13.74 32.01
C ASN H 77 -41.80 -14.81 32.89
N LEU H 78 -41.87 -14.52 34.19
CA LEU H 78 -42.48 -15.46 35.13
C LEU H 78 -43.95 -15.66 34.78
N GLN H 79 -44.39 -16.91 34.79
CA GLN H 79 -45.76 -17.30 34.49
C GLN H 79 -46.34 -18.07 35.67
N PRO H 80 -47.67 -18.21 35.75
CA PRO H 80 -48.26 -18.93 36.89
C PRO H 80 -47.79 -20.37 37.02
N GLU H 81 -47.36 -21.00 35.94
CA GLU H 81 -46.96 -22.40 35.95
C GLU H 81 -45.49 -22.61 36.32
N ASP H 82 -44.71 -21.53 36.47
CA ASP H 82 -43.28 -21.64 36.73
C ASP H 82 -42.93 -21.57 38.22
N PHE H 83 -43.91 -21.45 39.11
CA PHE H 83 -43.62 -21.38 40.54
C PHE H 83 -43.32 -22.78 41.08
N GLY H 84 -42.33 -22.85 41.97
CA GLY H 84 -41.90 -24.13 42.49
C GLY H 84 -40.48 -24.05 43.02
N THR H 85 -39.87 -25.23 43.18
CA THR H 85 -38.53 -25.34 43.73
C THR H 85 -37.55 -25.67 42.60
N TYR H 86 -36.57 -24.79 42.40
CA TYR H 86 -35.55 -24.96 41.38
C TYR H 86 -34.26 -25.50 42.00
N PHE H 87 -33.62 -26.44 41.31
CA PHE H 87 -32.40 -27.07 41.78
C PHE H 87 -31.35 -27.05 40.68
N CYS H 88 -30.09 -26.92 41.09
CA CYS H 88 -28.93 -27.03 40.21
C CYS H 88 -28.11 -28.24 40.63
N GLN H 89 -27.78 -29.09 39.66
CA GLN H 89 -27.09 -30.35 39.89
C GLN H 89 -25.84 -30.39 39.02
N GLN H 90 -24.76 -30.92 39.59
CA GLN H 90 -23.52 -31.15 38.85
C GLN H 90 -23.43 -32.64 38.51
N HIS H 91 -23.13 -32.93 37.25
CA HIS H 91 -23.08 -34.29 36.74
C HIS H 91 -21.77 -34.53 35.99
N HIS H 92 -20.68 -33.96 36.48
CA HIS H 92 -19.36 -34.17 35.92
C HIS H 92 -18.68 -35.39 36.52
N ASN H 93 -18.81 -35.59 37.82
CA ASN H 93 -18.22 -36.74 38.52
C ASN H 93 -19.19 -37.23 39.58
N PHE H 94 -19.15 -38.54 39.82
CA PHE H 94 -19.97 -39.13 40.87
C PHE H 94 -19.38 -38.78 42.24
N PRO H 95 -20.22 -38.48 43.25
CA PRO H 95 -21.70 -38.38 43.26
C PRO H 95 -22.20 -37.09 42.60
N TRP H 96 -23.40 -37.13 42.03
CA TRP H 96 -24.01 -35.96 41.41
C TRP H 96 -24.78 -35.21 42.50
N THR H 97 -24.18 -34.14 43.02
CA THR H 97 -24.72 -33.42 44.16
C THR H 97 -25.71 -32.35 43.69
N PHE H 98 -26.85 -32.28 44.36
CA PHE H 98 -27.85 -31.27 44.08
C PHE H 98 -27.65 -30.05 44.98
N GLY H 99 -28.30 -28.95 44.63
CA GLY H 99 -28.34 -27.77 45.45
C GLY H 99 -29.38 -27.90 46.55
N GLN H 100 -29.35 -26.92 47.46
CA GLN H 100 -30.31 -26.88 48.56
C GLN H 100 -31.69 -26.43 48.12
N GLY H 101 -31.84 -25.94 46.89
CA GLY H 101 -33.14 -25.58 46.36
C GLY H 101 -33.54 -24.14 46.59
N THR H 102 -34.06 -23.50 45.55
CA THR H 102 -34.58 -22.13 45.63
C THR H 102 -36.08 -22.19 45.38
N LYS H 103 -36.86 -21.71 46.33
CA LYS H 103 -38.32 -21.77 46.28
C LYS H 103 -38.85 -20.44 45.77
N VAL H 104 -39.51 -20.47 44.62
CA VAL H 104 -40.15 -19.29 44.03
C VAL H 104 -41.65 -19.46 44.16
N ASP H 105 -42.30 -18.55 44.87
CA ASP H 105 -43.72 -18.60 45.16
C ASP H 105 -44.37 -17.27 44.79
N VAL H 106 -45.70 -17.26 44.79
CA VAL H 106 -46.45 -16.06 44.42
C VAL H 106 -46.36 -15.05 45.55
N LYS H 107 -46.05 -13.80 45.20
CA LYS H 107 -46.00 -12.72 46.17
C LYS H 107 -47.40 -12.28 46.56
N GLU I 1 21.28 -56.95 -24.83
CA GLU I 1 22.60 -56.33 -24.53
C GLU I 1 23.40 -56.10 -25.81
N VAL I 2 23.96 -54.89 -25.94
CA VAL I 2 24.75 -54.56 -27.12
C VAL I 2 26.04 -55.35 -27.11
N HIS I 3 26.39 -55.92 -28.27
CA HIS I 3 27.61 -56.70 -28.42
C HIS I 3 28.32 -56.29 -29.70
N LEU I 4 29.62 -56.03 -29.58
CA LEU I 4 30.47 -55.69 -30.71
C LEU I 4 31.74 -56.54 -30.62
N ALA I 5 32.08 -57.21 -31.73
CA ALA I 5 33.25 -58.09 -31.78
C ALA I 5 34.11 -57.73 -32.99
N GLU I 6 35.39 -57.47 -32.74
CA GLU I 6 36.34 -57.08 -33.78
C GLU I 6 37.18 -58.28 -34.22
N SER I 7 37.65 -58.22 -35.46
CA SER I 7 38.51 -59.26 -36.01
C SER I 7 39.24 -58.69 -37.22
N GLY I 8 40.28 -59.42 -37.64
CA GLY I 8 41.04 -59.07 -38.82
C GLY I 8 42.36 -58.37 -38.57
N GLY I 9 42.77 -58.22 -37.31
CA GLY I 9 44.04 -57.60 -36.99
C GLY I 9 45.19 -58.58 -37.08
N GLY I 10 46.39 -58.04 -36.89
CA GLY I 10 47.59 -58.84 -36.94
C GLY I 10 48.79 -58.01 -37.33
N LEU I 11 49.78 -58.68 -37.90
CA LEU I 11 51.05 -58.07 -38.29
C LEU I 11 51.06 -57.78 -39.78
N VAL I 12 51.48 -56.57 -40.15
CA VAL I 12 51.59 -56.17 -41.54
C VAL I 12 52.85 -55.33 -41.70
N GLN I 13 53.43 -55.37 -42.91
CA GLN I 13 54.60 -54.57 -43.20
C GLN I 13 54.20 -53.15 -43.60
N PRO I 14 55.12 -52.18 -43.53
CA PRO I 14 54.80 -50.84 -44.00
C PRO I 14 54.43 -50.84 -45.48
N GLY I 15 53.46 -50.00 -45.82
CA GLY I 15 52.97 -49.92 -47.18
C GLY I 15 51.98 -51.00 -47.57
N GLY I 16 51.63 -51.90 -46.67
CA GLY I 16 50.69 -52.96 -46.95
C GLY I 16 49.26 -52.51 -46.77
N SER I 17 48.35 -53.48 -46.83
CA SER I 17 46.92 -53.25 -46.69
C SER I 17 46.32 -54.26 -45.72
N LEU I 18 45.26 -53.84 -45.04
CA LEU I 18 44.61 -54.73 -44.07
C LEU I 18 43.16 -54.30 -43.90
N ARG I 19 42.30 -55.31 -43.68
CA ARG I 19 40.86 -55.09 -43.48
C ARG I 19 40.48 -55.54 -42.08
N LEU I 20 39.79 -54.65 -41.35
CA LEU I 20 39.26 -54.96 -40.03
C LEU I 20 37.74 -55.04 -40.10
N SER I 21 37.18 -56.09 -39.49
CA SER I 21 35.75 -56.32 -39.48
C SER I 21 35.23 -56.21 -38.05
N CYS I 22 34.00 -55.69 -37.93
CA CYS I 22 33.33 -55.55 -36.64
C CYS I 22 31.90 -56.05 -36.79
N ALA I 23 31.57 -57.10 -36.05
CA ALA I 23 30.22 -57.66 -36.03
C ALA I 23 29.45 -57.10 -34.86
N ALA I 24 28.24 -56.63 -35.11
CA ALA I 24 27.41 -55.96 -34.12
C ALA I 24 26.09 -56.70 -33.95
N SER I 25 25.59 -56.73 -32.72
CA SER I 25 24.31 -57.36 -32.43
C SER I 25 23.71 -56.73 -31.19
N GLY I 26 22.40 -56.89 -31.05
CA GLY I 26 21.68 -56.40 -29.88
C GLY I 26 21.05 -55.04 -30.03
N PHE I 27 20.99 -54.48 -31.23
CA PHE I 27 20.40 -53.17 -31.44
C PHE I 27 20.13 -52.98 -32.92
N MET I 28 19.46 -51.86 -33.23
CA MET I 28 19.14 -51.52 -34.62
C MET I 28 20.40 -50.97 -35.27
N PHE I 29 21.07 -51.81 -36.07
CA PHE I 29 22.32 -51.39 -36.70
C PHE I 29 22.10 -50.25 -37.69
N SER I 30 21.01 -50.32 -38.47
CA SER I 30 20.78 -49.33 -39.51
C SER I 30 20.52 -47.94 -38.95
N ALA I 31 20.02 -47.83 -37.72
CA ALA I 31 19.63 -46.55 -37.15
C ALA I 31 20.69 -45.95 -36.23
N SER I 32 21.90 -46.53 -36.21
CA SER I 32 22.99 -46.05 -35.35
C SER I 32 24.25 -45.91 -36.18
N GLU I 33 24.91 -44.76 -36.06
CA GLU I 33 26.17 -44.55 -36.76
C GLU I 33 27.31 -45.28 -36.03
N MET I 34 28.39 -45.51 -36.77
CA MET I 34 29.51 -46.31 -36.29
C MET I 34 30.80 -45.50 -36.34
N HIS I 35 31.66 -45.76 -35.35
CA HIS I 35 32.93 -45.07 -35.19
C HIS I 35 34.07 -46.08 -35.15
N TRP I 36 35.14 -45.79 -35.86
CA TRP I 36 36.40 -46.51 -35.72
C TRP I 36 37.36 -45.61 -34.96
N VAL I 37 37.89 -46.12 -33.84
CA VAL I 37 38.81 -45.40 -32.97
C VAL I 37 40.08 -46.22 -32.87
N ARG I 38 41.22 -45.54 -32.69
CA ARG I 38 42.50 -46.21 -32.51
C ARG I 38 43.20 -45.65 -31.28
N GLN I 39 43.92 -46.55 -30.59
CA GLN I 39 44.78 -46.19 -29.47
C GLN I 39 46.18 -46.68 -29.79
N THR I 40 47.10 -45.74 -29.97
CA THR I 40 48.50 -46.07 -30.17
C THR I 40 49.15 -46.44 -28.83
N PRO I 41 50.11 -47.35 -28.81
CA PRO I 41 50.77 -47.68 -27.53
C PRO I 41 51.45 -46.46 -26.93
N GLY I 42 51.09 -46.15 -25.68
CA GLY I 42 51.67 -45.04 -24.97
C GLY I 42 51.04 -43.69 -25.25
N LYS I 43 49.94 -43.64 -26.00
CA LYS I 43 49.25 -42.39 -26.34
C LYS I 43 47.76 -42.53 -26.01
N GLY I 44 47.02 -41.43 -26.24
CA GLY I 44 45.61 -41.40 -25.96
C GLY I 44 44.77 -41.89 -27.14
N LEU I 45 43.46 -41.85 -26.94
CA LEU I 45 42.51 -42.30 -27.95
C LEU I 45 42.40 -41.29 -29.08
N GLU I 46 42.00 -41.79 -30.26
CA GLU I 46 41.80 -40.93 -31.43
C GLU I 46 40.72 -41.56 -32.30
N SER I 47 39.77 -40.74 -32.75
CA SER I 47 38.68 -41.22 -33.58
C SER I 47 39.16 -41.31 -35.03
N VAL I 48 39.36 -42.52 -35.52
CA VAL I 48 39.88 -42.71 -36.88
C VAL I 48 38.86 -42.28 -37.91
N SER I 49 37.62 -42.75 -37.78
CA SER I 49 36.63 -42.49 -38.82
C SER I 49 35.23 -42.66 -38.26
N VAL I 50 34.25 -42.14 -39.02
CA VAL I 50 32.83 -42.26 -38.69
C VAL I 50 32.04 -42.54 -39.95
N ILE I 51 31.01 -43.37 -39.82
CA ILE I 51 30.07 -43.66 -40.90
C ILE I 51 28.65 -43.50 -40.35
N GLY I 52 27.78 -42.88 -41.16
CA GLY I 52 26.42 -42.61 -40.74
C GLY I 52 25.53 -43.83 -40.80
N GLY I 53 24.26 -43.63 -40.42
CA GLY I 53 23.31 -44.72 -40.40
C GLY I 53 23.02 -45.28 -41.78
N SER I 54 22.84 -44.40 -42.76
CA SER I 54 22.52 -44.84 -44.12
C SER I 54 23.74 -45.31 -44.90
N GLY I 55 24.95 -45.05 -44.41
CA GLY I 55 26.17 -45.46 -45.09
C GLY I 55 26.63 -44.52 -46.18
N THR I 56 25.89 -43.44 -46.46
CA THR I 56 26.30 -42.48 -47.48
C THR I 56 27.23 -41.40 -46.92
N SER I 57 27.14 -41.11 -45.63
CA SER I 57 27.97 -40.09 -44.99
C SER I 57 29.13 -40.77 -44.29
N THR I 58 30.35 -40.44 -44.71
CA THR I 58 31.57 -40.97 -44.12
C THR I 58 32.56 -39.84 -43.92
N GLN I 59 33.25 -39.83 -42.78
CA GLN I 59 34.25 -38.83 -42.48
C GLN I 59 35.46 -39.48 -41.84
N TYR I 60 36.63 -38.87 -42.05
CA TYR I 60 37.89 -39.38 -41.53
C TYR I 60 38.73 -38.20 -41.03
N VAL I 61 39.70 -38.52 -40.19
CA VAL I 61 40.64 -37.50 -39.69
C VAL I 61 41.68 -37.23 -40.78
N ASP I 62 42.42 -36.12 -40.62
CA ASP I 62 43.41 -35.76 -41.63
C ASP I 62 44.56 -36.77 -41.68
N SER I 63 44.90 -37.37 -40.54
CA SER I 63 46.04 -38.29 -40.51
C SER I 63 45.80 -39.52 -41.37
N VAL I 64 44.54 -39.91 -41.57
CA VAL I 64 44.18 -41.11 -42.32
C VAL I 64 43.34 -40.79 -43.55
N LYS I 65 43.15 -39.50 -43.86
CA LYS I 65 42.35 -39.14 -45.03
C LYS I 65 43.04 -39.59 -46.31
N GLY I 66 42.27 -40.21 -47.20
CA GLY I 66 42.78 -40.72 -48.45
C GLY I 66 43.40 -42.09 -48.40
N ARG I 67 43.49 -42.69 -47.21
CA ARG I 67 44.07 -44.02 -47.02
C ARG I 67 43.11 -45.01 -46.37
N PHE I 68 42.27 -44.54 -45.44
CA PHE I 68 41.34 -45.40 -44.72
C PHE I 68 39.94 -45.23 -45.31
N THR I 69 39.25 -46.36 -45.50
CA THR I 69 37.88 -46.37 -46.03
C THR I 69 37.00 -47.17 -45.09
N VAL I 70 35.86 -46.58 -44.72
CA VAL I 70 34.92 -47.20 -43.79
C VAL I 70 33.63 -47.51 -44.56
N SER I 71 33.13 -48.73 -44.38
CA SER I 71 31.89 -49.17 -45.02
C SER I 71 31.08 -49.98 -44.03
N ARG I 72 29.79 -50.13 -44.33
CA ARG I 72 28.88 -50.87 -43.47
C ARG I 72 27.93 -51.69 -44.32
N ASP I 73 27.48 -52.81 -43.75
CA ASP I 73 26.49 -53.70 -44.36
C ASP I 73 25.36 -53.83 -43.35
N ASN I 74 24.24 -53.15 -43.63
CA ASN I 74 23.11 -53.18 -42.72
C ASN I 74 22.41 -54.54 -42.72
N ALA I 75 22.39 -55.22 -43.88
CA ALA I 75 21.76 -56.53 -43.94
C ALA I 75 22.46 -57.53 -43.02
N LYS I 76 23.80 -57.51 -43.01
CA LYS I 76 24.59 -58.39 -42.16
C LYS I 76 24.92 -57.76 -40.80
N ASN I 77 24.55 -56.50 -40.58
CA ASN I 77 24.88 -55.79 -39.35
C ASN I 77 26.39 -55.82 -39.09
N ALA I 78 27.16 -55.48 -40.12
CA ALA I 78 28.61 -55.57 -40.08
C ALA I 78 29.23 -54.23 -40.47
N LEU I 79 30.46 -54.01 -40.00
CA LEU I 79 31.22 -52.82 -40.29
C LEU I 79 32.62 -53.23 -40.75
N SER I 80 33.18 -52.48 -41.69
CA SER I 80 34.47 -52.82 -42.28
C SER I 80 35.32 -51.57 -42.43
N LEU I 81 36.62 -51.71 -42.16
CA LEU I 81 37.59 -50.65 -42.33
C LEU I 81 38.76 -51.20 -43.14
N GLN I 82 38.97 -50.62 -44.32
CA GLN I 82 40.08 -50.99 -45.20
C GLN I 82 41.17 -49.94 -45.07
N MET I 83 42.37 -50.38 -44.72
CA MET I 83 43.53 -49.50 -44.56
C MET I 83 44.55 -49.86 -45.62
N ASP I 84 45.10 -48.84 -46.29
CA ASP I 84 46.11 -49.00 -47.31
C ASP I 84 47.26 -48.03 -47.05
N SER I 85 48.44 -48.41 -47.50
CA SER I 85 49.66 -47.62 -47.28
C SER I 85 49.89 -47.39 -45.78
N LEU I 86 49.74 -48.47 -45.01
CA LEU I 86 49.88 -48.39 -43.56
C LEU I 86 51.29 -47.98 -43.19
N ARG I 87 51.40 -47.20 -42.11
CA ARG I 87 52.67 -46.68 -41.61
C ARG I 87 52.88 -47.16 -40.19
N ALA I 88 54.08 -46.88 -39.65
CA ALA I 88 54.40 -47.29 -38.29
C ALA I 88 53.49 -46.61 -37.27
N GLU I 89 53.08 -45.37 -37.54
CA GLU I 89 52.21 -44.66 -36.62
C GLU I 89 50.82 -45.28 -36.51
N ASP I 90 50.44 -46.13 -37.46
CA ASP I 90 49.13 -46.76 -37.44
C ASP I 90 49.04 -47.94 -36.48
N THR I 91 50.18 -48.38 -35.92
CA THR I 91 50.15 -49.51 -35.00
C THR I 91 49.37 -49.16 -33.74
N GLY I 92 48.54 -50.09 -33.29
CA GLY I 92 47.80 -49.90 -32.06
C GLY I 92 46.57 -50.80 -32.02
N VAL I 93 45.69 -50.45 -31.09
CA VAL I 93 44.45 -51.21 -30.86
C VAL I 93 43.30 -50.42 -31.49
N TYR I 94 42.56 -51.07 -32.38
CA TYR I 94 41.44 -50.48 -33.09
C TYR I 94 40.14 -50.99 -32.48
N TYR I 95 39.24 -50.06 -32.14
CA TYR I 95 37.94 -50.36 -31.56
C TYR I 95 36.84 -49.87 -32.49
N CYS I 96 35.76 -50.64 -32.57
CA CYS I 96 34.53 -50.22 -33.23
C CYS I 96 33.49 -49.89 -32.16
N ALA I 97 32.91 -48.70 -32.26
CA ALA I 97 31.97 -48.21 -31.26
C ALA I 97 30.71 -47.71 -31.95
N ARG I 98 29.62 -47.67 -31.20
CA ARG I 98 28.34 -47.20 -31.71
C ARG I 98 28.05 -45.80 -31.16
N GLY I 99 27.54 -44.93 -32.03
CA GLY I 99 27.08 -43.63 -31.59
C GLY I 99 25.62 -43.67 -31.18
N GLY I 100 25.37 -43.80 -29.88
CA GLY I 100 24.02 -43.94 -29.37
C GLY I 100 23.43 -42.59 -29.00
N GLU I 101 22.15 -42.42 -29.31
CA GLU I 101 21.44 -41.18 -29.00
C GLU I 101 21.01 -41.19 -27.54
N VAL I 102 21.34 -40.12 -26.83
CA VAL I 102 21.01 -39.97 -25.41
C VAL I 102 20.38 -38.61 -25.19
N ARG I 103 19.64 -38.49 -24.09
CA ARG I 103 18.95 -37.26 -23.72
C ARG I 103 19.60 -36.68 -22.47
N SER I 104 20.03 -35.43 -22.55
CA SER I 104 20.62 -34.76 -21.40
C SER I 104 19.54 -34.36 -20.40
N ARG I 105 19.97 -33.96 -19.21
CA ARG I 105 19.04 -33.52 -18.18
C ARG I 105 18.27 -32.27 -18.61
N GLY I 106 18.84 -31.47 -19.51
CA GLY I 106 18.16 -30.29 -20.01
C GLY I 106 17.19 -30.53 -21.14
N GLY I 107 17.10 -31.77 -21.64
CA GLY I 107 16.18 -32.12 -22.70
C GLY I 107 16.75 -32.06 -24.10
N TRP I 108 18.07 -31.93 -24.26
CA TRP I 108 18.71 -31.89 -25.56
C TRP I 108 19.27 -33.25 -25.92
N LYS I 109 19.22 -33.58 -27.20
CA LYS I 109 19.64 -34.88 -27.72
C LYS I 109 20.94 -34.74 -28.49
N ASN I 110 21.89 -35.64 -28.20
CA ASN I 110 23.14 -35.71 -28.92
C ASN I 110 23.55 -37.18 -29.01
N ARG I 111 24.77 -37.44 -29.46
CA ARG I 111 25.27 -38.79 -29.67
C ARG I 111 26.63 -38.94 -29.01
N VAL I 112 26.82 -40.08 -28.32
CA VAL I 112 28.08 -40.40 -27.66
C VAL I 112 28.42 -41.86 -27.96
N LEU I 113 29.69 -42.20 -27.74
CA LEU I 113 30.17 -43.57 -27.96
C LEU I 113 29.76 -44.42 -26.75
N ASP I 114 28.48 -44.78 -26.73
CA ASP I 114 27.91 -45.48 -25.59
C ASP I 114 28.54 -46.85 -25.40
N SER I 115 28.67 -47.62 -26.48
CA SER I 115 29.17 -48.98 -26.45
C SER I 115 30.36 -49.14 -27.38
N TRP I 116 31.36 -49.89 -26.91
CA TRP I 116 32.60 -50.15 -27.61
C TRP I 116 32.82 -51.65 -27.74
N GLY I 117 33.73 -52.02 -28.62
CA GLY I 117 34.16 -53.40 -28.75
C GLY I 117 35.38 -53.69 -27.89
N GLN I 118 35.79 -54.96 -27.91
CA GLN I 118 36.96 -55.38 -27.14
C GLN I 118 38.26 -54.85 -27.73
N GLY I 119 38.30 -54.59 -29.02
CA GLY I 119 39.48 -54.07 -29.68
C GLY I 119 40.27 -55.16 -30.38
N VAL I 120 41.01 -54.76 -31.41
CA VAL I 120 41.83 -55.67 -32.20
C VAL I 120 43.20 -55.03 -32.43
N GLN I 121 44.26 -55.84 -32.32
CA GLN I 121 45.62 -55.34 -32.40
C GLN I 121 46.11 -55.37 -33.84
N VAL I 122 46.70 -54.26 -34.28
CA VAL I 122 47.33 -54.15 -35.59
C VAL I 122 48.75 -53.62 -35.37
N ILE I 123 49.73 -54.33 -35.91
CA ILE I 123 51.15 -54.00 -35.74
C ILE I 123 51.74 -53.78 -37.12
N VAL I 124 52.18 -52.54 -37.37
CA VAL I 124 52.80 -52.17 -38.64
C VAL I 124 54.30 -52.06 -38.36
N SER I 125 55.02 -53.15 -38.62
CA SER I 125 56.46 -53.21 -38.44
C SER I 125 57.06 -54.01 -39.59
N PRO I 126 58.36 -53.82 -39.87
CA PRO I 126 58.94 -54.58 -40.99
C PRO I 126 59.11 -56.06 -40.67
N ASP J 1 40.88 -28.30 -36.38
CA ASP J 1 40.31 -29.24 -35.37
C ASP J 1 40.38 -28.64 -33.98
N ILE J 2 39.35 -28.90 -33.17
CA ILE J 2 39.33 -28.41 -31.80
C ILE J 2 40.28 -29.23 -30.94
N GLN J 3 41.22 -28.56 -30.28
CA GLN J 3 42.24 -29.22 -29.49
C GLN J 3 41.80 -29.29 -28.04
N MET J 4 42.01 -30.45 -27.43
CA MET J 4 41.56 -30.74 -26.07
C MET J 4 42.78 -30.89 -25.17
N THR J 5 42.76 -30.21 -24.02
CA THR J 5 43.87 -30.25 -23.08
C THR J 5 43.38 -30.69 -21.72
N GLN J 6 44.01 -31.71 -21.15
CA GLN J 6 43.68 -32.24 -19.84
C GLN J 6 44.70 -31.78 -18.80
N SER J 7 44.26 -31.79 -17.53
CA SER J 7 45.18 -31.50 -16.44
C SER J 7 44.62 -32.13 -15.17
N PRO J 8 45.46 -32.69 -14.28
CA PRO J 8 46.92 -32.91 -14.40
C PRO J 8 47.22 -34.08 -15.33
N SER J 9 48.44 -34.17 -15.86
CA SER J 9 48.78 -35.28 -16.74
C SER J 9 48.71 -36.61 -16.00
N SER J 10 49.16 -36.64 -14.75
CA SER J 10 49.09 -37.83 -13.93
C SER J 10 48.91 -37.41 -12.48
N LEU J 11 48.36 -38.33 -11.67
CA LEU J 11 48.08 -38.04 -10.28
C LEU J 11 48.06 -39.35 -9.51
N SER J 12 48.53 -39.30 -8.26
CA SER J 12 48.50 -40.42 -7.34
C SER J 12 47.60 -40.03 -6.16
N ALA J 13 46.60 -40.87 -5.89
CA ALA J 13 45.63 -40.61 -4.83
C ALA J 13 45.35 -41.89 -4.08
N SER J 14 44.97 -41.73 -2.81
CA SER J 14 44.62 -42.84 -1.94
C SER J 14 43.11 -43.05 -1.92
N VAL J 15 42.69 -44.19 -1.37
CA VAL J 15 41.27 -44.51 -1.30
C VAL J 15 40.57 -43.49 -0.43
N GLY J 16 39.42 -42.99 -0.89
CA GLY J 16 38.65 -42.00 -0.18
C GLY J 16 39.00 -40.56 -0.51
N ASP J 17 40.06 -40.32 -1.29
CA ASP J 17 40.45 -38.97 -1.65
C ASP J 17 39.54 -38.42 -2.74
N ARG J 18 39.36 -37.10 -2.75
CA ARG J 18 38.61 -36.42 -3.79
C ARG J 18 39.53 -36.11 -4.96
N VAL J 19 39.13 -36.53 -6.16
CA VAL J 19 39.94 -36.37 -7.37
C VAL J 19 39.22 -35.38 -8.27
N THR J 20 39.96 -34.38 -8.76
CA THR J 20 39.44 -33.36 -9.66
C THR J 20 40.32 -33.31 -10.91
N ILE J 21 39.69 -33.34 -12.08
CA ILE J 21 40.38 -33.30 -13.36
C ILE J 21 39.76 -32.19 -14.20
N THR J 22 40.60 -31.33 -14.76
CA THR J 22 40.18 -30.19 -15.56
C THR J 22 40.44 -30.47 -17.03
N CYS J 23 39.49 -30.06 -17.88
CA CYS J 23 39.57 -30.23 -19.32
C CYS J 23 39.22 -28.91 -19.99
N GLN J 24 40.01 -28.54 -21.00
CA GLN J 24 39.87 -27.26 -21.66
C GLN J 24 39.84 -27.45 -23.17
N THR J 25 39.07 -26.59 -23.83
CA THR J 25 38.87 -26.62 -25.28
C THR J 25 39.40 -25.32 -25.88
N SER J 26 39.88 -25.42 -27.12
CA SER J 26 40.36 -24.22 -27.81
C SER J 26 39.21 -23.31 -28.24
N GLN J 27 38.06 -23.90 -28.56
CA GLN J 27 36.88 -23.16 -28.98
C GLN J 27 35.69 -23.66 -28.17
N PRO J 28 34.64 -22.84 -28.02
CA PRO J 28 33.45 -23.32 -27.31
C PRO J 28 32.83 -24.50 -28.03
N VAL J 29 32.36 -25.47 -27.24
CA VAL J 29 31.69 -26.66 -27.77
C VAL J 29 30.35 -26.83 -27.06
N ASN J 30 29.76 -25.71 -26.63
CA ASN J 30 28.54 -25.71 -25.81
C ASN J 30 28.86 -26.55 -24.57
N LEU J 31 28.06 -27.55 -24.22
CA LEU J 31 28.34 -28.44 -23.09
C LEU J 31 28.54 -29.89 -23.54
N TRP J 32 28.76 -30.12 -24.84
CA TRP J 32 28.93 -31.46 -25.38
C TRP J 32 30.35 -31.94 -25.09
N VAL J 33 30.58 -32.33 -23.85
CA VAL J 33 31.84 -32.93 -23.41
C VAL J 33 31.50 -34.18 -22.62
N ALA J 34 32.12 -35.30 -22.99
CA ALA J 34 31.88 -36.59 -22.38
C ALA J 34 33.15 -37.09 -21.69
N TRP J 35 32.97 -37.67 -20.51
CA TRP J 35 34.07 -38.20 -19.72
C TRP J 35 33.99 -39.72 -19.70
N TYR J 36 35.10 -40.35 -20.12
CA TYR J 36 35.25 -41.80 -20.22
C TYR J 36 36.39 -42.26 -19.31
N GLN J 37 36.34 -43.55 -18.95
CA GLN J 37 37.39 -44.19 -18.15
C GLN J 37 37.87 -45.43 -18.89
N GLN J 38 39.15 -45.73 -18.72
CA GLN J 38 39.78 -46.91 -19.32
C GLN J 38 40.61 -47.61 -18.26
N LYS J 39 40.40 -48.92 -18.13
CA LYS J 39 41.21 -49.80 -17.31
C LYS J 39 42.25 -50.51 -18.17
N PRO J 40 43.34 -50.99 -17.57
CA PRO J 40 44.37 -51.66 -18.38
C PRO J 40 43.82 -52.91 -19.05
N GLY J 41 43.99 -52.97 -20.37
CA GLY J 41 43.50 -54.11 -21.14
C GLY J 41 42.02 -54.14 -21.37
N LYS J 42 41.33 -53.00 -21.23
CA LYS J 42 39.89 -52.94 -21.42
C LYS J 42 39.56 -51.70 -22.25
N ALA J 43 38.42 -51.76 -22.93
CA ALA J 43 37.97 -50.66 -23.77
C ALA J 43 37.44 -49.52 -22.90
N PRO J 44 37.37 -48.30 -23.45
CA PRO J 44 36.84 -47.19 -22.65
C PRO J 44 35.39 -47.40 -22.25
N ASN J 45 35.03 -46.90 -21.06
CA ASN J 45 33.68 -46.95 -20.54
C ASN J 45 33.18 -45.53 -20.28
N LEU J 46 32.02 -45.21 -20.83
CA LEU J 46 31.43 -43.89 -20.63
C LEU J 46 30.99 -43.73 -19.18
N LEU J 47 31.30 -42.56 -18.59
CA LEU J 47 30.80 -42.17 -17.29
C LEU J 47 29.84 -40.99 -17.38
N ILE J 48 30.20 -39.94 -18.10
CA ILE J 48 29.39 -38.72 -18.16
C ILE J 48 29.26 -38.29 -19.62
N PHE J 49 28.07 -37.82 -19.97
CA PHE J 49 27.80 -37.21 -21.26
C PHE J 49 27.10 -35.88 -21.04
N GLY J 50 27.37 -34.93 -21.93
CA GLY J 50 26.82 -33.60 -21.79
C GLY J 50 27.47 -32.75 -20.71
N ALA J 51 28.56 -33.23 -20.10
CA ALA J 51 29.36 -32.46 -19.16
C ALA J 51 28.68 -32.32 -17.79
N SER J 52 27.45 -32.83 -17.65
CA SER J 52 26.79 -32.82 -16.34
C SER J 52 25.80 -33.95 -16.14
N THR J 53 25.64 -34.86 -17.11
CA THR J 53 24.68 -35.96 -17.01
C THR J 53 25.42 -37.25 -16.72
N LEU J 54 24.93 -38.02 -15.76
CA LEU J 54 25.56 -39.27 -15.36
C LEU J 54 24.93 -40.43 -16.13
N GLN J 55 25.78 -41.26 -16.73
CA GLN J 55 25.31 -42.42 -17.47
C GLN J 55 24.62 -43.40 -16.52
N SER J 56 23.60 -44.08 -17.03
CA SER J 56 22.85 -45.03 -16.23
C SER J 56 23.75 -46.17 -15.77
N GLY J 57 23.63 -46.53 -14.49
CA GLY J 57 24.41 -47.60 -13.91
C GLY J 57 25.70 -47.17 -13.25
N VAL J 58 26.20 -45.98 -13.57
CA VAL J 58 27.45 -45.48 -13.00
C VAL J 58 27.19 -45.11 -11.53
N PRO J 59 28.14 -45.29 -10.62
CA PRO J 59 27.91 -44.84 -9.24
C PRO J 59 27.79 -43.32 -9.17
N SER J 60 27.05 -42.85 -8.16
CA SER J 60 26.76 -41.43 -8.03
C SER J 60 27.97 -40.60 -7.61
N ARG J 61 29.06 -41.23 -7.16
CA ARG J 61 30.23 -40.47 -6.73
C ARG J 61 30.83 -39.66 -7.87
N PHE J 62 30.69 -40.11 -9.11
CA PHE J 62 31.20 -39.38 -10.25
C PHE J 62 30.23 -38.26 -10.62
N SER J 63 30.74 -37.04 -10.76
CA SER J 63 29.90 -35.96 -11.28
C SER J 63 30.78 -35.02 -12.11
N GLY J 64 30.11 -34.19 -12.91
CA GLY J 64 30.78 -33.29 -13.82
C GLY J 64 30.08 -31.96 -13.90
N SER J 65 30.86 -30.93 -14.22
CA SER J 65 30.34 -29.57 -14.28
C SER J 65 31.23 -28.74 -15.20
N GLY J 66 30.88 -27.47 -15.33
CA GLY J 66 31.66 -26.51 -16.10
C GLY J 66 30.81 -25.83 -17.15
N ALA J 67 31.48 -25.02 -17.96
CA ALA J 67 30.82 -24.23 -18.99
C ALA J 67 31.91 -23.55 -19.82
N GLY J 68 31.47 -22.82 -20.85
CA GLY J 68 32.38 -22.08 -21.70
C GLY J 68 33.42 -22.96 -22.36
N THR J 69 34.66 -22.83 -21.91
CA THR J 69 35.78 -23.63 -22.40
C THR J 69 36.49 -24.36 -21.27
N GLU J 70 35.82 -24.57 -20.14
CA GLU J 70 36.41 -25.24 -18.99
C GLU J 70 35.40 -26.20 -18.38
N PHE J 71 35.80 -27.46 -18.25
CA PHE J 71 34.96 -28.51 -17.68
C PHE J 71 35.75 -29.26 -16.62
N ILE J 72 35.01 -29.76 -15.63
CA ILE J 72 35.61 -30.40 -14.45
C ILE J 72 34.91 -31.73 -14.20
N LEU J 73 35.70 -32.78 -14.02
CA LEU J 73 35.23 -34.08 -13.55
C LEU J 73 35.68 -34.25 -12.10
N THR J 74 34.76 -34.69 -11.23
CA THR J 74 35.05 -34.87 -9.82
C THR J 74 34.59 -36.24 -9.35
N ILE J 75 35.52 -36.95 -8.69
CA ILE J 75 35.26 -38.22 -8.02
C ILE J 75 35.35 -37.93 -6.52
N SER J 76 34.20 -37.92 -5.86
CA SER J 76 34.14 -37.51 -4.46
C SER J 76 34.79 -38.54 -3.55
N ASN J 77 34.45 -39.82 -3.73
CA ASN J 77 34.92 -40.90 -2.87
C ASN J 77 35.65 -41.92 -3.76
N LEU J 78 36.96 -41.74 -3.88
CA LEU J 78 37.76 -42.63 -4.70
C LEU J 78 37.72 -44.04 -4.13
N GLN J 79 37.50 -45.02 -5.01
CA GLN J 79 37.35 -46.42 -4.65
C GLN J 79 38.41 -47.26 -5.37
N PRO J 80 38.64 -48.50 -4.92
CA PRO J 80 39.66 -49.33 -5.58
C PRO J 80 39.39 -49.59 -7.05
N GLU J 81 38.12 -49.56 -7.48
CA GLU J 81 37.76 -49.91 -8.85
C GLU J 81 37.82 -48.74 -9.82
N ASP J 82 38.07 -47.51 -9.34
CA ASP J 82 38.04 -46.33 -10.18
C ASP J 82 39.41 -45.91 -10.70
N PHE J 83 40.46 -46.66 -10.38
CA PHE J 83 41.79 -46.31 -10.85
C PHE J 83 41.95 -46.64 -12.33
N GLY J 84 42.62 -45.76 -13.06
CA GLY J 84 42.77 -45.94 -14.50
C GLY J 84 43.00 -44.61 -15.19
N THR J 85 42.77 -44.61 -16.50
CA THR J 85 43.02 -43.44 -17.34
C THR J 85 41.68 -42.80 -17.72
N TYR J 86 41.51 -41.54 -17.34
CA TYR J 86 40.30 -40.78 -17.64
C TYR J 86 40.54 -39.86 -18.84
N PHE J 87 39.53 -39.76 -19.70
CA PHE J 87 39.61 -38.96 -20.91
C PHE J 87 38.37 -38.09 -21.04
N CYS J 88 38.56 -36.90 -21.61
CA CYS J 88 37.48 -35.99 -21.95
C CYS J 88 37.45 -35.81 -23.47
N GLN J 89 36.26 -35.96 -24.05
CA GLN J 89 36.07 -35.94 -25.50
C GLN J 89 34.99 -34.93 -25.85
N GLN J 90 35.22 -34.17 -26.92
CA GLN J 90 34.23 -33.25 -27.46
C GLN J 90 33.54 -33.92 -28.63
N HIS J 91 32.20 -33.84 -28.65
CA HIS J 91 31.38 -34.47 -29.69
C HIS J 91 30.37 -33.46 -30.24
N HIS J 92 30.82 -32.22 -30.42
CA HIS J 92 30.00 -31.18 -31.03
C HIS J 92 30.17 -31.11 -32.53
N ASN J 93 31.41 -31.23 -33.01
CA ASN J 93 31.71 -31.21 -34.44
C ASN J 93 32.81 -32.23 -34.74
N PHE J 94 32.72 -32.82 -35.93
CA PHE J 94 33.75 -33.75 -36.36
C PHE J 94 35.03 -32.98 -36.71
N PRO J 95 36.23 -33.52 -36.37
CA PRO J 95 36.52 -34.76 -35.64
C PRO J 95 36.27 -34.64 -34.13
N TRP J 96 35.94 -35.74 -33.48
CA TRP J 96 35.72 -35.77 -32.03
C TRP J 96 37.08 -36.03 -31.38
N THR J 97 37.69 -34.97 -30.87
CA THR J 97 39.06 -35.03 -30.36
C THR J 97 39.05 -35.43 -28.89
N PHE J 98 39.86 -36.43 -28.54
CA PHE J 98 40.04 -36.86 -27.17
C PHE J 98 41.14 -36.05 -26.49
N GLY J 99 41.16 -36.10 -25.17
CA GLY J 99 42.23 -35.51 -24.40
C GLY J 99 43.45 -36.41 -24.35
N GLN J 100 44.53 -35.86 -23.77
CA GLN J 100 45.76 -36.61 -23.63
C GLN J 100 45.70 -37.66 -22.52
N GLY J 101 44.66 -37.64 -21.69
CA GLY J 101 44.47 -38.65 -20.67
C GLY J 101 45.09 -38.30 -19.34
N THR J 102 44.37 -38.58 -18.26
CA THR J 102 44.85 -38.37 -16.90
C THR J 102 44.87 -39.73 -16.20
N LYS J 103 46.04 -40.15 -15.73
CA LYS J 103 46.23 -41.46 -15.13
C LYS J 103 46.16 -41.33 -13.62
N VAL J 104 45.16 -41.96 -13.01
CA VAL J 104 44.99 -42.01 -11.57
C VAL J 104 45.35 -43.40 -11.10
N ASP J 105 46.38 -43.49 -10.25
CA ASP J 105 46.90 -44.75 -9.74
C ASP J 105 47.00 -44.69 -8.22
N VAL J 106 47.32 -45.84 -7.62
CA VAL J 106 47.40 -45.96 -6.18
C VAL J 106 48.67 -45.29 -5.69
N LYS J 107 48.55 -44.53 -4.60
CA LYS J 107 49.71 -43.89 -3.98
C LYS J 107 50.46 -44.88 -3.11
N GLU K 1 -40.65 -9.46 -50.59
CA GLU K 1 -40.48 -7.98 -50.76
C GLU K 1 -41.81 -7.27 -50.54
N VAL K 2 -41.77 -6.19 -49.74
CA VAL K 2 -42.98 -5.43 -49.47
C VAL K 2 -43.39 -4.66 -50.70
N HIS K 3 -44.69 -4.71 -51.02
CA HIS K 3 -45.24 -4.03 -52.19
C HIS K 3 -46.50 -3.27 -51.78
N LEU K 4 -46.55 -1.99 -52.15
CA LEU K 4 -47.70 -1.13 -51.90
C LEU K 4 -48.05 -0.42 -53.20
N ALA K 5 -49.32 -0.48 -53.60
CA ALA K 5 -49.78 0.13 -54.84
C ALA K 5 -51.00 0.99 -54.55
N GLU K 6 -50.94 2.26 -54.95
CA GLU K 6 -52.01 3.22 -54.73
C GLU K 6 -52.85 3.39 -55.99
N SER K 7 -54.11 3.76 -55.80
CA SER K 7 -55.03 4.00 -56.91
C SER K 7 -56.20 4.84 -56.40
N GLY K 8 -56.97 5.37 -57.34
CA GLY K 8 -58.16 6.13 -57.04
C GLY K 8 -58.01 7.64 -57.13
N GLY K 9 -56.85 8.14 -57.54
CA GLY K 9 -56.63 9.57 -57.67
C GLY K 9 -57.16 10.12 -58.98
N GLY K 10 -57.08 11.44 -59.11
CA GLY K 10 -57.52 12.12 -60.30
C GLY K 10 -57.93 13.55 -59.99
N LEU K 11 -58.82 14.07 -60.83
CA LEU K 11 -59.28 15.44 -60.75
C LEU K 11 -60.64 15.49 -60.07
N VAL K 12 -60.80 16.44 -59.14
CA VAL K 12 -62.06 16.65 -58.45
C VAL K 12 -62.26 18.15 -58.24
N GLN K 13 -63.51 18.57 -58.19
CA GLN K 13 -63.84 19.96 -57.92
C GLN K 13 -63.81 20.24 -56.43
N PRO K 14 -63.69 21.51 -56.03
CA PRO K 14 -63.76 21.83 -54.59
C PRO K 14 -65.11 21.41 -54.01
N GLY K 15 -65.07 20.91 -52.78
CA GLY K 15 -66.26 20.44 -52.11
C GLY K 15 -66.70 19.03 -52.47
N GLY K 16 -65.97 18.36 -53.36
CA GLY K 16 -66.31 17.01 -53.75
C GLY K 16 -65.77 15.98 -52.79
N SER K 17 -65.87 14.72 -53.21
CA SER K 17 -65.42 13.58 -52.42
C SER K 17 -64.60 12.63 -53.30
N LEU K 18 -63.69 11.90 -52.67
CA LEU K 18 -62.85 10.97 -53.41
C LEU K 18 -62.32 9.90 -52.47
N ARG K 19 -62.22 8.67 -52.98
CA ARG K 19 -61.71 7.54 -52.23
C ARG K 19 -60.39 7.07 -52.85
N LEU K 20 -59.36 6.95 -52.01
CA LEU K 20 -58.06 6.43 -52.42
C LEU K 20 -57.85 5.06 -51.81
N SER K 21 -57.43 4.10 -52.64
CA SER K 21 -57.20 2.73 -52.23
C SER K 21 -55.72 2.42 -52.30
N CYS K 22 -55.27 1.57 -51.37
CA CYS K 22 -53.88 1.13 -51.32
C CYS K 22 -53.87 -0.37 -51.07
N ALA K 23 -53.33 -1.12 -52.04
CA ALA K 23 -53.21 -2.57 -51.94
C ALA K 23 -51.81 -2.92 -51.47
N ALA K 24 -51.73 -3.78 -50.45
CA ALA K 24 -50.47 -4.15 -49.81
C ALA K 24 -50.24 -5.64 -49.91
N SER K 25 -48.99 -6.03 -50.07
CA SER K 25 -48.62 -7.44 -50.12
C SER K 25 -47.17 -7.60 -49.68
N GLY K 26 -46.83 -8.82 -49.26
CA GLY K 26 -45.48 -9.15 -48.87
C GLY K 26 -45.20 -9.06 -47.39
N PHE K 27 -46.21 -8.94 -46.55
CA PHE K 27 -46.01 -8.84 -45.10
C PHE K 27 -47.34 -9.09 -44.41
N MET K 28 -47.28 -9.17 -43.08
CA MET K 28 -48.48 -9.37 -42.26
C MET K 28 -49.21 -8.03 -42.15
N PHE K 29 -50.27 -7.88 -42.94
CA PHE K 29 -51.00 -6.62 -42.96
C PHE K 29 -51.66 -6.32 -41.61
N SER K 30 -52.21 -7.35 -40.96
CA SER K 30 -52.97 -7.14 -39.73
C SER K 30 -52.09 -6.64 -38.58
N ALA K 31 -50.79 -6.93 -38.61
CA ALA K 31 -49.90 -6.60 -37.51
C ALA K 31 -49.05 -5.36 -37.78
N SER K 32 -49.39 -4.57 -38.80
CA SER K 32 -48.61 -3.40 -39.17
C SER K 32 -49.53 -2.18 -39.24
N GLU K 33 -49.11 -1.09 -38.61
CA GLU K 33 -49.83 0.17 -38.71
C GLU K 33 -49.69 0.75 -40.11
N MET K 34 -50.70 1.50 -40.54
CA MET K 34 -50.73 2.09 -41.87
C MET K 34 -50.82 3.61 -41.77
N HIS K 35 -50.08 4.29 -42.64
CA HIS K 35 -50.01 5.75 -42.66
C HIS K 35 -50.42 6.26 -44.03
N TRP K 36 -51.19 7.34 -44.04
CA TRP K 36 -51.48 8.12 -45.23
C TRP K 36 -50.75 9.44 -45.12
N VAL K 37 -49.89 9.73 -46.10
CA VAL K 37 -49.06 10.93 -46.14
C VAL K 37 -49.40 11.67 -47.41
N ARG K 38 -49.27 13.00 -47.38
CA ARG K 38 -49.49 13.83 -48.57
C ARG K 38 -48.32 14.78 -48.76
N GLN K 39 -47.99 15.03 -50.02
CA GLN K 39 -46.99 16.00 -50.43
C GLN K 39 -47.66 16.99 -51.36
N THR K 40 -47.79 18.24 -50.91
CA THR K 40 -48.31 19.31 -51.75
C THR K 40 -47.22 19.76 -52.73
N PRO K 41 -47.59 20.19 -53.94
CA PRO K 41 -46.55 20.69 -54.86
C PRO K 41 -45.82 21.89 -54.29
N GLY K 42 -44.49 21.81 -54.27
CA GLY K 42 -43.66 22.88 -53.77
C GLY K 42 -43.51 22.95 -52.27
N LYS K 43 -44.00 21.94 -51.54
CA LYS K 43 -43.92 21.91 -50.08
C LYS K 43 -43.36 20.56 -49.64
N GLY K 44 -43.21 20.40 -48.33
CA GLY K 44 -42.67 19.19 -47.75
C GLY K 44 -43.74 18.14 -47.49
N LEU K 45 -43.32 17.06 -46.85
CA LEU K 45 -44.22 15.96 -46.54
C LEU K 45 -45.05 16.25 -45.30
N GLU K 46 -46.21 15.61 -45.22
CA GLU K 46 -47.10 15.76 -44.07
C GLU K 46 -47.86 14.45 -43.88
N SER K 47 -47.98 14.01 -42.63
CA SER K 47 -48.67 12.76 -42.31
C SER K 47 -50.16 13.06 -42.18
N VAL K 48 -50.94 12.64 -43.18
CA VAL K 48 -52.36 12.93 -43.18
C VAL K 48 -53.07 12.16 -42.07
N SER K 49 -52.81 10.85 -41.96
CA SER K 49 -53.58 10.05 -41.01
C SER K 49 -52.82 8.76 -40.71
N VAL K 50 -53.24 8.10 -39.62
CA VAL K 50 -52.67 6.83 -39.20
C VAL K 50 -53.80 5.92 -38.70
N ILE K 51 -53.68 4.62 -39.00
CA ILE K 51 -54.58 3.61 -38.48
C ILE K 51 -53.75 2.46 -37.92
N GLY K 52 -54.21 1.89 -36.81
CA GLY K 52 -53.49 0.84 -36.13
C GLY K 52 -53.70 -0.52 -36.76
N GLY K 53 -53.07 -1.52 -36.15
CA GLY K 53 -53.16 -2.88 -36.67
C GLY K 53 -54.56 -3.45 -36.61
N SER K 54 -55.26 -3.24 -35.48
CA SER K 54 -56.61 -3.77 -35.30
C SER K 54 -57.67 -2.95 -36.02
N GLY K 55 -57.35 -1.74 -36.47
CA GLY K 55 -58.30 -0.89 -37.15
C GLY K 55 -59.21 -0.10 -36.24
N THR K 56 -59.11 -0.27 -34.92
CA THR K 56 -59.94 0.49 -33.99
C THR K 56 -59.34 1.84 -33.65
N SER K 57 -58.02 1.98 -33.72
CA SER K 57 -57.33 3.23 -33.40
C SER K 57 -57.02 3.98 -34.70
N THR K 58 -57.58 5.18 -34.83
CA THR K 58 -57.35 6.04 -35.98
C THR K 58 -57.09 7.45 -35.51
N GLN K 59 -56.12 8.11 -36.14
CA GLN K 59 -55.78 9.49 -35.80
C GLN K 59 -55.53 10.28 -37.08
N TYR K 60 -55.82 11.58 -37.00
CA TYR K 60 -55.68 12.49 -38.15
C TYR K 60 -55.08 13.81 -37.65
N VAL K 61 -54.53 14.57 -38.59
CA VAL K 61 -54.01 15.90 -38.29
C VAL K 61 -55.17 16.88 -38.19
N ASP K 62 -54.91 18.06 -37.63
CA ASP K 62 -55.96 19.05 -37.46
C ASP K 62 -56.45 19.59 -38.80
N SER K 63 -55.55 19.67 -39.80
CA SER K 63 -55.94 20.23 -41.09
C SER K 63 -57.01 19.38 -41.78
N VAL K 64 -57.03 18.08 -41.50
CA VAL K 64 -57.96 17.14 -42.13
C VAL K 64 -58.92 16.51 -41.14
N LYS K 65 -58.89 16.92 -39.87
CA LYS K 65 -59.78 16.33 -38.88
C LYS K 65 -61.23 16.66 -39.21
N GLY K 66 -62.09 15.63 -39.14
CA GLY K 66 -63.49 15.79 -39.43
C GLY K 66 -63.87 15.69 -40.89
N ARG K 67 -62.90 15.55 -41.78
CA ARG K 67 -63.13 15.45 -43.22
C ARG K 67 -62.57 14.18 -43.82
N PHE K 68 -61.42 13.71 -43.35
CA PHE K 68 -60.75 12.53 -43.87
C PHE K 68 -61.01 11.34 -42.95
N THR K 69 -61.33 10.19 -43.54
CA THR K 69 -61.57 8.96 -42.79
C THR K 69 -60.69 7.86 -43.35
N VAL K 70 -59.99 7.15 -42.47
CA VAL K 70 -59.07 6.09 -42.84
C VAL K 70 -59.63 4.76 -42.31
N SER K 71 -59.65 3.75 -43.18
CA SER K 71 -60.13 2.43 -42.83
C SER K 71 -59.23 1.38 -43.45
N ARG K 72 -59.32 0.16 -42.94
CA ARG K 72 -58.50 -0.95 -43.42
C ARG K 72 -59.33 -2.22 -43.46
N ASP K 73 -58.96 -3.11 -44.39
CA ASP K 73 -59.55 -4.44 -44.53
C ASP K 73 -58.42 -5.44 -44.44
N ASN K 74 -58.33 -6.12 -43.29
CA ASN K 74 -57.25 -7.08 -43.08
C ASN K 74 -57.44 -8.34 -43.93
N ALA K 75 -58.69 -8.74 -44.16
CA ALA K 75 -58.94 -9.92 -44.98
C ALA K 75 -58.43 -9.73 -46.40
N LYS K 76 -58.67 -8.55 -46.98
CA LYS K 76 -58.20 -8.22 -48.32
C LYS K 76 -56.82 -7.57 -48.33
N ASN K 77 -56.25 -7.26 -47.17
CA ASN K 77 -54.97 -6.57 -47.07
C ASN K 77 -55.02 -5.25 -47.85
N ALA K 78 -56.03 -4.44 -47.55
CA ALA K 78 -56.29 -3.20 -48.28
C ALA K 78 -56.46 -2.05 -47.29
N LEU K 79 -56.18 -0.84 -47.77
CA LEU K 79 -56.34 0.38 -46.99
C LEU K 79 -57.12 1.39 -47.83
N SER K 80 -57.96 2.18 -47.17
CA SER K 80 -58.84 3.12 -47.85
C SER K 80 -58.85 4.45 -47.13
N LEU K 81 -58.87 5.53 -47.90
CA LEU K 81 -58.96 6.89 -47.38
C LEU K 81 -60.09 7.61 -48.12
N GLN K 82 -61.14 7.96 -47.38
CA GLN K 82 -62.27 8.71 -47.92
C GLN K 82 -62.10 10.17 -47.55
N MET K 83 -62.06 11.04 -48.56
CA MET K 83 -61.90 12.47 -48.38
C MET K 83 -63.18 13.17 -48.81
N ASP K 84 -63.66 14.10 -47.99
CA ASP K 84 -64.86 14.86 -48.28
C ASP K 84 -64.58 16.34 -48.03
N SER K 85 -65.36 17.19 -48.72
CA SER K 85 -65.18 18.64 -48.64
C SER K 85 -63.74 19.03 -49.00
N LEU K 86 -63.24 18.44 -50.07
CA LEU K 86 -61.87 18.68 -50.49
C LEU K 86 -61.66 20.14 -50.87
N ARG K 87 -60.49 20.67 -50.54
CA ARG K 87 -60.13 22.06 -50.80
C ARG K 87 -58.91 22.10 -51.72
N ALA K 88 -58.57 23.31 -52.15
CA ALA K 88 -57.42 23.48 -53.04
C ALA K 88 -56.13 23.06 -52.36
N GLU K 89 -56.02 23.26 -51.04
CA GLU K 89 -54.81 22.88 -50.32
C GLU K 89 -54.61 21.37 -50.26
N ASP K 90 -55.64 20.58 -50.56
CA ASP K 90 -55.52 19.14 -50.53
C ASP K 90 -54.86 18.56 -51.78
N THR K 91 -54.64 19.37 -52.81
CA THR K 91 -54.01 18.87 -54.02
C THR K 91 -52.58 18.42 -53.75
N GLY K 92 -52.22 17.27 -54.31
CA GLY K 92 -50.86 16.77 -54.16
C GLY K 92 -50.80 15.27 -54.40
N VAL K 93 -49.67 14.71 -54.00
CA VAL K 93 -49.39 13.29 -54.16
C VAL K 93 -49.61 12.61 -52.81
N TYR K 94 -50.49 11.61 -52.78
CA TYR K 94 -50.81 10.86 -51.59
C TYR K 94 -50.11 9.51 -51.62
N TYR K 95 -49.40 9.19 -50.55
CA TYR K 95 -48.67 7.94 -50.39
C TYR K 95 -49.26 7.13 -49.23
N CYS K 96 -49.32 5.82 -49.41
CA CYS K 96 -49.64 4.88 -48.34
C CYS K 96 -48.36 4.18 -47.92
N ALA K 97 -48.09 4.16 -46.61
CA ALA K 97 -46.85 3.64 -46.08
C ALA K 97 -47.14 2.72 -44.90
N ARG K 98 -46.19 1.83 -44.62
CA ARG K 98 -46.28 0.91 -43.49
C ARG K 98 -45.39 1.41 -42.36
N GLY K 99 -45.90 1.31 -41.13
CA GLY K 99 -45.09 1.59 -39.96
C GLY K 99 -44.47 0.32 -39.43
N GLY K 100 -43.21 0.07 -39.79
CA GLY K 100 -42.55 -1.16 -39.42
C GLY K 100 -41.75 -1.01 -38.13
N GLU K 101 -41.78 -2.07 -37.32
CA GLU K 101 -41.07 -2.10 -36.06
C GLU K 101 -39.60 -2.40 -36.30
N VAL K 102 -38.72 -1.55 -35.75
CA VAL K 102 -37.28 -1.69 -35.90
C VAL K 102 -36.63 -1.58 -34.53
N ARG K 103 -35.42 -2.12 -34.43
CA ARG K 103 -34.65 -2.13 -33.19
C ARG K 103 -33.43 -1.23 -33.36
N SER K 104 -33.28 -0.26 -32.47
CA SER K 104 -32.09 0.59 -32.48
C SER K 104 -30.90 -0.17 -31.92
N ARG K 105 -29.71 0.43 -32.07
CA ARG K 105 -28.51 -0.19 -31.53
C ARG K 105 -28.54 -0.26 -30.01
N GLY K 106 -29.33 0.60 -29.36
CA GLY K 106 -29.47 0.55 -27.91
C GLY K 106 -30.45 -0.47 -27.39
N GLY K 107 -31.16 -1.16 -28.28
CA GLY K 107 -32.10 -2.19 -27.88
C GLY K 107 -33.53 -1.72 -27.68
N TRP K 108 -33.88 -0.53 -28.11
CA TRP K 108 -35.23 0.02 -27.97
C TRP K 108 -35.99 -0.14 -29.29
N LYS K 109 -37.29 -0.39 -29.18
CA LYS K 109 -38.14 -0.66 -30.33
C LYS K 109 -39.07 0.52 -30.58
N ASN K 110 -39.14 0.97 -31.83
CA ASN K 110 -40.05 2.02 -32.25
C ASN K 110 -40.52 1.68 -33.66
N ARG K 111 -41.36 2.54 -34.23
CA ARG K 111 -41.96 2.31 -35.53
C ARG K 111 -41.65 3.48 -36.46
N VAL K 112 -41.21 3.15 -37.68
CA VAL K 112 -40.87 4.15 -38.69
C VAL K 112 -41.51 3.74 -40.00
N LEU K 113 -41.62 4.72 -40.90
CA LEU K 113 -42.23 4.50 -42.21
C LEU K 113 -41.21 3.82 -43.11
N ASP K 114 -41.04 2.52 -42.89
CA ASP K 114 -40.00 1.77 -43.59
C ASP K 114 -40.28 1.67 -45.08
N SER K 115 -41.52 1.32 -45.45
CA SER K 115 -41.90 1.09 -46.83
C SER K 115 -43.01 2.05 -47.25
N TRP K 116 -42.87 2.60 -48.45
CA TRP K 116 -43.81 3.55 -49.03
C TRP K 116 -44.30 3.02 -50.38
N GLY K 117 -45.43 3.58 -50.83
CA GLY K 117 -45.94 3.31 -52.15
C GLY K 117 -45.43 4.30 -53.18
N GLN K 118 -45.81 4.06 -54.43
CA GLN K 118 -45.40 4.94 -55.52
C GLN K 118 -46.11 6.30 -55.45
N GLY K 119 -47.30 6.36 -54.85
CA GLY K 119 -48.04 7.60 -54.73
C GLY K 119 -49.10 7.74 -55.81
N VAL K 120 -50.11 8.55 -55.51
CA VAL K 120 -51.23 8.79 -56.42
C VAL K 120 -51.54 10.28 -56.41
N GLN K 121 -51.81 10.84 -57.59
CA GLN K 121 -52.02 12.28 -57.75
C GLN K 121 -53.49 12.61 -57.58
N VAL K 122 -53.77 13.63 -56.75
CA VAL K 122 -55.11 14.16 -56.57
C VAL K 122 -55.05 15.67 -56.80
N ILE K 123 -55.91 16.17 -57.69
CA ILE K 123 -55.92 17.58 -58.07
C ILE K 123 -57.29 18.14 -57.74
N VAL K 124 -57.34 19.09 -56.81
CA VAL K 124 -58.57 19.74 -56.39
C VAL K 124 -58.57 21.13 -57.04
N SER K 125 -59.18 21.24 -58.20
CA SER K 125 -59.30 22.48 -58.93
C SER K 125 -60.68 22.57 -59.54
N PRO K 126 -61.15 23.79 -59.88
CA PRO K 126 -62.50 23.88 -60.45
C PRO K 126 -62.56 23.35 -61.89
N ASP L 1 -48.79 20.63 -31.52
CA ASP L 1 -47.95 19.75 -32.37
C ASP L 1 -46.48 20.16 -32.29
N ILE L 2 -45.59 19.16 -32.29
CA ILE L 2 -44.16 19.44 -32.25
C ILE L 2 -43.73 19.99 -33.60
N GLN L 3 -43.04 21.13 -33.59
CA GLN L 3 -42.62 21.80 -34.82
C GLN L 3 -41.17 21.43 -35.13
N MET L 4 -40.93 21.09 -36.39
CA MET L 4 -39.62 20.63 -36.85
C MET L 4 -39.02 21.69 -37.76
N THR L 5 -37.77 22.06 -37.50
CA THR L 5 -37.07 23.08 -38.28
C THR L 5 -35.78 22.49 -38.85
N GLN L 6 -35.55 22.70 -40.14
CA GLN L 6 -34.38 22.21 -40.84
C GLN L 6 -33.45 23.37 -41.19
N SER L 7 -32.17 23.05 -41.37
CA SER L 7 -31.21 24.04 -41.82
C SER L 7 -30.03 23.32 -42.48
N PRO L 8 -29.49 23.82 -43.59
CA PRO L 8 -29.92 24.99 -44.39
C PRO L 8 -31.14 24.65 -45.25
N SER L 9 -31.89 25.66 -45.70
CA SER L 9 -33.05 25.38 -46.54
C SER L 9 -32.63 24.74 -47.85
N SER L 10 -31.53 25.19 -48.44
CA SER L 10 -31.00 24.61 -49.66
C SER L 10 -29.48 24.73 -49.63
N LEU L 11 -28.83 23.87 -50.42
CA LEU L 11 -27.37 23.84 -50.46
C LEU L 11 -26.93 23.24 -51.79
N SER L 12 -25.82 23.76 -52.30
CA SER L 12 -25.18 23.25 -53.51
C SER L 12 -23.80 22.71 -53.13
N ALA L 13 -23.54 21.46 -53.48
CA ALA L 13 -22.29 20.80 -53.14
C ALA L 13 -21.80 19.98 -54.34
N SER L 14 -20.49 19.81 -54.40
CA SER L 14 -19.85 19.03 -55.45
C SER L 14 -19.60 17.60 -54.95
N VAL L 15 -19.24 16.73 -55.90
CA VAL L 15 -19.01 15.33 -55.58
C VAL L 15 -17.79 15.22 -54.68
N GLY L 16 -17.91 14.40 -53.62
CA GLY L 16 -16.85 14.23 -52.66
C GLY L 16 -16.89 15.18 -51.48
N ASP L 17 -17.77 16.16 -51.49
CA ASP L 17 -17.88 17.10 -50.38
C ASP L 17 -18.61 16.47 -49.21
N ARG L 18 -18.38 17.04 -48.03
CA ARG L 18 -19.07 16.63 -46.81
C ARG L 18 -20.29 17.51 -46.60
N VAL L 19 -21.46 16.89 -46.42
CA VAL L 19 -22.72 17.60 -46.27
C VAL L 19 -23.23 17.38 -44.86
N THR L 20 -23.60 18.48 -44.20
CA THR L 20 -24.13 18.45 -42.84
C THR L 20 -25.46 19.18 -42.80
N ILE L 21 -26.50 18.52 -42.28
CA ILE L 21 -27.84 19.09 -42.18
C ILE L 21 -28.27 19.01 -40.73
N THR L 22 -28.76 20.13 -40.19
CA THR L 22 -29.19 20.22 -38.80
C THR L 22 -30.71 20.27 -38.72
N CYS L 23 -31.27 19.58 -37.72
CA CYS L 23 -32.70 19.53 -37.48
C CYS L 23 -32.96 19.81 -36.01
N GLN L 24 -33.98 20.62 -35.74
CA GLN L 24 -34.30 21.07 -34.39
C GLN L 24 -35.77 20.88 -34.09
N THR L 25 -36.05 20.57 -32.82
CA THR L 25 -37.40 20.38 -32.30
C THR L 25 -37.65 21.38 -31.19
N SER L 26 -38.91 21.79 -31.06
CA SER L 26 -39.26 22.71 -29.98
C SER L 26 -39.29 22.01 -28.62
N GLN L 27 -39.63 20.73 -28.59
CA GLN L 27 -39.71 19.95 -27.38
C GLN L 27 -38.83 18.72 -27.52
N PRO L 28 -38.33 18.17 -26.41
CA PRO L 28 -37.55 16.93 -26.51
C PRO L 28 -38.39 15.79 -27.07
N VAL L 29 -37.76 14.97 -27.91
CA VAL L 29 -38.39 13.78 -28.48
C VAL L 29 -37.51 12.57 -28.22
N ASN L 30 -36.75 12.61 -27.13
CA ASN L 30 -35.75 11.59 -26.81
C ASN L 30 -34.78 11.54 -27.98
N LEU L 31 -34.65 10.41 -28.70
CA LEU L 31 -33.84 10.33 -29.90
C LEU L 31 -34.62 9.70 -31.04
N TRP L 32 -35.95 9.86 -31.04
CA TRP L 32 -36.81 9.30 -32.08
C TRP L 32 -36.93 10.31 -33.22
N VAL L 33 -35.88 10.38 -34.03
CA VAL L 33 -35.87 11.17 -35.25
C VAL L 33 -35.35 10.30 -36.38
N ALA L 34 -35.97 10.41 -37.54
CA ALA L 34 -35.62 9.62 -38.71
C ALA L 34 -35.33 10.54 -39.89
N TRP L 35 -34.28 10.22 -40.63
CA TRP L 35 -33.88 10.96 -41.82
C TRP L 35 -34.21 10.17 -43.06
N TYR L 36 -34.97 10.80 -43.96
CA TYR L 36 -35.44 10.24 -45.22
C TYR L 36 -34.90 11.05 -46.38
N GLN L 37 -34.76 10.39 -47.54
CA GLN L 37 -34.31 11.03 -48.77
C GLN L 37 -35.38 10.84 -49.84
N GLN L 38 -35.55 11.85 -50.68
CA GLN L 38 -36.50 11.83 -51.77
C GLN L 38 -35.82 12.29 -53.05
N LYS L 39 -35.96 11.52 -54.11
CA LYS L 39 -35.52 11.85 -55.45
C LYS L 39 -36.68 12.38 -56.27
N PRO L 40 -36.43 13.15 -57.33
CA PRO L 40 -37.54 13.70 -58.12
C PRO L 40 -38.37 12.59 -58.77
N GLY L 41 -39.67 12.60 -58.48
CA GLY L 41 -40.56 11.61 -59.03
C GLY L 41 -40.55 10.28 -58.32
N LYS L 42 -40.00 10.20 -57.11
CA LYS L 42 -39.91 8.96 -56.35
C LYS L 42 -40.34 9.21 -54.91
N ALA L 43 -40.80 8.14 -54.27
CA ALA L 43 -41.26 8.24 -52.89
C ALA L 43 -40.07 8.37 -51.94
N PRO L 44 -40.29 8.84 -50.72
CA PRO L 44 -39.18 8.95 -49.77
C PRO L 44 -38.57 7.61 -49.44
N ASN L 45 -37.26 7.62 -49.20
CA ASN L 45 -36.51 6.44 -48.80
C ASN L 45 -35.84 6.70 -47.46
N LEU L 46 -36.04 5.80 -46.50
CA LEU L 46 -35.44 5.94 -45.18
C LEU L 46 -33.93 5.67 -45.25
N LEU L 47 -33.16 6.55 -44.62
CA LEU L 47 -31.73 6.31 -44.38
C LEU L 47 -31.44 6.06 -42.90
N ILE L 48 -31.94 6.92 -42.01
CA ILE L 48 -31.58 6.85 -40.59
C ILE L 48 -32.85 6.76 -39.76
N PHE L 49 -32.81 5.91 -38.72
CA PHE L 49 -33.86 5.86 -37.72
C PHE L 49 -33.19 5.81 -36.34
N GLY L 50 -33.92 6.32 -35.34
CA GLY L 50 -33.37 6.39 -34.00
C GLY L 50 -32.30 7.43 -33.80
N ALA L 51 -32.07 8.29 -34.80
CA ALA L 51 -31.14 9.42 -34.73
C ALA L 51 -29.67 8.99 -34.81
N SER L 52 -29.39 7.69 -34.78
CA SER L 52 -28.02 7.21 -34.98
C SER L 52 -27.93 5.84 -35.64
N THR L 53 -29.04 5.22 -36.01
CA THR L 53 -29.04 3.85 -36.54
C THR L 53 -29.20 3.87 -38.05
N LEU L 54 -28.34 3.14 -38.74
CA LEU L 54 -28.35 3.11 -40.20
C LEU L 54 -29.25 1.97 -40.68
N GLN L 55 -30.17 2.31 -41.59
CA GLN L 55 -31.05 1.31 -42.16
C GLN L 55 -30.26 0.30 -42.98
N SER L 56 -30.72 -0.95 -42.97
CA SER L 56 -30.03 -2.01 -43.68
C SER L 56 -30.01 -1.73 -45.18
N GLY L 57 -28.84 -1.93 -45.80
CA GLY L 57 -28.66 -1.72 -47.22
C GLY L 57 -28.18 -0.33 -47.60
N VAL L 58 -28.29 0.64 -46.70
CA VAL L 58 -27.86 2.01 -46.99
C VAL L 58 -26.34 2.04 -46.98
N PRO L 59 -25.68 2.85 -47.82
CA PRO L 59 -24.22 2.95 -47.73
C PRO L 59 -23.77 3.55 -46.40
N SER L 60 -22.57 3.16 -45.98
CA SER L 60 -22.04 3.58 -44.68
C SER L 60 -21.70 5.06 -44.62
N ARG L 61 -21.62 5.76 -45.76
CA ARG L 61 -21.26 7.17 -45.74
C ARG L 61 -22.27 8.01 -44.96
N PHE L 62 -23.55 7.61 -44.97
CA PHE L 62 -24.57 8.34 -44.24
C PHE L 62 -24.47 8.02 -42.76
N SER L 63 -24.57 9.07 -41.93
CA SER L 63 -24.53 8.89 -40.49
C SER L 63 -25.42 9.94 -39.83
N GLY L 64 -25.83 9.65 -38.60
CA GLY L 64 -26.66 10.57 -37.85
C GLY L 64 -26.24 10.60 -36.39
N SER L 65 -26.44 11.75 -35.77
CA SER L 65 -26.06 11.94 -34.37
C SER L 65 -26.88 13.08 -33.79
N GLY L 66 -26.64 13.38 -32.53
CA GLY L 66 -27.27 14.49 -31.84
C GLY L 66 -27.90 14.05 -30.53
N ALA L 67 -28.59 14.98 -29.90
CA ALA L 67 -29.23 14.75 -28.60
C ALA L 67 -30.08 15.98 -28.27
N GLY L 68 -30.79 15.91 -27.15
CA GLY L 68 -31.60 17.00 -26.68
C GLY L 68 -32.65 17.41 -27.69
N THR L 69 -32.48 18.60 -28.28
CA THR L 69 -33.37 19.12 -29.30
C THR L 69 -32.60 19.48 -30.57
N GLU L 70 -31.46 18.82 -30.81
CA GLU L 70 -30.63 19.09 -31.97
C GLU L 70 -30.09 17.79 -32.53
N PHE L 71 -30.35 17.54 -33.81
CA PHE L 71 -29.89 16.34 -34.49
C PHE L 71 -29.18 16.73 -35.78
N ILE L 72 -28.22 15.91 -36.19
CA ILE L 72 -27.34 16.20 -37.31
C ILE L 72 -27.28 14.97 -38.22
N LEU L 73 -27.44 15.20 -39.53
CA LEU L 73 -27.21 14.19 -40.55
C LEU L 73 -25.95 14.57 -41.31
N THR L 74 -25.07 13.59 -41.50
CA THR L 74 -23.77 13.80 -42.13
C THR L 74 -23.59 12.83 -43.28
N ILE L 75 -23.30 13.37 -44.47
CA ILE L 75 -22.91 12.59 -45.64
C ILE L 75 -21.43 12.89 -45.85
N SER L 76 -20.58 11.89 -45.56
CA SER L 76 -19.14 12.12 -45.57
C SER L 76 -18.62 12.25 -47.00
N ASN L 77 -19.04 11.37 -47.90
CA ASN L 77 -18.55 11.31 -49.27
C ASN L 77 -19.75 11.41 -50.21
N LEU L 78 -20.08 12.63 -50.62
CA LEU L 78 -21.22 12.85 -51.50
C LEU L 78 -20.98 12.15 -52.83
N GLN L 79 -22.01 11.48 -53.34
CA GLN L 79 -21.97 10.74 -54.58
C GLN L 79 -23.06 11.25 -55.52
N PRO L 80 -22.97 10.94 -56.83
CA PRO L 80 -23.99 11.43 -57.75
C PRO L 80 -25.40 10.97 -57.42
N GLU L 81 -25.55 9.83 -56.75
CA GLU L 81 -26.87 9.26 -56.47
C GLU L 81 -27.51 9.80 -55.19
N ASP L 82 -26.80 10.61 -54.41
CA ASP L 82 -27.31 11.09 -53.14
C ASP L 82 -28.01 12.44 -53.23
N PHE L 83 -28.01 13.08 -54.40
CA PHE L 83 -28.63 14.39 -54.52
C PHE L 83 -30.15 14.27 -54.46
N GLY L 84 -30.78 15.24 -53.81
CA GLY L 84 -32.22 15.20 -53.64
C GLY L 84 -32.64 16.00 -52.42
N THR L 85 -33.85 15.72 -51.94
CA THR L 85 -34.45 16.43 -50.82
C THR L 85 -34.40 15.54 -49.58
N TYR L 86 -33.75 16.02 -48.52
CA TYR L 86 -33.64 15.30 -47.26
C TYR L 86 -34.61 15.88 -46.24
N PHE L 87 -35.26 15.00 -45.49
CA PHE L 87 -36.24 15.39 -44.49
C PHE L 87 -35.95 14.69 -43.17
N CYS L 88 -36.23 15.40 -42.07
CA CYS L 88 -36.15 14.85 -40.72
C CYS L 88 -37.54 14.82 -40.11
N GLN L 89 -37.93 13.66 -39.60
CA GLN L 89 -39.27 13.40 -39.07
C GLN L 89 -39.16 12.90 -37.64
N GLN L 90 -40.04 13.40 -36.77
CA GLN L 90 -40.14 12.92 -35.40
C GLN L 90 -41.32 11.96 -35.29
N HIS L 91 -41.08 10.80 -34.68
CA HIS L 91 -42.08 9.75 -34.55
C HIS L 91 -42.18 9.30 -33.09
N HIS L 92 -42.14 10.26 -32.17
CA HIS L 92 -42.33 9.98 -30.75
C HIS L 92 -43.78 10.10 -30.32
N ASN L 93 -44.49 11.11 -30.83
CA ASN L 93 -45.90 11.31 -30.53
C ASN L 93 -46.62 11.78 -31.78
N PHE L 94 -47.87 11.37 -31.91
CA PHE L 94 -48.69 11.80 -33.03
C PHE L 94 -49.08 13.28 -32.84
N PRO L 95 -49.10 14.09 -33.92
CA PRO L 95 -48.73 13.80 -35.32
C PRO L 95 -47.23 13.70 -35.53
N TRP L 96 -46.80 12.94 -36.53
CA TRP L 96 -45.39 12.80 -36.87
C TRP L 96 -45.05 13.90 -37.87
N THR L 97 -44.48 14.99 -37.37
CA THR L 97 -44.23 16.17 -38.18
C THR L 97 -42.91 16.04 -38.92
N PHE L 98 -42.93 16.39 -40.21
CA PHE L 98 -41.74 16.41 -41.04
C PHE L 98 -41.10 17.80 -41.03
N GLY L 99 -39.85 17.86 -41.49
CA GLY L 99 -39.17 19.12 -41.68
C GLY L 99 -39.59 19.80 -42.97
N GLN L 100 -39.05 21.00 -43.17
CA GLN L 100 -39.33 21.76 -44.38
C GLN L 100 -38.52 21.29 -45.58
N GLY L 101 -37.55 20.40 -45.37
CA GLY L 101 -36.80 19.82 -46.47
C GLY L 101 -35.54 20.59 -46.83
N THR L 102 -34.43 19.88 -46.99
CA THR L 102 -33.16 20.46 -47.42
C THR L 102 -32.82 19.89 -48.79
N LYS L 103 -32.66 20.76 -49.78
CA LYS L 103 -32.46 20.35 -51.16
C LYS L 103 -30.96 20.43 -51.47
N VAL L 104 -30.36 19.28 -51.75
CA VAL L 104 -28.95 19.18 -52.13
C VAL L 104 -28.89 18.87 -53.61
N ASP L 105 -28.28 19.77 -54.37
CA ASP L 105 -28.19 19.69 -55.82
C ASP L 105 -26.74 19.88 -56.25
N VAL L 106 -26.48 19.58 -57.52
CA VAL L 106 -25.13 19.67 -58.07
C VAL L 106 -24.74 21.12 -58.24
N LYS L 107 -23.54 21.47 -57.81
CA LYS L 107 -23.01 22.82 -57.97
C LYS L 107 -22.54 23.04 -59.40
#